data_6K79
#
_entry.id   6K79
#
_cell.length_a   67.041
_cell.length_b   72.128
_cell.length_c   115.994
_cell.angle_alpha   103.43
_cell.angle_beta   94.96
_cell.angle_gamma   99.48
#
_symmetry.space_group_name_H-M   'P 1'
#
loop_
_entity.id
_entity.type
_entity.pdbx_description
1 polymer 'Glycerol kinase'
2 polymer 'Glycerol kinase'
3 non-polymer 'TRIETHYLENE GLYCOL'
4 non-polymer GLYCEROL
5 water water
#
loop_
_entity_poly.entity_id
_entity_poly.type
_entity_poly.pdbx_seq_one_letter_code
_entity_poly.pdbx_strand_id
1 'polypeptide(L)'
;MEKFVLSLDEGTTSARAIIFDRESNIHGIGQYEFPQHYPRPGWVEHNPEEIWDAQLRAIKDAIQSARIEPNQIAAIGVTN
QRETTLVWDKDGKPLYNAIVWQCRRTAEMVEEIKREYGTMIKEKTGLVPDAYFSASKLKWLLDNLPGLREKAEKGEVMFG
TVDTFLIYRLTGEHVTDYSNASRTMLFNIKKLDWDDELLELFDIPESVLPEVRESSEVYGYTKKELLGAEIPVSGDAGDQ
QAALFGEAAFEAGMVKATYGTGSFILVNTDEMVLYSDNLLTTIAWGLNGRVSYALEGSIFVTGAAVQWLRDGIKIIKHAS
ETEELATKLESNEGVYFVPAFVGLGAPYWDQFARGIIIGITRGTGREHLARATLEAIAYLTRDVVDEMEKLVQIKELRVD
GGATANDFLMQFQADILNRKVIRPVVKETTALGAAYLAGLAVDYWADTREIAELWKAERIFEPKMDEKTRERLYKGWKEA
VKRAMGWAKVVDSAKSN
;
B
2 'polypeptide(L)'
;MEKFVLSLDEGTTSARAIIFDRESNIHGIGQYEFPQHYPRPGWVEHNPEEIWDAQLRAIKDAIQSARIEPNQIAAIGVTN
QRETTLVWDKDGKPLYNAIVWQCRRTAEMVEEIKREYGTMIKEKTGLVPDAYFSASKLKWLLDNVPGLREKAEKGEVMFG
TVDTFLIYRLTGEHVTDYSNASRTMLFNIKKLDWDDELLELFDIPESVLPEVRESSEVYGYTKKELLGAEIPVSGDAGDQ
QAALFGQAAFEAGMVKATYGTGSFILVNTDEMVLYSDNLLTTIAWGLNGRVSYALEGSIFVTGAAVQWLRDGIKIIKHAS
ETEELATKLESNEGVYFVPAFVGLGAPYWDQFARGIIIGITRGTGREHLARATLEAIAYLTRDVVDEMEKLVQIKELRVD
GGATANDFLMQFQADILNRKVIRPVVKETTALGAAYLAGLAVDYWADTREIAELWKAERIFEPKMDEKTRERLYKGWKEA
VKRAMGWAKVVDSAKSN
;
C,D,A
#
loop_
_chem_comp.id
_chem_comp.type
_chem_comp.name
_chem_comp.formula
GOL non-polymer GLYCEROL 'C3 H8 O3'
PGE non-polymer 'TRIETHYLENE GLYCOL' 'C6 H14 O4'
#
# COMPACT_ATOMS: atom_id res chain seq x y z
N GLU A 2 -7.64 1.67 0.31
CA GLU A 2 -8.30 2.75 -0.51
C GLU A 2 -7.76 2.74 -1.95
N LYS A 3 -6.44 2.87 -2.18
CA LYS A 3 -5.87 2.81 -3.58
C LYS A 3 -4.81 1.68 -3.72
N PHE A 4 -4.71 1.13 -4.93
CA PHE A 4 -4.01 -0.08 -5.22
C PHE A 4 -3.33 -0.02 -6.58
N VAL A 5 -2.35 -0.93 -6.80
CA VAL A 5 -1.71 -1.09 -8.09
C VAL A 5 -2.17 -2.43 -8.67
N LEU A 6 -2.45 -2.40 -9.98
CA LEU A 6 -2.86 -3.59 -10.75
C LEU A 6 -1.69 -3.98 -11.64
N SER A 7 -1.27 -5.23 -11.58
CA SER A 7 -0.18 -5.73 -12.41
C SER A 7 -0.71 -6.75 -13.40
N LEU A 8 -0.32 -6.64 -14.67
CA LEU A 8 -0.60 -7.65 -15.66
C LEU A 8 0.68 -8.44 -15.96
N ASP A 9 0.68 -9.75 -15.70
CA ASP A 9 1.79 -10.64 -16.03
C ASP A 9 1.35 -11.61 -17.13
N GLU A 10 1.70 -11.27 -18.36
CA GLU A 10 1.25 -11.99 -19.52
C GLU A 10 2.30 -13.03 -19.88
N GLY A 11 2.18 -14.18 -19.25
CA GLY A 11 3.16 -15.23 -19.37
C GLY A 11 2.93 -16.07 -20.62
N THR A 12 3.82 -17.04 -20.84
CA THR A 12 3.84 -17.73 -22.14
C THR A 12 2.69 -18.74 -22.26
N THR A 13 2.18 -19.31 -21.15
CA THR A 13 1.05 -20.25 -21.20
C THR A 13 -0.17 -19.71 -20.44
N SER A 14 -0.01 -18.62 -19.68
CA SER A 14 -1.03 -18.13 -18.75
C SER A 14 -0.98 -16.60 -18.66
N ALA A 15 -2.14 -15.93 -18.57
CA ALA A 15 -2.18 -14.50 -18.26
C ALA A 15 -2.69 -14.29 -16.83
N ARG A 16 -1.97 -13.45 -16.09
CA ARG A 16 -2.28 -13.24 -14.69
C ARG A 16 -2.48 -11.73 -14.45
N ALA A 17 -3.25 -11.43 -13.40
CA ALA A 17 -3.51 -10.09 -12.97
C ALA A 17 -3.55 -10.06 -11.44
N ILE A 18 -2.92 -9.08 -10.83
CA ILE A 18 -2.89 -9.05 -9.38
C ILE A 18 -3.07 -7.61 -8.90
N ILE A 19 -3.83 -7.45 -7.82
CA ILE A 19 -3.96 -6.19 -7.16
C ILE A 19 -3.15 -6.23 -5.87
N PHE A 20 -2.28 -5.24 -5.74
CA PHE A 20 -1.35 -5.15 -4.64
C PHE A 20 -1.62 -3.86 -3.84
N ASP A 21 -1.33 -3.88 -2.54
CA ASP A 21 -1.29 -2.65 -1.80
C ASP A 21 0.16 -2.26 -1.55
N ARG A 22 0.40 -1.20 -0.77
CA ARG A 22 1.76 -0.68 -0.67
C ARG A 22 2.66 -1.61 0.18
N GLU A 23 2.09 -2.54 0.94
CA GLU A 23 2.90 -3.53 1.66
C GLU A 23 2.99 -4.86 0.88
N SER A 24 2.62 -4.85 -0.40
CA SER A 24 2.80 -5.98 -1.32
C SER A 24 1.84 -7.13 -0.96
N ASN A 25 0.79 -6.83 -0.18
CA ASN A 25 -0.31 -7.78 0.06
C ASN A 25 -1.15 -7.90 -1.22
N ILE A 26 -1.54 -9.11 -1.55
CA ILE A 26 -2.41 -9.40 -2.66
C ILE A 26 -3.87 -9.29 -2.20
N HIS A 27 -4.63 -8.43 -2.83
CA HIS A 27 -6.03 -8.20 -2.45
C HIS A 27 -6.95 -8.96 -3.40
N GLY A 28 -6.55 -9.09 -4.67
CA GLY A 28 -7.26 -9.94 -5.62
C GLY A 28 -6.30 -10.49 -6.66
N ILE A 29 -6.62 -11.64 -7.22
CA ILE A 29 -5.81 -12.20 -8.26
C ILE A 29 -6.71 -12.90 -9.28
N GLY A 30 -6.28 -12.89 -10.54
CA GLY A 30 -6.90 -13.72 -11.56
C GLY A 30 -5.87 -14.31 -12.52
N GLN A 31 -6.19 -15.45 -13.12
CA GLN A 31 -5.28 -16.19 -13.95
C GLN A 31 -6.09 -17.08 -14.90
N TYR A 32 -5.78 -16.99 -16.21
CA TYR A 32 -6.38 -17.84 -17.23
C TYR A 32 -5.32 -18.30 -18.23
N GLU A 33 -5.25 -19.61 -18.41
CA GLU A 33 -4.51 -20.28 -19.48
C GLU A 33 -5.08 -19.90 -20.85
N PHE A 34 -4.26 -19.96 -21.89
CA PHE A 34 -4.74 -19.77 -23.27
C PHE A 34 -4.04 -20.78 -24.19
N PRO A 35 -4.57 -21.02 -25.38
CA PRO A 35 -4.02 -22.15 -26.16
C PRO A 35 -2.61 -21.94 -26.70
N GLN A 36 -1.82 -22.99 -26.67
CA GLN A 36 -0.51 -23.07 -27.33
C GLN A 36 -0.66 -23.71 -28.72
N HIS A 37 -0.47 -22.95 -29.79
CA HIS A 37 -0.64 -23.47 -31.18
C HIS A 37 0.68 -23.98 -31.72
N TYR A 38 0.66 -25.23 -32.17
CA TYR A 38 1.80 -25.96 -32.70
C TYR A 38 1.48 -26.41 -34.12
N PRO A 39 1.53 -25.47 -35.09
CA PRO A 39 1.10 -25.72 -36.50
C PRO A 39 2.02 -26.67 -37.30
N ARG A 40 3.34 -26.52 -37.19
CA ARG A 40 4.29 -27.50 -37.69
C ARG A 40 5.15 -27.95 -36.50
N PRO A 41 5.96 -29.00 -36.67
CA PRO A 41 6.98 -29.37 -35.67
C PRO A 41 7.99 -28.23 -35.44
N GLY A 42 8.32 -27.98 -34.17
CA GLY A 42 9.24 -26.89 -33.75
C GLY A 42 8.62 -25.49 -33.85
N TRP A 43 7.36 -25.38 -34.21
CA TRP A 43 6.72 -24.08 -34.39
C TRP A 43 5.76 -23.84 -33.22
N VAL A 44 5.76 -22.58 -32.76
CA VAL A 44 4.97 -22.19 -31.63
C VAL A 44 4.35 -20.84 -31.93
N GLU A 45 3.04 -20.75 -31.71
CA GLU A 45 2.30 -19.57 -32.06
C GLU A 45 1.29 -19.30 -30.95
N HIS A 46 0.98 -18.01 -30.74
CA HIS A 46 -0.20 -17.64 -29.97
C HIS A 46 -1.15 -16.79 -30.81
N ASN A 47 -2.42 -16.88 -30.41
CA ASN A 47 -3.46 -16.04 -30.97
C ASN A 47 -3.64 -14.84 -30.04
N PRO A 48 -3.27 -13.64 -30.53
CA PRO A 48 -3.31 -12.47 -29.64
C PRO A 48 -4.70 -12.19 -29.06
N GLU A 49 -5.77 -12.62 -29.75
CA GLU A 49 -7.14 -12.41 -29.22
C GLU A 49 -7.39 -13.32 -28.02
N GLU A 50 -6.85 -14.55 -28.01
CA GLU A 50 -6.98 -15.39 -26.78
C GLU A 50 -6.06 -14.87 -25.65
N ILE A 51 -4.87 -14.36 -25.98
CA ILE A 51 -4.03 -13.70 -24.94
C ILE A 51 -4.87 -12.58 -24.32
N TRP A 52 -5.45 -11.76 -25.17
CA TRP A 52 -6.21 -10.59 -24.73
C TRP A 52 -7.39 -10.97 -23.84
N ASP A 53 -8.18 -11.94 -24.32
CA ASP A 53 -9.37 -12.40 -23.59
C ASP A 53 -8.94 -13.01 -22.24
N ALA A 54 -7.89 -13.81 -22.25
CA ALA A 54 -7.39 -14.38 -20.99
C ALA A 54 -6.97 -13.23 -20.04
N GLN A 55 -6.24 -12.27 -20.56
CA GLN A 55 -5.73 -11.21 -19.69
C GLN A 55 -6.87 -10.37 -19.12
N LEU A 56 -7.84 -10.05 -19.97
CA LEU A 56 -8.92 -9.14 -19.59
C LEU A 56 -9.81 -9.82 -18.55
N ARG A 57 -10.02 -11.13 -18.69
CA ARG A 57 -10.75 -11.85 -17.67
C ARG A 57 -9.95 -11.94 -16.36
N ALA A 58 -8.62 -12.06 -16.47
CA ALA A 58 -7.76 -12.08 -15.28
C ALA A 58 -7.98 -10.80 -14.49
N ILE A 59 -7.97 -9.70 -15.24
CA ILE A 59 -8.19 -8.37 -14.65
C ILE A 59 -9.52 -8.36 -13.89
N LYS A 60 -10.58 -8.84 -14.54
CA LYS A 60 -11.94 -8.76 -13.98
C LYS A 60 -12.01 -9.58 -12.69
N ASP A 61 -11.49 -10.81 -12.72
CA ASP A 61 -11.40 -11.66 -11.53
C ASP A 61 -10.64 -10.93 -10.39
N ALA A 62 -9.48 -10.32 -10.70
CA ALA A 62 -8.66 -9.68 -9.67
C ALA A 62 -9.42 -8.53 -9.03
N ILE A 63 -10.06 -7.69 -9.85
CA ILE A 63 -10.85 -6.54 -9.33
C ILE A 63 -12.03 -7.05 -8.49
N GLN A 64 -12.73 -8.05 -8.99
CA GLN A 64 -13.85 -8.66 -8.25
C GLN A 64 -13.38 -9.19 -6.89
N SER A 65 -12.28 -9.95 -6.89
CA SER A 65 -11.76 -10.59 -5.67
C SER A 65 -11.32 -9.54 -4.65
N ALA A 66 -10.80 -8.43 -5.17
CA ALA A 66 -10.26 -7.39 -4.31
C ALA A 66 -11.40 -6.56 -3.70
N ARG A 67 -12.59 -6.64 -4.32
CA ARG A 67 -13.77 -5.87 -3.91
C ARG A 67 -13.48 -4.37 -3.96
N ILE A 68 -12.81 -3.92 -5.01
CA ILE A 68 -12.53 -2.50 -5.21
C ILE A 68 -13.29 -1.98 -6.44
N GLU A 69 -13.38 -0.66 -6.55
CA GLU A 69 -13.82 -0.03 -7.78
C GLU A 69 -12.59 0.29 -8.62
N PRO A 70 -12.74 0.29 -9.94
CA PRO A 70 -11.70 0.61 -10.89
C PRO A 70 -10.99 1.95 -10.62
N ASN A 71 -11.69 2.92 -10.05
CA ASN A 71 -11.08 4.22 -9.79
C ASN A 71 -10.15 4.13 -8.56
N GLN A 72 -10.17 3.05 -7.79
CA GLN A 72 -9.17 2.88 -6.73
C GLN A 72 -7.85 2.33 -7.29
N ILE A 73 -7.76 2.07 -8.58
CA ILE A 73 -6.53 1.60 -9.13
C ILE A 73 -5.66 2.80 -9.50
N ALA A 74 -4.52 2.97 -8.79
CA ALA A 74 -3.59 4.12 -8.96
C ALA A 74 -2.78 3.98 -10.26
N ALA A 75 -2.50 2.77 -10.71
CA ALA A 75 -1.62 2.54 -11.84
C ALA A 75 -1.66 1.07 -12.28
N ILE A 76 -1.21 0.84 -13.49
CA ILE A 76 -1.10 -0.49 -14.09
C ILE A 76 0.34 -0.66 -14.59
N GLY A 77 0.94 -1.73 -14.14
CA GLY A 77 2.16 -2.22 -14.71
C GLY A 77 1.91 -3.45 -15.56
N VAL A 78 2.71 -3.56 -16.61
CA VAL A 78 2.61 -4.58 -17.61
C VAL A 78 3.96 -5.30 -17.67
N THR A 79 3.91 -6.63 -17.67
CA THR A 79 5.07 -7.47 -17.83
C THR A 79 4.65 -8.70 -18.65
N ASN A 80 5.60 -9.38 -19.23
CA ASN A 80 5.23 -10.23 -20.36
C ASN A 80 6.32 -11.24 -20.71
N GLN A 81 5.90 -12.42 -21.17
CA GLN A 81 6.81 -13.30 -21.94
C GLN A 81 7.56 -12.44 -22.96
N ARG A 82 8.86 -12.62 -23.04
CA ARG A 82 9.72 -11.79 -23.85
C ARG A 82 9.87 -12.42 -25.23
N GLU A 83 10.50 -11.66 -26.12
CA GLU A 83 10.89 -11.96 -27.51
C GLU A 83 9.67 -12.22 -28.41
N THR A 84 8.67 -12.93 -27.92
CA THR A 84 7.44 -13.23 -28.66
C THR A 84 7.00 -12.00 -29.50
N THR A 85 6.81 -12.20 -30.81
CA THR A 85 6.67 -11.11 -31.79
C THR A 85 5.27 -11.04 -32.40
N LEU A 86 4.65 -9.85 -32.32
CA LEU A 86 3.32 -9.62 -32.87
C LEU A 86 3.34 -8.51 -33.93
N VAL A 87 2.26 -8.45 -34.74
CA VAL A 87 2.02 -7.34 -35.74
C VAL A 87 0.51 -7.04 -35.78
N TRP A 88 0.11 -5.76 -35.87
CA TRP A 88 -1.33 -5.41 -35.89
C TRP A 88 -1.63 -4.15 -36.71
N ASP A 89 -2.93 -4.01 -37.04
CA ASP A 89 -3.58 -2.86 -37.72
C ASP A 89 -3.53 -1.60 -36.86
N LYS A 90 -3.78 -0.47 -37.49
CA LYS A 90 -4.06 0.78 -36.78
C LYS A 90 -5.20 0.59 -35.77
N ASP A 91 -6.07 -0.39 -36.02
CA ASP A 91 -7.21 -0.70 -35.13
C ASP A 91 -6.85 -1.72 -34.03
N GLY A 92 -5.61 -2.23 -33.97
CA GLY A 92 -5.19 -3.16 -32.90
C GLY A 92 -5.54 -4.62 -33.22
N LYS A 93 -5.78 -4.90 -34.50
CA LYS A 93 -6.24 -6.20 -34.93
C LYS A 93 -5.04 -6.94 -35.54
N PRO A 94 -4.73 -8.13 -35.03
CA PRO A 94 -3.56 -8.90 -35.44
C PRO A 94 -3.60 -9.11 -36.96
N LEU A 95 -2.46 -8.98 -37.61
CA LEU A 95 -2.31 -9.30 -39.01
C LEU A 95 -1.79 -10.73 -39.18
N TYR A 96 -1.53 -11.39 -38.05
CA TYR A 96 -1.07 -12.77 -37.98
C TYR A 96 -1.03 -13.16 -36.51
N ASN A 97 -0.97 -14.45 -36.28
CA ASN A 97 -0.69 -14.97 -34.95
C ASN A 97 0.64 -14.40 -34.41
N ALA A 98 0.77 -14.40 -33.09
CA ALA A 98 2.06 -14.16 -32.47
C ALA A 98 3.01 -15.34 -32.72
N ILE A 99 4.24 -15.03 -33.06
CA ILE A 99 5.29 -16.00 -33.11
C ILE A 99 6.02 -16.03 -31.75
N VAL A 100 5.93 -17.16 -31.07
CA VAL A 100 6.38 -17.26 -29.66
C VAL A 100 7.92 -17.38 -29.62
N TRP A 101 8.53 -16.94 -28.49
CA TRP A 101 9.99 -17.06 -28.25
C TRP A 101 10.47 -18.51 -28.34
N GLN A 102 9.62 -19.49 -28.12
CA GLN A 102 10.00 -20.91 -28.21
C GLN A 102 10.09 -21.37 -29.67
N CYS A 103 9.57 -20.61 -30.64
CA CYS A 103 9.42 -21.10 -32.05
C CYS A 103 10.76 -21.11 -32.79
N ARG A 104 11.05 -22.23 -33.46
CA ARG A 104 12.36 -22.44 -34.14
C ARG A 104 12.24 -22.21 -35.67
N ARG A 105 11.14 -21.68 -36.16
CA ARG A 105 10.96 -21.59 -37.62
C ARG A 105 12.13 -20.85 -38.27
N THR A 106 12.75 -19.91 -37.57
CA THR A 106 13.80 -19.05 -38.17
C THR A 106 15.19 -19.61 -37.88
N ALA A 107 15.28 -20.86 -37.44
CA ALA A 107 16.57 -21.42 -37.00
C ALA A 107 17.63 -21.28 -38.09
N GLU A 108 17.30 -21.64 -39.32
CA GLU A 108 18.29 -21.68 -40.41
C GLU A 108 18.53 -20.25 -40.93
N MET A 109 17.50 -19.43 -41.00
CA MET A 109 17.67 -18.02 -41.35
C MET A 109 18.77 -17.38 -40.48
N VAL A 110 18.76 -17.58 -39.16
CA VAL A 110 19.76 -16.90 -38.28
C VAL A 110 21.09 -17.67 -38.32
N GLU A 111 21.04 -18.99 -38.55
CA GLU A 111 22.25 -19.81 -38.74
C GLU A 111 23.15 -19.18 -39.81
N GLU A 112 22.56 -18.80 -40.94
CA GLU A 112 23.29 -18.29 -42.09
C GLU A 112 24.06 -17.02 -41.72
N ILE A 113 23.39 -16.07 -41.06
CA ILE A 113 23.98 -14.75 -40.81
C ILE A 113 24.94 -14.80 -39.62
N LYS A 114 25.06 -15.94 -38.95
CA LYS A 114 25.83 -16.05 -37.71
C LYS A 114 27.33 -15.92 -38.00
N ARG A 115 27.79 -16.58 -39.07
CA ARG A 115 29.21 -16.52 -39.44
C ARG A 115 29.58 -15.07 -39.78
N GLU A 116 28.74 -14.39 -40.55
CA GLU A 116 29.16 -13.08 -41.05
C GLU A 116 28.97 -12.01 -39.94
N TYR A 117 27.83 -11.99 -39.27
CA TYR A 117 27.43 -10.81 -38.47
C TYR A 117 27.31 -11.12 -36.97
N GLY A 118 27.62 -12.36 -36.57
CA GLY A 118 27.47 -12.82 -35.18
C GLY A 118 28.18 -11.94 -34.17
N THR A 119 29.45 -11.63 -34.35
CA THR A 119 30.14 -10.89 -33.28
C THR A 119 29.63 -9.44 -33.24
N MET A 120 29.30 -8.86 -34.39
CA MET A 120 28.72 -7.51 -34.44
C MET A 120 27.37 -7.53 -33.73
N ILE A 121 26.58 -8.56 -33.97
CA ILE A 121 25.30 -8.63 -33.33
C ILE A 121 25.52 -8.66 -31.81
N LYS A 122 26.51 -9.42 -31.34
CA LYS A 122 26.78 -9.64 -29.89
C LYS A 122 27.25 -8.36 -29.21
N GLU A 123 28.09 -7.58 -29.88
CA GLU A 123 28.54 -6.28 -29.36
C GLU A 123 27.36 -5.31 -29.27
N LYS A 124 26.55 -5.19 -30.30
CA LYS A 124 25.52 -4.12 -30.35
C LYS A 124 24.38 -4.42 -29.38
N THR A 125 23.99 -5.66 -29.42
CA THR A 125 22.93 -6.22 -28.67
C THR A 125 23.64 -7.05 -27.59
N GLY A 126 23.11 -7.43 -26.47
CA GLY A 126 24.08 -8.33 -25.70
C GLY A 126 23.94 -9.81 -26.06
N LEU A 127 23.44 -10.11 -27.26
CA LEU A 127 22.83 -11.40 -27.50
C LEU A 127 23.64 -12.18 -28.55
N VAL A 128 23.67 -13.50 -28.33
CA VAL A 128 24.15 -14.49 -29.30
C VAL A 128 23.05 -14.70 -30.35
N PRO A 129 23.35 -14.47 -31.63
CA PRO A 129 22.26 -14.65 -32.58
C PRO A 129 21.59 -16.01 -32.44
N ASP A 130 20.26 -16.01 -32.33
CA ASP A 130 19.48 -17.25 -32.28
C ASP A 130 18.00 -16.91 -32.51
N ALA A 131 17.25 -17.90 -32.93
CA ALA A 131 15.85 -17.76 -33.35
C ALA A 131 14.95 -17.32 -32.18
N TYR A 132 15.33 -17.65 -30.95
CA TYR A 132 14.81 -17.08 -29.68
C TYR A 132 14.29 -15.64 -29.89
N PHE A 133 15.09 -14.73 -30.44
CA PHE A 133 14.85 -13.29 -30.34
C PHE A 133 13.96 -12.77 -31.48
N SER A 134 13.56 -11.49 -31.38
CA SER A 134 12.44 -10.93 -32.19
C SER A 134 12.83 -10.68 -33.65
N ALA A 135 14.07 -10.25 -33.90
CA ALA A 135 14.45 -9.79 -35.23
C ALA A 135 14.01 -10.79 -36.32
N SER A 136 14.53 -12.01 -36.26
CA SER A 136 14.30 -13.00 -37.33
C SER A 136 12.81 -13.26 -37.48
N LYS A 137 12.11 -13.29 -36.36
CA LYS A 137 10.69 -13.52 -36.35
C LYS A 137 9.93 -12.38 -37.05
N LEU A 138 10.26 -11.13 -36.74
CA LEU A 138 9.61 -9.99 -37.41
C LEU A 138 9.89 -10.07 -38.92
N LYS A 139 11.14 -10.28 -39.27
CA LYS A 139 11.51 -10.44 -40.67
C LYS A 139 10.67 -11.57 -41.29
N TRP A 140 10.56 -12.71 -40.62
CA TRP A 140 9.80 -13.82 -41.19
C TRP A 140 8.37 -13.39 -41.50
N LEU A 141 7.76 -12.59 -40.62
CA LEU A 141 6.36 -12.21 -40.79
C LEU A 141 6.19 -11.39 -42.07
N LEU A 142 7.05 -10.39 -42.24
CA LEU A 142 6.82 -9.49 -43.36
C LEU A 142 7.50 -10.01 -44.64
N ASP A 143 8.03 -11.23 -44.64
CA ASP A 143 8.58 -11.87 -45.82
C ASP A 143 7.73 -13.07 -46.26
N ASN A 144 6.69 -13.42 -45.51
CA ASN A 144 5.92 -14.65 -45.77
C ASN A 144 4.41 -14.37 -45.64
N LEU A 145 4.06 -13.25 -45.05
CA LEU A 145 2.70 -12.92 -44.77
C LEU A 145 2.13 -12.17 -45.98
N PRO A 146 1.17 -12.75 -46.70
CA PRO A 146 0.73 -12.03 -47.91
C PRO A 146 0.31 -10.59 -47.53
N GLY A 147 0.88 -9.60 -48.21
CA GLY A 147 0.47 -8.17 -48.04
C GLY A 147 1.29 -7.40 -47.00
N LEU A 148 1.93 -8.10 -46.04
CA LEU A 148 2.44 -7.44 -44.84
C LEU A 148 3.55 -6.45 -45.19
N ARG A 149 4.48 -6.85 -46.05
CA ARG A 149 5.66 -6.00 -46.29
C ARG A 149 5.24 -4.70 -46.98
N GLU A 150 4.27 -4.78 -47.90
CA GLU A 150 3.81 -3.62 -48.65
C GLU A 150 2.93 -2.75 -47.74
N LYS A 151 2.14 -3.39 -46.86
CA LYS A 151 1.38 -2.70 -45.80
C LYS A 151 2.35 -2.00 -44.82
N ALA A 152 3.49 -2.64 -44.58
CA ALA A 152 4.54 -2.09 -43.73
C ALA A 152 5.26 -0.94 -44.46
N GLU A 153 5.46 -1.10 -45.77
CA GLU A 153 6.31 -0.20 -46.54
C GLU A 153 5.74 1.22 -46.56
N LYS A 154 4.47 1.45 -46.28
CA LYS A 154 4.18 2.78 -45.72
C LYS A 154 3.05 2.73 -44.69
N GLY A 155 3.39 2.17 -43.52
CA GLY A 155 3.00 2.73 -42.23
C GLY A 155 1.64 2.25 -41.73
N GLU A 156 1.15 1.11 -42.21
CA GLU A 156 -0.14 0.57 -41.74
C GLU A 156 0.08 -0.54 -40.70
N VAL A 157 1.35 -0.90 -40.46
CA VAL A 157 1.73 -2.03 -39.58
C VAL A 157 2.52 -1.56 -38.35
N MET A 158 2.03 -1.95 -37.17
CA MET A 158 2.76 -1.81 -35.92
C MET A 158 3.31 -3.18 -35.50
N PHE A 159 4.60 -3.22 -35.21
CA PHE A 159 5.23 -4.37 -34.54
C PHE A 159 5.24 -4.16 -33.02
N GLY A 160 5.22 -5.25 -32.26
CA GLY A 160 5.51 -5.15 -30.84
C GLY A 160 5.82 -6.50 -30.22
N THR A 161 6.50 -6.44 -29.10
CA THR A 161 6.51 -7.50 -28.11
C THR A 161 5.18 -7.46 -27.37
N VAL A 162 4.92 -8.46 -26.55
CA VAL A 162 3.60 -8.59 -25.97
C VAL A 162 3.24 -7.36 -25.10
N ASP A 163 4.19 -6.82 -24.33
CA ASP A 163 3.96 -5.53 -23.56
C ASP A 163 3.35 -4.48 -24.48
N THR A 164 3.99 -4.29 -25.62
CA THR A 164 3.67 -3.25 -26.57
C THR A 164 2.25 -3.47 -27.15
N PHE A 165 1.93 -4.74 -27.41
CA PHE A 165 0.61 -5.11 -27.91
C PHE A 165 -0.45 -4.77 -26.84
N LEU A 166 -0.25 -5.26 -25.62
CA LEU A 166 -1.11 -4.91 -24.48
C LEU A 166 -1.17 -3.40 -24.24
N ILE A 167 -0.06 -2.69 -24.34
CA ILE A 167 -0.10 -1.24 -23.98
C ILE A 167 -0.94 -0.52 -25.04
N TYR A 168 -0.69 -0.84 -26.32
CA TYR A 168 -1.47 -0.25 -27.41
C TYR A 168 -2.96 -0.50 -27.22
N ARG A 169 -3.33 -1.71 -26.87
CA ARG A 169 -4.75 -2.05 -26.75
C ARG A 169 -5.36 -1.32 -25.54
N LEU A 170 -4.56 -1.16 -24.48
CA LEU A 170 -5.06 -0.47 -23.27
C LEU A 170 -5.15 1.05 -23.47
N THR A 171 -4.24 1.67 -24.21
CA THR A 171 -4.03 3.14 -24.10
C THR A 171 -3.96 3.87 -25.43
N GLY A 172 -3.80 3.19 -26.56
CA GLY A 172 -3.67 3.90 -27.82
C GLY A 172 -2.23 4.16 -28.21
N GLU A 173 -1.28 4.02 -27.27
CA GLU A 173 0.11 4.36 -27.54
C GLU A 173 0.91 3.12 -27.96
N HIS A 174 1.97 3.38 -28.69
CA HIS A 174 2.81 2.40 -29.36
C HIS A 174 4.21 2.48 -28.76
N VAL A 175 4.43 1.82 -27.61
CA VAL A 175 5.65 1.98 -26.80
C VAL A 175 6.19 0.60 -26.41
N THR A 176 7.50 0.59 -26.12
CA THR A 176 8.18 -0.48 -25.36
C THR A 176 9.21 0.17 -24.42
N ASP A 177 9.63 -0.58 -23.40
CA ASP A 177 10.66 -0.18 -22.47
C ASP A 177 11.99 -0.78 -22.92
N TYR A 178 13.05 -0.25 -22.32
CA TYR A 178 14.40 -0.67 -22.65
C TYR A 178 14.60 -2.17 -22.49
N SER A 179 14.08 -2.78 -21.41
CA SER A 179 14.32 -4.21 -21.17
C SER A 179 13.67 -5.08 -22.25
N ASN A 180 12.41 -4.83 -22.59
CA ASN A 180 11.77 -5.60 -23.68
C ASN A 180 12.49 -5.35 -25.02
N ALA A 181 12.90 -4.11 -25.24
CA ALA A 181 13.51 -3.69 -26.49
C ALA A 181 14.80 -4.48 -26.69
N SER A 182 15.51 -4.65 -25.59
CA SER A 182 16.85 -5.22 -25.59
C SER A 182 16.79 -6.68 -26.08
N ARG A 183 15.61 -7.31 -26.00
CA ARG A 183 15.47 -8.72 -26.30
C ARG A 183 15.06 -8.90 -27.76
N THR A 184 14.90 -7.79 -28.49
CA THR A 184 14.47 -7.88 -29.89
C THR A 184 15.63 -8.25 -30.83
N MET A 185 16.87 -7.99 -30.41
CA MET A 185 18.05 -8.16 -31.24
C MET A 185 18.10 -7.13 -32.40
N LEU A 186 17.34 -6.05 -32.25
CA LEU A 186 17.33 -4.93 -33.17
C LEU A 186 17.72 -3.64 -32.43
N PHE A 187 17.99 -3.76 -31.12
CA PHE A 187 18.15 -2.62 -30.23
C PHE A 187 19.60 -2.60 -29.75
N ASN A 188 20.24 -1.46 -29.90
CA ASN A 188 21.60 -1.27 -29.50
C ASN A 188 21.59 -0.83 -28.03
N ILE A 189 22.27 -1.62 -27.20
CA ILE A 189 22.04 -1.69 -25.78
C ILE A 189 22.90 -0.62 -25.08
N LYS A 190 24.07 -0.32 -25.64
CA LYS A 190 24.95 0.70 -25.05
C LYS A 190 24.50 2.11 -25.50
N LYS A 191 24.29 2.32 -26.79
CA LYS A 191 23.45 3.45 -27.23
C LYS A 191 22.06 3.03 -26.78
N LEU A 192 21.10 3.88 -26.62
CA LEU A 192 19.87 3.24 -26.19
C LEU A 192 18.86 3.51 -27.28
N ASP A 193 19.01 2.80 -28.39
CA ASP A 193 18.27 3.13 -29.61
C ASP A 193 18.26 1.94 -30.56
N TRP A 194 17.20 1.86 -31.36
CA TRP A 194 17.16 0.93 -32.48
C TRP A 194 18.46 1.10 -33.29
N ASP A 195 19.15 0.01 -33.58
CA ASP A 195 20.39 0.03 -34.38
C ASP A 195 20.02 -0.02 -35.87
N ASP A 196 20.49 0.95 -36.63
CA ASP A 196 20.11 1.06 -38.04
C ASP A 196 20.70 -0.11 -38.84
N GLU A 197 21.94 -0.51 -38.56
CA GLU A 197 22.55 -1.65 -39.30
C GLU A 197 21.71 -2.92 -39.11
N LEU A 198 21.31 -3.21 -37.88
CA LEU A 198 20.49 -4.39 -37.59
C LEU A 198 19.16 -4.32 -38.33
N LEU A 199 18.57 -3.13 -38.43
CA LEU A 199 17.32 -2.96 -39.16
C LEU A 199 17.48 -3.36 -40.64
N GLU A 200 18.65 -3.01 -41.20
CA GLU A 200 18.92 -3.26 -42.61
C GLU A 200 19.23 -4.76 -42.80
N LEU A 201 19.95 -5.36 -41.85
CA LEU A 201 20.25 -6.81 -41.88
C LEU A 201 18.95 -7.63 -41.91
N PHE A 202 17.97 -7.25 -41.12
CA PHE A 202 16.75 -8.05 -41.06
C PHE A 202 15.66 -7.41 -41.94
N ASP A 203 16.01 -6.41 -42.76
CA ASP A 203 15.07 -5.85 -43.76
C ASP A 203 13.80 -5.37 -43.06
N ILE A 204 14.00 -4.56 -42.03
CA ILE A 204 12.91 -4.09 -41.19
C ILE A 204 12.65 -2.63 -41.54
N PRO A 205 11.40 -2.29 -41.95
CA PRO A 205 11.07 -0.87 -42.15
C PRO A 205 10.83 -0.16 -40.80
N GLU A 206 11.53 0.97 -40.61
CA GLU A 206 11.47 1.78 -39.39
C GLU A 206 10.04 1.96 -38.93
N SER A 207 9.12 2.19 -39.86
CA SER A 207 7.74 2.60 -39.55
C SER A 207 7.02 1.63 -38.60
N VAL A 208 7.43 0.36 -38.50
CA VAL A 208 6.69 -0.54 -37.61
C VAL A 208 7.18 -0.41 -36.15
N LEU A 209 8.28 0.28 -35.87
CA LEU A 209 8.95 0.20 -34.56
C LEU A 209 8.21 1.05 -33.52
N PRO A 210 8.07 0.53 -32.29
CA PRO A 210 7.51 1.36 -31.23
C PRO A 210 8.51 2.41 -30.72
N GLU A 211 8.04 3.40 -29.99
CA GLU A 211 8.95 4.30 -29.28
C GLU A 211 9.46 3.64 -28.00
N VAL A 212 10.76 3.71 -27.77
CA VAL A 212 11.38 3.09 -26.65
C VAL A 212 11.41 4.09 -25.48
N ARG A 213 10.92 3.65 -24.31
CA ARG A 213 10.73 4.47 -23.13
C ARG A 213 11.47 3.81 -21.96
N GLU A 214 11.45 4.46 -20.81
CA GLU A 214 11.95 3.85 -19.59
C GLU A 214 10.90 2.86 -19.05
N SER A 215 11.27 2.07 -18.06
CA SER A 215 10.42 0.98 -17.51
C SER A 215 9.41 1.51 -16.49
N SER A 216 9.60 2.74 -16.04
CA SER A 216 8.74 3.37 -15.01
C SER A 216 8.43 4.80 -15.46
N GLU A 217 7.23 5.00 -15.93
CA GLU A 217 6.77 6.24 -16.58
C GLU A 217 5.34 6.07 -17.09
N VAL A 218 4.52 7.09 -17.04
CA VAL A 218 3.14 7.01 -17.58
C VAL A 218 3.21 6.96 -19.11
N TYR A 219 2.81 5.86 -19.70
CA TYR A 219 2.86 5.69 -21.17
C TYR A 219 1.58 6.23 -21.81
N GLY A 220 0.50 6.21 -21.03
CA GLY A 220 -0.82 6.51 -21.49
C GLY A 220 -1.86 6.05 -20.46
N TYR A 221 -3.15 6.25 -20.77
CA TYR A 221 -4.26 5.99 -19.81
C TYR A 221 -5.25 5.00 -20.44
N THR A 222 -5.92 4.23 -19.60
CA THR A 222 -6.85 3.22 -20.15
C THR A 222 -8.18 3.89 -20.48
N LYS A 223 -8.87 3.41 -21.51
CA LYS A 223 -10.23 3.92 -21.82
C LYS A 223 -11.21 3.50 -20.72
N LYS A 224 -12.18 4.35 -20.41
CA LYS A 224 -13.16 4.06 -19.39
C LYS A 224 -13.99 2.81 -19.78
N GLU A 225 -14.18 2.57 -21.07
CA GLU A 225 -15.10 1.53 -21.53
C GLU A 225 -14.38 0.17 -21.48
N LEU A 226 -13.08 0.15 -21.19
CA LEU A 226 -12.36 -1.10 -21.04
C LEU A 226 -12.38 -1.52 -19.56
N LEU A 227 -11.94 -0.66 -18.66
CA LEU A 227 -11.78 -1.07 -17.25
C LEU A 227 -12.71 -0.29 -16.32
N GLY A 228 -13.43 0.72 -16.82
CA GLY A 228 -14.38 1.48 -15.95
C GLY A 228 -13.78 2.75 -15.37
N ALA A 229 -12.48 2.93 -15.61
CA ALA A 229 -11.80 4.14 -15.18
C ALA A 229 -10.64 4.40 -16.14
N GLU A 230 -10.12 5.63 -16.06
CA GLU A 230 -8.99 6.05 -16.85
C GLU A 230 -7.74 5.95 -15.98
N ILE A 231 -7.06 4.82 -16.11
CA ILE A 231 -5.97 4.49 -15.22
C ILE A 231 -4.66 4.70 -15.99
N PRO A 232 -3.68 5.35 -15.35
CA PRO A 232 -2.36 5.43 -16.01
C PRO A 232 -1.70 4.05 -16.15
N VAL A 233 -1.18 3.74 -17.33
CA VAL A 233 -0.36 2.56 -17.52
C VAL A 233 1.10 3.01 -17.49
N SER A 234 1.83 2.58 -16.46
CA SER A 234 3.04 3.30 -16.08
C SER A 234 4.19 2.36 -15.69
N GLY A 235 4.06 1.06 -15.92
CA GLY A 235 5.14 0.13 -15.68
C GLY A 235 5.28 -0.84 -16.83
N ASP A 236 6.51 -1.08 -17.31
CA ASP A 236 6.77 -2.02 -18.39
C ASP A 236 8.18 -2.61 -18.21
N ALA A 237 8.24 -3.93 -18.10
CA ALA A 237 9.49 -4.64 -18.27
C ALA A 237 9.22 -6.08 -18.73
N GLY A 238 10.19 -6.68 -19.42
CA GLY A 238 10.18 -8.13 -19.68
C GLY A 238 10.02 -8.91 -18.39
N ASP A 239 9.47 -10.11 -18.49
CA ASP A 239 9.06 -10.79 -17.26
C ASP A 239 10.24 -11.06 -16.32
N GLN A 240 11.35 -11.53 -16.85
CA GLN A 240 12.48 -11.97 -16.03
C GLN A 240 13.12 -10.73 -15.37
N GLN A 241 13.17 -9.64 -16.11
CA GLN A 241 13.66 -8.39 -15.56
C GLN A 241 12.69 -7.90 -14.49
N ALA A 242 11.40 -8.02 -14.77
CA ALA A 242 10.41 -7.61 -13.77
C ALA A 242 10.53 -8.46 -12.49
N ALA A 243 10.75 -9.77 -12.60
CA ALA A 243 10.94 -10.60 -11.41
C ALA A 243 12.17 -10.13 -10.61
N LEU A 244 13.25 -9.78 -11.32
CA LEU A 244 14.48 -9.27 -10.70
C LEU A 244 14.16 -7.97 -9.95
N PHE A 245 13.36 -7.09 -10.54
CA PHE A 245 12.89 -5.88 -9.81
C PHE A 245 11.99 -6.27 -8.61
N GLY A 246 11.09 -7.23 -8.82
CA GLY A 246 10.13 -7.61 -7.79
C GLY A 246 10.78 -8.27 -6.59
N GLU A 247 11.94 -8.90 -6.84
CA GLU A 247 12.75 -9.47 -5.80
C GLU A 247 13.55 -8.35 -5.07
N ALA A 248 13.42 -7.10 -5.48
CA ALA A 248 14.19 -5.97 -4.90
C ALA A 248 15.69 -6.21 -5.10
N ALA A 249 16.06 -6.84 -6.20
CA ALA A 249 17.45 -7.06 -6.49
C ALA A 249 18.01 -5.75 -7.03
N PHE A 250 18.07 -4.73 -6.17
CA PHE A 250 18.29 -3.35 -6.66
C PHE A 250 19.79 -3.03 -6.71
N GLU A 251 20.66 -3.91 -6.22
CA GLU A 251 22.12 -3.63 -6.27
C GLU A 251 22.87 -4.64 -7.12
N ALA A 252 23.97 -4.18 -7.72
CA ALA A 252 24.89 -5.00 -8.48
C ALA A 252 25.24 -6.25 -7.67
N GLY A 253 25.15 -7.40 -8.33
CA GLY A 253 25.55 -8.63 -7.66
C GLY A 253 24.38 -9.34 -7.02
N MET A 254 23.18 -8.75 -7.05
CA MET A 254 22.01 -9.47 -6.53
C MET A 254 21.42 -10.32 -7.66
N VAL A 255 21.35 -11.63 -7.39
CA VAL A 255 21.03 -12.59 -8.42
C VAL A 255 19.59 -13.04 -8.21
N LYS A 256 18.86 -13.22 -9.29
CA LYS A 256 17.60 -13.88 -9.12
C LYS A 256 17.54 -15.10 -10.04
N ALA A 257 17.21 -16.24 -9.42
CA ALA A 257 17.07 -17.48 -10.10
C ALA A 257 15.60 -17.91 -10.08
N THR A 258 15.03 -18.18 -11.26
CA THR A 258 13.63 -18.73 -11.40
C THR A 258 13.71 -20.23 -11.71
N TYR A 259 13.21 -21.08 -10.83
CA TYR A 259 13.24 -22.53 -10.96
C TYR A 259 11.94 -22.99 -11.62
N GLY A 260 12.05 -23.67 -12.75
CA GLY A 260 10.88 -24.27 -13.36
C GLY A 260 11.24 -25.57 -14.08
N THR A 261 10.58 -25.78 -15.21
CA THR A 261 10.94 -26.85 -16.15
C THR A 261 12.45 -26.74 -16.49
N GLY A 262 12.80 -25.55 -16.96
CA GLY A 262 14.13 -25.06 -17.00
C GLY A 262 14.27 -23.93 -16.00
N SER A 263 15.37 -23.17 -16.10
CA SER A 263 15.69 -22.07 -15.19
C SER A 263 16.10 -20.83 -16.00
N PHE A 264 15.73 -19.67 -15.48
CA PHE A 264 16.25 -18.38 -15.95
C PHE A 264 16.93 -17.67 -14.77
N ILE A 265 18.20 -17.30 -14.94
CA ILE A 265 18.99 -16.68 -13.87
C ILE A 265 19.51 -15.34 -14.38
N LEU A 266 19.33 -14.28 -13.59
CA LEU A 266 19.77 -12.92 -13.96
C LEU A 266 20.42 -12.24 -12.77
N VAL A 267 21.49 -11.50 -13.06
CA VAL A 267 22.18 -10.74 -12.02
C VAL A 267 22.16 -9.27 -12.43
N ASN A 268 21.90 -8.42 -11.47
CA ASN A 268 21.94 -6.97 -11.64
C ASN A 268 23.43 -6.59 -11.73
N THR A 269 23.80 -5.83 -12.74
CA THR A 269 25.17 -5.30 -12.94
C THR A 269 25.18 -3.77 -12.84
N ASP A 270 24.05 -3.18 -12.48
CA ASP A 270 23.87 -1.71 -12.32
C ASP A 270 24.26 -1.00 -13.61
N GLU A 271 25.18 -0.07 -13.58
CA GLU A 271 25.55 0.73 -14.76
C GLU A 271 26.66 0.03 -15.52
N MET A 272 27.15 -1.07 -15.04
CA MET A 272 28.21 -1.73 -15.81
C MET A 272 27.57 -2.53 -16.96
N VAL A 273 28.05 -2.33 -18.16
CA VAL A 273 27.66 -3.21 -19.26
C VAL A 273 28.77 -4.27 -19.39
N LEU A 274 28.48 -5.46 -18.88
CA LEU A 274 29.45 -6.52 -18.81
C LEU A 274 29.18 -7.55 -19.92
N TYR A 275 30.23 -8.14 -20.47
CA TYR A 275 30.11 -9.10 -21.61
C TYR A 275 30.76 -10.42 -21.18
N SER A 276 30.09 -11.55 -21.44
CA SER A 276 30.65 -12.91 -21.22
C SER A 276 30.43 -13.75 -22.49
N ASP A 277 31.35 -14.67 -22.82
CA ASP A 277 31.10 -15.65 -23.90
C ASP A 277 30.01 -16.64 -23.49
N ASN A 278 29.76 -16.80 -22.19
CA ASN A 278 28.83 -17.84 -21.68
C ASN A 278 27.49 -17.27 -21.21
N LEU A 279 27.23 -15.99 -21.37
CA LEU A 279 26.00 -15.38 -20.82
C LEU A 279 25.47 -14.33 -21.77
N LEU A 280 24.16 -14.04 -21.69
CA LEU A 280 23.59 -12.88 -22.38
C LEU A 280 23.85 -11.61 -21.56
N THR A 281 24.15 -10.51 -22.26
CA THR A 281 24.09 -9.16 -21.70
C THR A 281 22.77 -8.50 -22.12
N THR A 282 22.06 -7.93 -21.18
CA THR A 282 20.71 -7.45 -21.43
C THR A 282 20.46 -6.22 -20.54
N ILE A 283 19.32 -5.59 -20.77
CA ILE A 283 18.94 -4.44 -19.99
C ILE A 283 18.01 -4.92 -18.88
N ALA A 284 18.28 -4.49 -17.65
CA ALA A 284 17.39 -4.84 -16.56
C ALA A 284 16.14 -3.94 -16.60
N TRP A 285 16.37 -2.61 -16.59
CA TRP A 285 15.30 -1.61 -16.52
C TRP A 285 15.89 -0.21 -16.71
N GLY A 286 15.03 0.70 -17.12
CA GLY A 286 15.36 2.12 -17.09
C GLY A 286 14.45 2.78 -16.10
N LEU A 287 14.99 3.48 -15.10
CA LEU A 287 14.10 3.80 -14.03
C LEU A 287 13.91 5.32 -13.95
N ASN A 288 14.85 6.05 -13.40
CA ASN A 288 14.60 7.54 -13.26
C ASN A 288 15.70 8.24 -14.04
N GLY A 289 15.78 7.94 -15.33
CA GLY A 289 16.90 8.36 -16.13
C GLY A 289 18.11 7.45 -16.02
N ARG A 290 18.05 6.38 -15.24
CA ARG A 290 19.21 5.52 -15.05
C ARG A 290 18.93 4.11 -15.57
N VAL A 291 19.81 3.60 -16.43
CA VAL A 291 19.66 2.30 -16.97
C VAL A 291 20.51 1.31 -16.16
N SER A 292 19.85 0.28 -15.67
CA SER A 292 20.56 -0.82 -15.03
C SER A 292 20.64 -1.99 -16.02
N TYR A 293 21.79 -2.62 -16.06
CA TYR A 293 22.09 -3.71 -16.97
C TYR A 293 22.04 -5.03 -16.23
N ALA A 294 22.12 -6.12 -16.98
CA ALA A 294 22.22 -7.44 -16.31
C ALA A 294 22.99 -8.45 -17.16
N LEU A 295 23.31 -9.55 -16.54
CA LEU A 295 23.83 -10.73 -17.22
C LEU A 295 22.80 -11.85 -17.03
N GLU A 296 22.59 -12.64 -18.08
CA GLU A 296 21.50 -13.61 -18.06
C GLU A 296 22.03 -14.97 -18.54
N GLY A 297 21.69 -16.01 -17.80
CA GLY A 297 21.98 -17.39 -18.17
C GLY A 297 20.74 -18.24 -18.03
N SER A 298 20.59 -19.29 -18.83
CA SER A 298 19.40 -20.15 -18.71
C SER A 298 19.81 -21.61 -18.84
N ILE A 299 18.91 -22.48 -18.41
CA ILE A 299 19.15 -23.94 -18.37
C ILE A 299 17.87 -24.60 -18.88
N PHE A 300 18.01 -25.48 -19.86
CA PHE A 300 16.84 -26.10 -20.47
C PHE A 300 16.19 -27.06 -19.49
N VAL A 301 16.98 -27.86 -18.83
CA VAL A 301 16.48 -28.97 -17.96
C VAL A 301 16.95 -28.80 -16.51
N THR A 302 16.08 -28.47 -15.65
CA THR A 302 16.19 -28.48 -14.18
C THR A 302 15.00 -29.22 -13.56
N GLY A 303 13.87 -28.56 -13.42
CA GLY A 303 12.64 -29.20 -12.96
C GLY A 303 12.25 -30.35 -13.85
N ALA A 304 12.59 -30.34 -15.13
CA ALA A 304 12.19 -31.46 -16.01
C ALA A 304 12.85 -32.77 -15.55
N ALA A 305 14.00 -32.71 -14.88
CA ALA A 305 14.66 -33.91 -14.37
C ALA A 305 13.79 -34.54 -13.28
N VAL A 306 13.17 -33.69 -12.45
CA VAL A 306 12.22 -34.18 -11.47
C VAL A 306 10.98 -34.73 -12.20
N GLN A 307 10.48 -34.07 -13.24
CA GLN A 307 9.34 -34.66 -14.03
C GLN A 307 9.69 -36.06 -14.60
N TRP A 308 10.96 -36.27 -14.98
CA TRP A 308 11.44 -37.56 -15.48
C TRP A 308 11.45 -38.63 -14.38
N LEU A 309 11.82 -38.27 -13.16
CA LEU A 309 11.68 -39.19 -12.04
C LEU A 309 10.21 -39.62 -11.91
N ARG A 310 9.30 -38.69 -12.17
CA ARG A 310 7.88 -38.93 -11.95
C ARG A 310 7.29 -39.71 -13.15
N ASP A 311 7.62 -39.33 -14.38
CA ASP A 311 6.92 -39.80 -15.61
C ASP A 311 7.73 -40.82 -16.41
N GLY A 312 9.06 -40.82 -16.31
CA GLY A 312 9.90 -41.71 -17.08
C GLY A 312 10.19 -43.00 -16.35
N ILE A 313 10.96 -42.93 -15.27
CA ILE A 313 11.27 -44.16 -14.53
C ILE A 313 10.26 -44.39 -13.40
N LYS A 314 9.52 -43.34 -13.03
CA LYS A 314 8.36 -43.41 -12.16
C LYS A 314 8.75 -43.91 -10.78
N ILE A 315 9.74 -43.30 -10.18
CA ILE A 315 10.12 -43.66 -8.82
C ILE A 315 9.49 -42.69 -7.79
N ILE A 316 8.73 -41.68 -8.21
CA ILE A 316 7.97 -40.81 -7.28
C ILE A 316 6.57 -40.57 -7.88
N LYS A 317 5.57 -40.19 -7.10
CA LYS A 317 4.27 -39.74 -7.71
C LYS A 317 4.20 -38.21 -7.82
N HIS A 318 4.96 -37.49 -6.98
CA HIS A 318 4.87 -36.04 -6.93
C HIS A 318 6.27 -35.44 -6.76
N ALA A 319 6.48 -34.32 -7.45
CA ALA A 319 7.73 -33.63 -7.40
C ALA A 319 8.14 -33.44 -5.93
N SER A 320 7.18 -33.12 -5.07
CA SER A 320 7.46 -32.81 -3.62
C SER A 320 8.04 -34.01 -2.86
N GLU A 321 7.72 -35.24 -3.27
CA GLU A 321 8.30 -36.45 -2.61
C GLU A 321 9.82 -36.44 -2.73
N THR A 322 10.36 -35.72 -3.69
CA THR A 322 11.80 -35.68 -3.89
C THR A 322 12.51 -35.26 -2.59
N GLU A 323 11.91 -34.37 -1.83
CA GLU A 323 12.54 -33.77 -0.68
C GLU A 323 12.66 -34.79 0.46
N GLU A 324 11.58 -35.53 0.72
CA GLU A 324 11.55 -36.53 1.79
C GLU A 324 12.58 -37.63 1.48
N LEU A 325 12.65 -38.06 0.20
CA LEU A 325 13.58 -39.11 -0.22
C LEU A 325 15.04 -38.64 -0.04
N ALA A 326 15.34 -37.43 -0.49
CA ALA A 326 16.68 -36.88 -0.46
C ALA A 326 17.17 -36.64 0.97
N THR A 327 16.27 -36.30 1.90
CA THR A 327 16.68 -36.02 3.28
C THR A 327 16.84 -37.31 4.10
N LYS A 328 16.57 -38.50 3.55
CA LYS A 328 16.91 -39.74 4.27
C LYS A 328 18.42 -39.99 4.23
N LEU A 329 19.18 -39.21 3.48
CA LEU A 329 20.58 -39.40 3.29
C LEU A 329 21.34 -38.19 3.84
N GLU A 330 22.53 -38.45 4.37
CA GLU A 330 23.40 -37.42 4.91
C GLU A 330 24.29 -36.86 3.78
N SER A 331 24.47 -37.60 2.70
CA SER A 331 25.18 -37.10 1.50
C SER A 331 24.74 -37.87 0.25
N ASN A 332 25.29 -37.54 -0.92
CA ASN A 332 24.90 -38.22 -2.16
C ASN A 332 25.52 -39.63 -2.24
N GLU A 333 26.42 -39.96 -1.29
CA GLU A 333 27.13 -41.24 -1.26
C GLU A 333 27.75 -41.56 -2.62
N GLY A 334 28.25 -40.58 -3.35
CA GLY A 334 28.94 -40.79 -4.63
C GLY A 334 28.00 -40.86 -5.83
N VAL A 335 26.69 -40.70 -5.65
CA VAL A 335 25.75 -40.79 -6.77
C VAL A 335 25.40 -39.39 -7.33
N TYR A 336 25.65 -39.20 -8.62
CA TYR A 336 25.34 -37.99 -9.32
C TYR A 336 24.47 -38.29 -10.54
N PHE A 337 23.79 -37.28 -10.99
CA PHE A 337 22.95 -37.33 -12.14
C PHE A 337 23.08 -36.00 -12.89
N VAL A 338 23.58 -36.06 -14.10
CA VAL A 338 23.62 -34.94 -14.95
C VAL A 338 22.46 -35.08 -15.94
N PRO A 339 21.37 -34.29 -15.78
CA PRO A 339 20.22 -34.52 -16.60
C PRO A 339 20.34 -33.77 -17.93
N ALA A 340 21.34 -34.11 -18.71
CA ALA A 340 21.62 -33.42 -19.97
C ALA A 340 20.78 -34.00 -21.10
N PHE A 341 19.47 -33.98 -20.93
CA PHE A 341 18.56 -34.62 -21.85
C PHE A 341 18.75 -34.06 -23.26
N VAL A 342 19.03 -32.75 -23.39
CA VAL A 342 19.22 -32.13 -24.72
C VAL A 342 20.56 -31.41 -24.75
N GLY A 343 21.59 -32.01 -24.17
CA GLY A 343 22.91 -31.44 -24.20
C GLY A 343 23.25 -30.66 -22.93
N LEU A 344 24.45 -30.09 -22.96
CA LEU A 344 24.94 -29.14 -21.95
C LEU A 344 25.05 -27.73 -22.55
N GLY A 345 24.68 -26.77 -21.73
CA GLY A 345 24.90 -25.34 -22.04
C GLY A 345 26.13 -24.81 -21.32
N ALA A 346 26.13 -23.50 -21.05
CA ALA A 346 27.30 -22.83 -20.49
C ALA A 346 27.76 -23.59 -19.24
N PRO A 347 29.06 -23.84 -19.03
CA PRO A 347 30.16 -23.37 -19.88
C PRO A 347 30.69 -24.42 -20.86
N TYR A 348 30.03 -25.59 -20.94
CA TYR A 348 30.53 -26.74 -21.71
C TYR A 348 30.03 -26.68 -23.17
N TRP A 349 28.80 -26.26 -23.41
CA TRP A 349 28.29 -26.05 -24.78
C TRP A 349 28.39 -27.32 -25.63
N ASP A 350 27.82 -28.43 -25.17
CA ASP A 350 27.89 -29.71 -25.88
C ASP A 350 26.47 -30.19 -26.21
N GLN A 351 26.07 -30.02 -27.48
CA GLN A 351 24.74 -30.43 -27.98
C GLN A 351 24.57 -31.96 -27.93
N PHE A 352 25.68 -32.70 -27.92
CA PHE A 352 25.66 -34.14 -28.06
C PHE A 352 25.71 -34.82 -26.69
N ALA A 353 25.81 -34.05 -25.59
CA ALA A 353 25.81 -34.69 -24.26
C ALA A 353 24.41 -35.25 -23.96
N ARG A 354 24.40 -36.33 -23.19
CA ARG A 354 23.17 -36.97 -22.84
C ARG A 354 23.19 -37.27 -21.33
N GLY A 355 22.02 -37.56 -20.78
CA GLY A 355 21.89 -37.79 -19.36
C GLY A 355 22.72 -38.96 -18.89
N ILE A 356 23.23 -38.84 -17.68
CA ILE A 356 24.04 -39.89 -17.07
C ILE A 356 23.75 -39.95 -15.58
N ILE A 357 23.56 -41.18 -15.08
CA ILE A 357 23.58 -41.40 -13.63
C ILE A 357 24.81 -42.23 -13.34
N ILE A 358 25.62 -41.82 -12.36
CA ILE A 358 26.86 -42.48 -12.08
C ILE A 358 27.06 -42.66 -10.57
N GLY A 359 27.85 -43.68 -10.23
CA GLY A 359 28.10 -44.04 -8.84
C GLY A 359 27.13 -45.10 -8.34
N ILE A 360 26.47 -45.82 -9.25
CA ILE A 360 25.45 -46.83 -8.83
C ILE A 360 26.16 -48.05 -8.21
N THR A 361 25.65 -48.49 -7.06
CA THR A 361 26.04 -49.72 -6.43
C THR A 361 24.79 -50.48 -6.04
N ARG A 362 24.99 -51.67 -5.53
CA ARG A 362 23.86 -52.51 -5.02
C ARG A 362 22.95 -51.72 -4.06
N GLY A 363 23.50 -50.83 -3.27
CA GLY A 363 22.74 -50.12 -2.25
C GLY A 363 22.12 -48.82 -2.77
N THR A 364 22.20 -48.55 -4.06
CA THR A 364 21.64 -47.31 -4.58
C THR A 364 20.11 -47.42 -4.56
N GLY A 365 19.43 -46.47 -3.94
CA GLY A 365 17.96 -46.53 -3.86
C GLY A 365 17.29 -45.34 -4.56
N ARG A 366 15.97 -45.31 -4.46
CA ARG A 366 15.21 -44.17 -4.87
C ARG A 366 15.73 -42.89 -4.21
N GLU A 367 16.17 -42.99 -2.96
CA GLU A 367 16.68 -41.83 -2.20
C GLU A 367 17.87 -41.18 -2.92
N HIS A 368 18.78 -42.02 -3.41
CA HIS A 368 19.99 -41.54 -4.09
C HIS A 368 19.61 -40.82 -5.37
N LEU A 369 18.69 -41.41 -6.11
CA LEU A 369 18.27 -40.79 -7.38
C LEU A 369 17.56 -39.45 -7.09
N ALA A 370 16.72 -39.39 -6.08
CA ALA A 370 16.02 -38.15 -5.83
C ALA A 370 17.03 -37.09 -5.41
N ARG A 371 17.94 -37.48 -4.52
CA ARG A 371 18.92 -36.50 -4.00
C ARG A 371 19.84 -36.04 -5.13
N ALA A 372 20.28 -36.97 -5.98
CA ALA A 372 21.14 -36.61 -7.11
C ALA A 372 20.43 -35.66 -8.05
N THR A 373 19.10 -35.80 -8.17
CA THR A 373 18.35 -34.91 -9.06
C THR A 373 18.25 -33.49 -8.44
N LEU A 374 17.97 -33.39 -7.14
CA LEU A 374 17.89 -32.05 -6.50
C LEU A 374 19.28 -31.41 -6.50
N GLU A 375 20.33 -32.16 -6.12
CA GLU A 375 21.69 -31.64 -6.16
C GLU A 375 21.98 -31.09 -7.58
N ALA A 376 21.65 -31.85 -8.62
CA ALA A 376 21.92 -31.46 -10.04
C ALA A 376 21.31 -30.10 -10.36
N ILE A 377 20.09 -29.82 -9.86
CA ILE A 377 19.49 -28.51 -10.13
C ILE A 377 20.38 -27.42 -9.53
N ALA A 378 20.84 -27.62 -8.30
CA ALA A 378 21.76 -26.71 -7.59
C ALA A 378 23.13 -26.57 -8.28
N TYR A 379 23.65 -27.70 -8.77
CA TYR A 379 24.96 -27.68 -9.46
C TYR A 379 24.83 -26.90 -10.76
N LEU A 380 23.76 -27.16 -11.53
CA LEU A 380 23.54 -26.44 -12.81
C LEU A 380 23.37 -24.94 -12.57
N THR A 381 22.70 -24.60 -11.47
CA THR A 381 22.54 -23.21 -11.08
C THR A 381 23.92 -22.60 -10.79
N ARG A 382 24.72 -23.35 -10.04
CA ARG A 382 26.06 -22.87 -9.73
C ARG A 382 26.87 -22.69 -11.02
N ASP A 383 26.74 -23.63 -11.97
CA ASP A 383 27.47 -23.51 -13.22
C ASP A 383 27.26 -22.11 -13.82
N VAL A 384 26.01 -21.62 -13.82
CA VAL A 384 25.67 -20.31 -14.39
C VAL A 384 26.19 -19.18 -13.47
N VAL A 385 26.03 -19.33 -12.15
CA VAL A 385 26.34 -18.25 -11.22
C VAL A 385 27.86 -18.02 -11.16
N ASP A 386 28.65 -19.08 -11.25
CA ASP A 386 30.12 -19.00 -11.27
C ASP A 386 30.60 -18.26 -12.54
N GLU A 387 29.88 -18.36 -13.68
CA GLU A 387 30.23 -17.58 -14.89
C GLU A 387 29.95 -16.08 -14.67
N MET A 388 28.87 -15.78 -13.97
CA MET A 388 28.51 -14.43 -13.60
C MET A 388 29.55 -13.86 -12.64
N GLU A 389 30.07 -14.71 -11.77
CA GLU A 389 30.95 -14.27 -10.69
C GLU A 389 32.31 -13.83 -11.24
N LYS A 390 32.67 -14.31 -12.45
CA LYS A 390 33.93 -13.88 -13.07
C LYS A 390 33.86 -12.38 -13.41
N LEU A 391 32.65 -11.86 -13.66
CA LEU A 391 32.43 -10.50 -14.07
C LEU A 391 31.87 -9.62 -12.94
N VAL A 392 31.09 -10.16 -12.00
CA VAL A 392 30.52 -9.31 -10.95
C VAL A 392 30.45 -10.13 -9.66
N GLN A 393 30.75 -9.47 -8.57
CA GLN A 393 30.72 -10.11 -7.26
C GLN A 393 29.28 -10.54 -6.95
N ILE A 394 29.08 -11.73 -6.42
CA ILE A 394 27.75 -12.23 -6.16
C ILE A 394 27.43 -11.99 -4.69
N LYS A 395 26.36 -11.27 -4.42
CA LYS A 395 25.99 -10.95 -3.03
C LYS A 395 25.12 -12.07 -2.45
N GLU A 396 24.07 -12.45 -3.18
CA GLU A 396 23.05 -13.39 -2.70
C GLU A 396 22.10 -13.77 -3.86
N LEU A 397 21.29 -14.78 -3.58
CA LEU A 397 20.37 -15.34 -4.52
C LEU A 397 18.95 -15.17 -3.98
N ARG A 398 18.14 -14.48 -4.74
CA ARG A 398 16.70 -14.41 -4.48
C ARG A 398 15.99 -15.32 -5.48
N VAL A 399 14.99 -16.03 -5.03
CA VAL A 399 14.52 -17.17 -5.82
C VAL A 399 13.00 -17.12 -5.97
N ASP A 400 12.52 -17.61 -7.09
CA ASP A 400 11.09 -17.80 -7.31
C ASP A 400 10.86 -19.01 -8.23
N GLY A 401 9.60 -19.38 -8.39
CA GLY A 401 9.20 -20.63 -9.05
C GLY A 401 8.77 -21.67 -8.03
N GLY A 402 8.02 -22.69 -8.47
CA GLY A 402 7.36 -23.62 -7.54
C GLY A 402 8.34 -24.54 -6.82
N ALA A 403 9.42 -24.91 -7.47
CA ALA A 403 10.45 -25.71 -6.84
C ALA A 403 11.13 -24.98 -5.67
N THR A 404 10.98 -23.66 -5.50
CA THR A 404 11.61 -22.99 -4.36
C THR A 404 10.91 -23.36 -3.05
N ALA A 405 9.74 -24.02 -3.13
CA ALA A 405 9.11 -24.60 -1.94
C ALA A 405 9.86 -25.84 -1.43
N ASN A 406 10.81 -26.37 -2.21
CA ASN A 406 11.64 -27.53 -1.78
C ASN A 406 12.79 -27.06 -0.87
N ASP A 407 12.64 -27.25 0.44
CA ASP A 407 13.59 -26.76 1.45
C ASP A 407 14.95 -27.43 1.31
N PHE A 408 14.99 -28.74 1.02
CA PHE A 408 16.26 -29.40 0.77
C PHE A 408 16.98 -28.69 -0.39
N LEU A 409 16.33 -28.51 -1.53
CA LEU A 409 16.99 -27.92 -2.68
C LEU A 409 17.47 -26.50 -2.33
N MET A 410 16.67 -25.73 -1.62
CA MET A 410 17.04 -24.33 -1.35
C MET A 410 18.25 -24.33 -0.39
N GLN A 411 18.28 -25.23 0.58
CA GLN A 411 19.44 -25.26 1.54
C GLN A 411 20.72 -25.68 0.81
N PHE A 412 20.62 -26.75 0.02
CA PHE A 412 21.77 -27.26 -0.71
C PHE A 412 22.27 -26.18 -1.68
N GLN A 413 21.36 -25.40 -2.24
CA GLN A 413 21.71 -24.35 -3.20
C GLN A 413 22.55 -23.28 -2.47
N ALA A 414 22.17 -22.91 -1.27
CA ALA A 414 22.94 -21.93 -0.47
C ALA A 414 24.32 -22.49 -0.15
N ASP A 415 24.29 -23.72 0.33
CA ASP A 415 25.48 -24.43 0.75
C ASP A 415 26.52 -24.45 -0.36
N ILE A 416 26.11 -24.84 -1.57
CA ILE A 416 27.04 -25.10 -2.64
C ILE A 416 27.54 -23.80 -3.27
N LEU A 417 26.76 -22.74 -3.17
CA LEU A 417 27.19 -21.41 -3.61
C LEU A 417 27.93 -20.67 -2.49
N ASN A 418 27.83 -21.15 -1.24
CA ASN A 418 28.29 -20.34 -0.09
C ASN A 418 27.66 -18.93 -0.17
N ARG A 419 26.36 -18.85 -0.46
CA ARG A 419 25.64 -17.57 -0.53
C ARG A 419 24.25 -17.79 0.07
N LYS A 420 23.69 -16.76 0.65
CA LYS A 420 22.31 -16.80 1.14
C LYS A 420 21.34 -17.02 -0.03
N VAL A 421 20.30 -17.77 0.24
CA VAL A 421 19.20 -17.94 -0.68
C VAL A 421 17.94 -17.39 0.00
N ILE A 422 17.26 -16.48 -0.67
CA ILE A 422 16.20 -15.73 -0.05
C ILE A 422 14.91 -16.01 -0.80
N ARG A 423 13.93 -16.49 -0.06
CA ARG A 423 12.66 -16.79 -0.62
C ARG A 423 11.65 -15.73 -0.14
N PRO A 424 11.01 -15.03 -1.09
CA PRO A 424 10.03 -13.98 -0.79
C PRO A 424 8.68 -14.52 -0.29
N VAL A 425 8.03 -13.75 0.56
CA VAL A 425 6.68 -14.04 0.91
C VAL A 425 5.84 -14.01 -0.37
N VAL A 426 6.06 -13.05 -1.27
CA VAL A 426 5.17 -12.95 -2.44
C VAL A 426 5.76 -13.83 -3.54
N LYS A 427 5.02 -14.81 -4.01
CA LYS A 427 5.60 -15.81 -4.90
C LYS A 427 5.59 -15.29 -6.33
N GLU A 428 4.63 -14.41 -6.60
CA GLU A 428 4.37 -13.87 -7.90
C GLU A 428 5.29 -12.64 -8.13
N THR A 429 6.59 -12.88 -8.20
CA THR A 429 7.58 -11.81 -8.23
C THR A 429 7.57 -11.05 -9.56
N THR A 430 7.27 -11.74 -10.66
CA THR A 430 7.14 -11.11 -11.99
C THR A 430 6.10 -9.97 -11.92
N ALA A 431 4.88 -10.33 -11.49
CA ALA A 431 3.77 -9.38 -11.27
C ALA A 431 4.16 -8.26 -10.30
N LEU A 432 4.78 -8.65 -9.18
CA LEU A 432 5.12 -7.67 -8.11
C LEU A 432 6.09 -6.64 -8.66
N GLY A 433 7.05 -7.08 -9.50
CA GLY A 433 8.01 -6.16 -10.13
C GLY A 433 7.33 -5.11 -11.01
N ALA A 434 6.41 -5.54 -11.84
CA ALA A 434 5.68 -4.63 -12.71
C ALA A 434 4.82 -3.68 -11.88
N ALA A 435 4.28 -4.16 -10.76
CA ALA A 435 3.56 -3.33 -9.84
C ALA A 435 4.49 -2.25 -9.26
N TYR A 436 5.70 -2.63 -8.85
CA TYR A 436 6.66 -1.67 -8.28
C TYR A 436 7.02 -0.61 -9.35
N LEU A 437 7.27 -1.03 -10.59
CA LEU A 437 7.65 -0.07 -11.64
C LEU A 437 6.50 0.91 -11.89
N ALA A 438 5.27 0.40 -12.03
CA ALA A 438 4.08 1.25 -12.29
C ALA A 438 3.82 2.21 -11.11
N GLY A 439 3.84 1.66 -9.90
CA GLY A 439 3.60 2.43 -8.67
C GLY A 439 4.62 3.55 -8.42
N LEU A 440 5.89 3.32 -8.77
CA LEU A 440 6.92 4.33 -8.52
C LEU A 440 6.61 5.55 -9.38
N ALA A 441 6.08 5.32 -10.58
CA ALA A 441 5.89 6.39 -11.52
C ALA A 441 4.74 7.29 -11.08
N VAL A 442 3.85 6.87 -10.18
CA VAL A 442 2.75 7.77 -9.73
C VAL A 442 2.86 8.00 -8.21
N ASP A 443 4.03 7.67 -7.64
CA ASP A 443 4.38 7.98 -6.23
C ASP A 443 3.59 7.11 -5.25
N TYR A 444 3.11 5.96 -5.70
CA TYR A 444 2.48 5.03 -4.81
C TYR A 444 3.52 4.54 -3.79
N TRP A 445 4.73 4.29 -4.28
CA TRP A 445 5.88 4.13 -3.40
C TRP A 445 6.82 5.32 -3.66
N ALA A 446 7.55 5.77 -2.66
CA ALA A 446 8.31 7.02 -2.80
C ALA A 446 9.52 6.78 -3.71
N ASP A 447 10.21 5.70 -3.46
CA ASP A 447 11.38 5.37 -4.22
C ASP A 447 11.77 3.93 -3.86
N THR A 448 12.81 3.49 -4.53
CA THR A 448 13.25 2.10 -4.43
C THR A 448 13.75 1.79 -3.00
N ARG A 449 14.33 2.74 -2.30
CA ARG A 449 14.74 2.49 -0.92
C ARG A 449 13.50 2.16 -0.07
N GLU A 450 12.39 2.91 -0.22
CA GLU A 450 11.18 2.54 0.49
C GLU A 450 10.74 1.10 0.13
N ILE A 451 10.80 0.74 -1.13
CA ILE A 451 10.33 -0.62 -1.52
C ILE A 451 11.20 -1.66 -0.80
N ALA A 452 12.51 -1.41 -0.80
CA ALA A 452 13.50 -2.35 -0.26
C ALA A 452 13.31 -2.42 1.26
N GLU A 453 13.08 -1.30 1.90
CA GLU A 453 12.80 -1.34 3.36
C GLU A 453 11.52 -2.14 3.68
N LEU A 454 10.50 -2.17 2.80
CA LEU A 454 9.21 -2.84 3.13
C LEU A 454 9.26 -4.33 2.75
N TRP A 455 10.25 -4.74 1.99
CA TRP A 455 10.27 -6.05 1.30
C TRP A 455 10.43 -7.18 2.32
N LYS A 456 9.67 -8.25 2.16
CA LYS A 456 9.62 -9.28 3.22
C LYS A 456 10.05 -10.65 2.64
N ALA A 457 11.03 -11.24 3.32
CA ALA A 457 11.46 -12.62 3.10
C ALA A 457 10.57 -13.58 3.91
N GLU A 458 10.14 -14.66 3.29
CA GLU A 458 9.46 -15.76 3.95
C GLU A 458 10.52 -16.59 4.69
N ARG A 459 11.65 -16.84 4.03
CA ARG A 459 12.71 -17.63 4.62
C ARG A 459 14.04 -17.31 3.96
N ILE A 460 15.07 -17.24 4.80
CA ILE A 460 16.42 -17.07 4.40
C ILE A 460 17.18 -18.37 4.69
N PHE A 461 17.76 -18.93 3.62
CA PHE A 461 18.58 -20.15 3.70
C PHE A 461 20.03 -19.69 3.78
N GLU A 462 20.67 -19.93 4.92
CA GLU A 462 22.04 -19.49 5.10
C GLU A 462 23.01 -20.63 4.78
N PRO A 463 24.13 -20.30 4.15
CA PRO A 463 25.13 -21.30 3.76
C PRO A 463 25.76 -21.96 5.00
N LYS A 464 25.76 -23.28 5.05
CA LYS A 464 26.26 -23.95 6.24
C LYS A 464 27.31 -25.00 5.88
N MET A 465 27.87 -24.96 4.67
CA MET A 465 28.73 -26.03 4.20
C MET A 465 30.16 -25.48 4.10
N ASP A 466 31.16 -26.18 4.64
CA ASP A 466 32.52 -25.66 4.62
C ASP A 466 33.13 -25.76 3.19
N GLU A 467 34.26 -25.11 2.98
CA GLU A 467 34.89 -25.04 1.66
C GLU A 467 35.28 -26.43 1.11
N LYS A 468 35.83 -27.24 1.97
CA LYS A 468 36.33 -28.55 1.62
C LYS A 468 35.18 -29.39 1.05
N THR A 469 34.02 -29.32 1.72
CA THR A 469 32.84 -30.04 1.29
C THR A 469 32.29 -29.45 -0.02
N ARG A 470 32.10 -28.13 -0.14
CA ARG A 470 31.59 -27.54 -1.39
C ARG A 470 32.44 -28.04 -2.55
N GLU A 471 33.76 -27.92 -2.37
CA GLU A 471 34.71 -28.16 -3.48
C GLU A 471 34.75 -29.67 -3.80
N ARG A 472 34.66 -30.54 -2.81
CA ARG A 472 34.61 -31.97 -3.14
C ARG A 472 33.27 -32.29 -3.88
N LEU A 473 32.13 -31.70 -3.45
CA LEU A 473 30.87 -32.09 -4.06
C LEU A 473 30.83 -31.58 -5.49
N TYR A 474 31.25 -30.34 -5.68
CA TYR A 474 31.24 -29.70 -6.98
C TYR A 474 32.21 -30.43 -7.91
N LYS A 475 33.34 -30.92 -7.40
CA LYS A 475 34.31 -31.66 -8.19
C LYS A 475 33.65 -32.93 -8.76
N GLY A 476 32.91 -33.62 -7.90
CA GLY A 476 32.12 -34.76 -8.35
C GLY A 476 31.24 -34.38 -9.52
N TRP A 477 30.59 -33.22 -9.42
CA TRP A 477 29.64 -32.80 -10.44
C TRP A 477 30.35 -32.62 -11.78
N LYS A 478 31.46 -31.89 -11.75
CA LYS A 478 32.26 -31.61 -12.98
C LYS A 478 32.78 -32.91 -13.58
N GLU A 479 33.19 -33.86 -12.76
CA GLU A 479 33.62 -35.16 -13.28
C GLU A 479 32.47 -35.89 -13.98
N ALA A 480 31.26 -35.83 -13.42
CA ALA A 480 30.09 -36.51 -14.00
C ALA A 480 29.72 -35.82 -15.31
N VAL A 481 29.83 -34.50 -15.32
CA VAL A 481 29.50 -33.74 -16.51
C VAL A 481 30.43 -34.20 -17.66
N LYS A 482 31.72 -34.36 -17.37
CA LYS A 482 32.69 -34.80 -18.40
C LYS A 482 32.32 -36.18 -18.99
N ARG A 483 31.74 -37.05 -18.16
CA ARG A 483 31.38 -38.38 -18.62
C ARG A 483 30.09 -38.35 -19.45
N ALA A 484 29.35 -37.24 -19.43
CA ALA A 484 28.10 -37.11 -20.22
C ALA A 484 28.40 -36.61 -21.64
N MET A 485 29.57 -36.02 -21.85
CA MET A 485 29.87 -35.28 -23.07
C MET A 485 30.03 -36.22 -24.28
N GLY A 486 29.56 -35.76 -25.44
CA GLY A 486 29.77 -36.44 -26.72
C GLY A 486 28.99 -37.76 -26.87
N TRP A 487 28.01 -38.07 -26.02
CA TRP A 487 27.42 -39.40 -26.04
C TRP A 487 26.66 -39.65 -27.35
N ALA A 488 25.87 -38.67 -27.82
CA ALA A 488 25.07 -38.89 -29.05
C ALA A 488 25.96 -39.05 -30.31
N LYS A 489 27.23 -38.63 -30.31
CA LYS A 489 28.17 -39.00 -31.40
C LYS A 489 28.54 -40.50 -31.33
N VAL A 490 28.45 -41.14 -30.17
CA VAL A 490 28.87 -42.56 -29.95
C VAL A 490 27.73 -43.49 -30.35
N VAL A 491 26.58 -42.94 -30.64
CA VAL A 491 25.33 -43.66 -30.58
C VAL A 491 24.36 -42.98 -31.54
N GLU B 2 17.43 22.78 -1.08
CA GLU B 2 16.65 23.89 -1.73
C GLU B 2 16.74 23.74 -3.26
N LYS B 3 15.59 23.64 -3.92
CA LYS B 3 15.60 23.32 -5.35
C LYS B 3 14.72 24.31 -6.13
N PHE B 4 15.01 24.42 -7.42
CA PHE B 4 14.38 25.40 -8.30
C PHE B 4 14.02 24.75 -9.64
N VAL B 5 13.28 25.52 -10.44
CA VAL B 5 12.91 25.13 -11.80
C VAL B 5 13.53 26.12 -12.78
N LEU B 6 14.03 25.62 -13.90
CA LEU B 6 14.65 26.45 -14.90
C LEU B 6 13.81 26.42 -16.18
N SER B 7 13.42 27.61 -16.64
CA SER B 7 12.56 27.74 -17.79
C SER B 7 13.36 28.33 -18.95
N LEU B 8 13.27 27.73 -20.13
CA LEU B 8 13.82 28.32 -21.36
C LEU B 8 12.65 28.90 -22.16
N ASP B 9 12.69 30.20 -22.44
CA ASP B 9 11.70 30.84 -23.31
C ASP B 9 12.42 31.35 -24.57
N GLU B 10 12.29 30.59 -25.65
CA GLU B 10 13.01 30.83 -26.91
C GLU B 10 12.09 31.63 -27.84
N GLY B 11 12.14 32.94 -27.74
CA GLY B 11 11.21 33.75 -28.52
C GLY B 11 11.71 34.03 -29.94
N THR B 12 10.99 34.88 -30.65
CA THR B 12 11.29 35.18 -32.04
C THR B 12 12.60 35.93 -32.21
N THR B 13 12.92 36.85 -31.31
CA THR B 13 14.09 37.75 -31.48
C THR B 13 15.09 37.57 -30.34
N SER B 14 14.75 36.72 -29.37
CA SER B 14 15.45 36.73 -28.10
C SER B 14 15.25 35.40 -27.37
N ALA B 15 16.32 34.88 -26.77
CA ALA B 15 16.27 33.69 -25.96
C ALA B 15 16.48 34.04 -24.49
N ARG B 16 15.59 33.55 -23.63
CA ARG B 16 15.58 33.84 -22.19
C ARG B 16 15.75 32.56 -21.40
N ALA B 17 16.31 32.71 -20.20
CA ALA B 17 16.33 31.66 -19.17
C ALA B 17 15.95 32.28 -17.82
N ILE B 18 15.13 31.59 -17.05
CA ILE B 18 14.69 32.08 -15.73
C ILE B 18 14.70 30.91 -14.75
N ILE B 19 15.25 31.17 -13.56
CA ILE B 19 15.19 30.24 -12.46
C ILE B 19 14.13 30.72 -11.46
N PHE B 20 13.16 29.86 -11.21
CA PHE B 20 12.04 30.15 -10.34
C PHE B 20 12.08 29.22 -9.11
N ASP B 21 11.45 29.67 -8.03
CA ASP B 21 11.21 28.82 -6.86
C ASP B 21 9.71 28.55 -6.79
N ARG B 22 9.31 27.81 -5.75
CA ARG B 22 7.93 27.38 -5.53
C ARG B 22 6.99 28.59 -5.49
N GLU B 23 7.48 29.72 -4.98
CA GLU B 23 6.65 30.93 -4.81
C GLU B 23 6.54 31.75 -6.12
N SER B 24 7.15 31.27 -7.22
CA SER B 24 7.24 32.00 -8.49
C SER B 24 8.11 33.25 -8.35
N ASN B 25 8.97 33.30 -7.31
CA ASN B 25 10.04 34.32 -7.26
C ASN B 25 11.11 34.00 -8.31
N ILE B 26 11.61 35.03 -8.97
CA ILE B 26 12.73 34.89 -9.89
C ILE B 26 14.03 35.06 -9.11
N HIS B 27 14.87 34.02 -9.12
CA HIS B 27 16.17 34.06 -8.49
C HIS B 27 17.25 34.41 -9.52
N GLY B 28 16.99 34.17 -10.79
CA GLY B 28 18.00 34.48 -11.80
C GLY B 28 17.39 34.56 -13.19
N ILE B 29 17.92 35.45 -14.01
CA ILE B 29 17.44 35.66 -15.38
C ILE B 29 18.65 35.78 -16.31
N GLY B 30 18.42 35.42 -17.56
CA GLY B 30 19.39 35.60 -18.64
C GLY B 30 18.64 35.77 -19.93
N GLN B 31 19.24 36.52 -20.86
CA GLN B 31 18.54 36.86 -22.06
C GLN B 31 19.53 37.37 -23.11
N TYR B 32 19.42 36.86 -24.33
CA TYR B 32 20.25 37.33 -25.41
C TYR B 32 19.47 37.32 -26.71
N GLU B 33 19.51 38.45 -27.39
CA GLU B 33 18.97 38.60 -28.72
C GLU B 33 19.74 37.73 -29.72
N PHE B 34 19.17 37.49 -30.89
CA PHE B 34 19.92 36.80 -31.90
C PHE B 34 19.48 37.33 -33.28
N PRO B 35 20.38 37.21 -34.28
CA PRO B 35 20.16 37.84 -35.58
C PRO B 35 18.91 37.31 -36.31
N GLN B 36 18.17 38.25 -36.88
CA GLN B 36 17.04 37.97 -37.71
C GLN B 36 17.47 38.06 -39.18
N HIS B 37 17.36 36.96 -39.92
CA HIS B 37 17.88 36.96 -41.27
C HIS B 37 16.71 37.23 -42.21
N TYR B 38 16.86 38.21 -43.11
CA TYR B 38 15.89 38.46 -44.16
C TYR B 38 16.55 38.31 -45.55
N PRO B 39 16.65 37.09 -46.09
CA PRO B 39 17.28 36.98 -47.42
C PRO B 39 16.43 37.47 -48.62
N ARG B 40 15.17 37.82 -48.41
CA ARG B 40 14.30 38.26 -49.51
C ARG B 40 13.10 39.02 -48.93
N PRO B 41 12.44 39.83 -49.77
CA PRO B 41 11.24 40.51 -49.35
C PRO B 41 10.18 39.56 -48.77
N GLY B 42 9.94 39.66 -47.47
CA GLY B 42 8.91 38.87 -46.82
C GLY B 42 9.40 37.49 -46.42
N TRP B 43 10.71 37.24 -46.54
CA TRP B 43 11.34 36.00 -46.10
C TRP B 43 12.00 36.23 -44.73
N VAL B 44 11.86 35.25 -43.82
CA VAL B 44 12.46 35.35 -42.48
C VAL B 44 13.10 34.01 -42.07
N GLU B 45 14.37 34.07 -41.68
CA GLU B 45 15.09 32.88 -41.26
C GLU B 45 15.80 33.13 -39.93
N HIS B 46 15.96 32.05 -39.18
CA HIS B 46 16.88 32.00 -38.04
C HIS B 46 17.96 30.95 -38.32
N ASN B 47 19.16 31.25 -37.84
CA ASN B 47 20.24 30.29 -37.77
C ASN B 47 20.10 29.55 -36.44
N PRO B 48 19.79 28.25 -36.50
CA PRO B 48 19.60 27.46 -35.28
C PRO B 48 20.81 27.46 -34.35
N GLU B 49 22.02 27.62 -34.89
CA GLU B 49 23.21 27.63 -34.06
C GLU B 49 23.23 28.89 -33.19
N GLU B 50 22.78 30.01 -33.76
CA GLU B 50 22.73 31.31 -33.07
C GLU B 50 21.68 31.24 -31.95
N ILE B 51 20.52 30.65 -32.26
CA ILE B 51 19.46 30.49 -31.25
C ILE B 51 20.05 29.68 -30.10
N TRP B 52 20.81 28.65 -30.46
CA TRP B 52 21.32 27.74 -29.49
C TRP B 52 22.37 28.44 -28.63
N ASP B 53 23.25 29.20 -29.27
CA ASP B 53 24.28 29.96 -28.53
C ASP B 53 23.62 30.94 -27.55
N ALA B 54 22.60 31.64 -28.05
CA ALA B 54 21.89 32.63 -27.27
C ALA B 54 21.22 31.96 -26.06
N GLN B 55 20.56 30.85 -26.33
CA GLN B 55 19.81 30.13 -25.29
C GLN B 55 20.74 29.62 -24.19
N LEU B 56 21.82 28.96 -24.59
CA LEU B 56 22.82 28.41 -23.66
C LEU B 56 23.44 29.54 -22.83
N ARG B 57 23.79 30.63 -23.46
CA ARG B 57 24.37 31.76 -22.75
C ARG B 57 23.34 32.32 -21.76
N ALA B 58 22.06 32.38 -22.19
CA ALA B 58 20.96 32.81 -21.28
C ALA B 58 20.89 31.89 -20.05
N ILE B 59 20.94 30.57 -20.27
CA ILE B 59 20.90 29.59 -19.16
C ILE B 59 22.04 29.89 -18.19
N LYS B 60 23.24 30.08 -18.72
CA LYS B 60 24.45 30.21 -17.88
C LYS B 60 24.37 31.47 -17.02
N ASP B 61 23.89 32.55 -17.61
CA ASP B 61 23.65 33.77 -16.85
C ASP B 61 22.63 33.53 -15.73
N ALA B 62 21.58 32.78 -16.03
CA ALA B 62 20.50 32.64 -15.10
C ALA B 62 21.00 31.87 -13.89
N ILE B 63 21.80 30.83 -14.15
CA ILE B 63 22.31 30.01 -13.06
C ILE B 63 23.33 30.84 -12.25
N GLN B 64 24.24 31.55 -12.91
CA GLN B 64 25.21 32.43 -12.22
C GLN B 64 24.46 33.41 -11.31
N SER B 65 23.50 34.15 -11.82
CA SER B 65 22.92 35.22 -11.02
C SER B 65 22.02 34.61 -9.93
N ALA B 66 21.50 33.38 -10.12
CA ALA B 66 20.69 32.73 -9.10
C ALA B 66 21.56 32.26 -7.93
N ARG B 67 22.85 32.04 -8.16
CA ARG B 67 23.78 31.69 -7.08
C ARG B 67 23.67 30.20 -6.74
N ILE B 68 23.20 29.35 -7.68
CA ILE B 68 22.81 27.95 -7.33
C ILE B 68 23.78 26.95 -7.96
N GLU B 69 23.75 25.72 -7.47
CA GLU B 69 24.41 24.62 -8.19
C GLU B 69 23.44 24.04 -9.23
N PRO B 70 23.98 23.46 -10.31
CA PRO B 70 23.18 22.78 -11.32
C PRO B 70 22.28 21.66 -10.74
N ASN B 71 22.75 20.97 -9.70
CA ASN B 71 22.01 19.86 -9.14
C ASN B 71 20.83 20.40 -8.31
N GLN B 72 20.77 21.71 -8.09
CA GLN B 72 19.64 22.32 -7.41
C GLN B 72 18.47 22.60 -8.37
N ILE B 73 18.69 22.41 -9.67
CA ILE B 73 17.61 22.52 -10.67
C ILE B 73 16.83 21.19 -10.70
N ALA B 74 15.59 21.20 -10.19
CA ALA B 74 14.74 19.99 -10.16
C ALA B 74 14.20 19.66 -11.55
N ALA B 75 13.99 20.66 -12.43
CA ALA B 75 13.47 20.37 -13.77
C ALA B 75 13.69 21.56 -14.70
N ILE B 76 13.60 21.27 -16.02
CA ILE B 76 13.65 22.24 -17.10
C ILE B 76 12.35 22.23 -17.92
N GLY B 77 11.75 23.40 -18.05
CA GLY B 77 10.65 23.64 -18.98
C GLY B 77 11.13 24.37 -20.23
N VAL B 78 10.58 24.01 -21.39
CA VAL B 78 10.90 24.59 -22.69
C VAL B 78 9.63 25.20 -23.29
N THR B 79 9.72 26.43 -23.78
CA THR B 79 8.65 27.05 -24.55
C THR B 79 9.29 27.90 -25.65
N ASN B 80 8.55 28.24 -26.67
CA ASN B 80 9.19 28.62 -27.92
C ASN B 80 8.23 29.33 -28.87
N GLN B 81 8.80 30.26 -29.63
CA GLN B 81 8.14 30.75 -30.82
C GLN B 81 7.63 29.52 -31.58
N ARG B 82 6.37 29.56 -31.94
CA ARG B 82 5.69 28.44 -32.53
C ARG B 82 5.89 28.48 -34.04
N GLU B 83 5.46 27.41 -34.69
CA GLU B 83 5.32 27.29 -36.14
C GLU B 83 6.68 27.21 -36.85
N THR B 84 7.64 27.99 -36.37
CA THR B 84 9.00 28.06 -36.94
C THR B 84 9.59 26.66 -37.11
N THR B 85 10.10 26.40 -38.32
CA THR B 85 10.37 25.04 -38.77
C THR B 85 11.87 24.82 -39.01
N LEU B 86 12.37 23.72 -38.40
CA LEU B 86 13.78 23.31 -38.44
C LEU B 86 13.88 21.85 -38.95
N VAL B 87 15.05 21.54 -39.51
CA VAL B 87 15.44 20.18 -39.87
C VAL B 87 16.91 20.00 -39.46
N TRP B 88 17.25 18.84 -38.93
CA TRP B 88 18.62 18.57 -38.54
C TRP B 88 18.91 17.08 -38.73
N ASP B 89 20.20 16.75 -38.62
CA ASP B 89 20.68 15.39 -38.89
C ASP B 89 20.91 14.71 -37.53
N LYS B 90 21.32 13.45 -37.57
CA LYS B 90 21.39 12.62 -36.38
C LYS B 90 22.43 13.13 -35.38
N ASP B 91 23.30 14.07 -35.72
CA ASP B 91 24.22 14.63 -34.72
C ASP B 91 23.76 16.04 -34.30
N GLY B 92 22.52 16.41 -34.65
CA GLY B 92 21.92 17.65 -34.17
C GLY B 92 22.38 18.87 -34.96
N LYS B 93 22.93 18.64 -36.16
CA LYS B 93 23.45 19.68 -37.01
C LYS B 93 22.35 20.10 -37.98
N PRO B 94 22.09 21.42 -38.08
CA PRO B 94 21.04 21.89 -38.96
C PRO B 94 21.36 21.60 -40.43
N LEU B 95 20.34 21.18 -41.16
CA LEU B 95 20.45 20.92 -42.58
C LEU B 95 19.93 22.11 -43.38
N TYR B 96 19.58 23.20 -42.65
CA TYR B 96 19.26 24.51 -43.21
C TYR B 96 19.03 25.52 -42.09
N ASN B 97 18.77 26.75 -42.45
CA ASN B 97 18.32 27.71 -41.47
C ASN B 97 16.90 27.31 -41.01
N ALA B 98 16.44 27.87 -39.90
CA ALA B 98 15.01 27.74 -39.55
C ALA B 98 14.18 28.72 -40.39
N ILE B 99 13.02 28.27 -40.88
CA ILE B 99 12.03 29.13 -41.52
C ILE B 99 11.03 29.58 -40.44
N VAL B 100 11.07 30.87 -40.18
CA VAL B 100 10.35 31.48 -39.08
C VAL B 100 8.85 31.49 -39.43
N TRP B 101 8.04 31.49 -38.36
CA TRP B 101 6.60 31.64 -38.48
C TRP B 101 6.23 32.88 -39.30
N GLN B 102 7.03 33.94 -39.23
CA GLN B 102 6.72 35.19 -39.97
C GLN B 102 7.00 35.05 -41.48
N CYS B 103 7.70 34.02 -41.93
CA CYS B 103 8.13 33.97 -43.35
C CYS B 103 6.93 33.78 -44.27
N ARG B 104 6.99 34.45 -45.43
CA ARG B 104 5.91 34.45 -46.41
C ARG B 104 6.32 33.65 -47.68
N ARG B 105 7.49 33.09 -47.71
CA ARG B 105 7.98 32.28 -48.85
C ARG B 105 6.89 31.40 -49.46
N THR B 106 6.04 30.88 -48.62
CA THR B 106 5.12 29.78 -48.94
C THR B 106 3.70 30.25 -49.29
N ALA B 107 3.46 31.53 -49.39
CA ALA B 107 2.11 32.07 -49.57
C ALA B 107 1.46 31.49 -50.83
N GLU B 108 2.21 31.42 -51.92
CA GLU B 108 1.68 30.93 -53.19
C GLU B 108 1.29 29.46 -53.05
N MET B 109 2.17 28.60 -52.53
CA MET B 109 1.85 27.16 -52.50
C MET B 109 0.66 26.92 -51.57
N VAL B 110 0.49 27.73 -50.53
CA VAL B 110 -0.68 27.61 -49.65
C VAL B 110 -1.93 28.10 -50.40
N GLU B 111 -1.79 29.17 -51.18
CA GLU B 111 -2.90 29.78 -51.94
C GLU B 111 -3.63 28.73 -52.80
N GLU B 112 -2.87 27.93 -53.55
CA GLU B 112 -3.45 26.97 -54.51
C GLU B 112 -4.03 25.75 -53.76
N ILE B 113 -3.54 25.51 -52.54
CA ILE B 113 -4.09 24.47 -51.65
C ILE B 113 -5.45 24.91 -51.12
N LYS B 114 -5.63 26.20 -50.82
CA LYS B 114 -6.77 26.65 -49.99
C LYS B 114 -8.10 26.38 -50.69
N ARG B 115 -8.08 26.40 -52.03
CA ARG B 115 -9.28 26.13 -52.84
C ARG B 115 -9.68 24.66 -52.70
N GLU B 116 -8.75 23.75 -52.99
CA GLU B 116 -9.02 22.32 -52.95
C GLU B 116 -9.42 21.88 -51.53
N TYR B 117 -8.48 22.00 -50.57
CA TYR B 117 -8.50 21.25 -49.30
C TYR B 117 -8.66 22.15 -48.06
N GLY B 118 -8.88 23.43 -48.24
CA GLY B 118 -8.87 24.37 -47.13
C GLY B 118 -9.87 24.02 -46.05
N THR B 119 -10.95 23.36 -46.43
CA THR B 119 -12.06 23.18 -45.52
C THR B 119 -11.84 21.96 -44.64
N MET B 120 -11.18 20.92 -45.17
CA MET B 120 -10.87 19.73 -44.37
C MET B 120 -9.64 20.00 -43.47
N ILE B 121 -8.73 20.86 -43.93
CA ILE B 121 -7.59 21.26 -43.10
C ILE B 121 -8.10 21.95 -41.85
N LYS B 122 -9.11 22.80 -41.99
CA LYS B 122 -9.67 23.52 -40.84
C LYS B 122 -10.33 22.55 -39.86
N GLU B 123 -11.12 21.61 -40.34
CA GLU B 123 -11.80 20.67 -39.41
C GLU B 123 -10.75 19.77 -38.71
N LYS B 124 -9.66 19.40 -39.37
CA LYS B 124 -8.66 18.43 -38.83
C LYS B 124 -7.72 19.08 -37.79
N THR B 125 -7.39 20.30 -38.12
CA THR B 125 -6.35 21.14 -37.62
C THR B 125 -7.15 22.34 -37.14
N GLY B 126 -6.95 23.01 -36.04
CA GLY B 126 -8.02 24.08 -35.86
C GLY B 126 -7.82 25.30 -36.79
N LEU B 127 -7.13 25.14 -37.91
CA LEU B 127 -6.40 26.25 -38.54
C LEU B 127 -6.90 26.46 -39.97
N VAL B 128 -7.00 27.73 -40.36
CA VAL B 128 -7.29 28.04 -41.74
C VAL B 128 -5.93 28.11 -42.46
N PRO B 129 -5.82 27.46 -43.63
CA PRO B 129 -4.51 27.32 -44.27
C PRO B 129 -3.77 28.66 -44.41
N ASP B 130 -2.45 28.63 -44.33
CA ASP B 130 -1.67 29.86 -44.29
C ASP B 130 -0.19 29.51 -44.15
N ALA B 131 0.65 30.36 -44.76
CA ALA B 131 2.11 30.22 -44.73
C ALA B 131 2.67 30.34 -43.30
N TYR B 132 1.86 30.90 -42.40
CA TYR B 132 2.11 30.98 -40.95
C TYR B 132 2.65 29.64 -40.43
N PHE B 133 2.04 28.53 -40.84
CA PHE B 133 2.20 27.24 -40.15
C PHE B 133 3.33 26.41 -40.76
N SER B 134 3.77 25.40 -39.99
CA SER B 134 4.95 24.58 -40.30
C SER B 134 4.79 23.83 -41.62
N ALA B 135 3.61 23.29 -41.92
CA ALA B 135 3.44 22.28 -42.96
C ALA B 135 4.09 22.70 -44.28
N SER B 136 3.74 23.89 -44.78
CA SER B 136 4.20 24.33 -46.09
C SER B 136 5.70 24.64 -46.04
N LYS B 137 6.19 25.04 -44.86
CA LYS B 137 7.59 25.37 -44.69
C LYS B 137 8.43 24.10 -44.72
N LEU B 138 7.93 23.02 -44.13
CA LEU B 138 8.62 21.74 -44.17
C LEU B 138 8.59 21.20 -45.61
N LYS B 139 7.46 21.36 -46.28
CA LYS B 139 7.37 21.03 -47.71
C LYS B 139 8.41 21.85 -48.49
N TRP B 140 8.42 23.16 -48.28
CA TRP B 140 9.39 24.02 -48.98
C TRP B 140 10.80 23.43 -48.82
N LEU B 141 11.17 23.02 -47.62
CA LEU B 141 12.55 22.59 -47.38
C LEU B 141 12.82 21.24 -48.05
N LEU B 142 11.82 20.35 -48.09
CA LEU B 142 11.98 19.03 -48.73
C LEU B 142 12.22 19.19 -50.23
N ASP B 143 11.49 20.13 -50.83
CA ASP B 143 11.40 20.27 -52.26
C ASP B 143 12.53 21.17 -52.77
N ASN B 144 13.23 21.91 -51.91
CA ASN B 144 14.14 22.97 -52.37
C ASN B 144 15.54 22.84 -51.76
N VAL B 145 15.73 22.20 -50.62
CA VAL B 145 17.07 22.08 -50.12
C VAL B 145 17.73 20.90 -50.86
N PRO B 146 18.93 21.13 -51.46
CA PRO B 146 19.61 20.10 -52.24
C PRO B 146 19.80 18.83 -51.38
N GLY B 147 19.21 17.72 -51.82
CA GLY B 147 19.49 16.42 -51.22
C GLY B 147 18.54 16.04 -50.09
N LEU B 148 17.72 16.98 -49.59
CA LEU B 148 17.12 16.83 -48.25
C LEU B 148 16.06 15.72 -48.29
N ARG B 149 15.23 15.71 -49.33
CA ARG B 149 14.10 14.78 -49.40
C ARG B 149 14.61 13.34 -49.50
N GLU B 150 15.66 13.09 -50.27
CA GLU B 150 16.17 11.73 -50.40
C GLU B 150 16.80 11.30 -49.07
N LYS B 151 17.50 12.21 -48.37
CA LYS B 151 17.98 11.96 -46.99
C LYS B 151 16.81 11.68 -46.02
N ALA B 152 15.62 12.23 -46.25
CA ALA B 152 14.45 11.99 -45.37
C ALA B 152 13.78 10.65 -45.73
N GLU B 153 13.73 10.34 -47.02
CA GLU B 153 13.07 9.12 -47.47
C GLU B 153 13.88 7.91 -46.96
N LYS B 154 15.17 8.08 -46.68
CA LYS B 154 15.83 7.25 -45.70
C LYS B 154 15.98 8.10 -44.44
N GLY B 155 15.85 7.50 -43.26
CA GLY B 155 15.53 8.31 -42.08
C GLY B 155 16.74 9.04 -41.53
N GLU B 156 17.32 9.95 -42.30
CA GLU B 156 18.48 10.67 -41.79
C GLU B 156 18.05 12.05 -41.28
N VAL B 157 16.76 12.38 -41.39
CA VAL B 157 16.31 13.76 -41.16
C VAL B 157 15.31 13.81 -40.00
N MET B 158 15.58 14.72 -39.07
CA MET B 158 14.62 15.07 -38.04
C MET B 158 14.09 16.48 -38.28
N PHE B 159 12.78 16.61 -38.21
CA PHE B 159 12.13 17.90 -38.24
C PHE B 159 11.68 18.21 -36.83
N GLY B 160 11.62 19.50 -36.49
CA GLY B 160 10.88 19.91 -35.33
C GLY B 160 10.62 21.40 -35.32
N THR B 161 9.63 21.78 -34.51
CA THR B 161 9.48 23.16 -34.07
C THR B 161 10.64 23.44 -33.11
N VAL B 162 10.79 24.69 -32.68
CA VAL B 162 11.98 25.07 -31.89
C VAL B 162 12.03 24.24 -30.59
N ASP B 163 10.91 23.90 -29.96
CA ASP B 163 10.93 23.08 -28.76
C ASP B 163 11.63 21.76 -29.06
N THR B 164 11.19 21.13 -30.14
CA THR B 164 11.72 19.85 -30.54
C THR B 164 13.24 19.99 -30.75
N PHE B 165 13.68 21.10 -31.33
CA PHE B 165 15.12 21.31 -31.56
C PHE B 165 15.84 21.43 -30.21
N LEU B 166 15.30 22.22 -29.29
CA LEU B 166 15.97 22.44 -28.02
C LEU B 166 16.04 21.13 -27.21
N ILE B 167 14.98 20.37 -27.23
CA ILE B 167 14.87 19.20 -26.37
C ILE B 167 15.79 18.11 -26.94
N TYR B 168 15.91 18.05 -28.26
CA TYR B 168 16.87 17.11 -28.87
C TYR B 168 18.31 17.45 -28.45
N ARG B 169 18.74 18.69 -28.60
CA ARG B 169 20.10 19.10 -28.19
C ARG B 169 20.31 18.96 -26.67
N LEU B 170 19.26 19.08 -25.87
CA LEU B 170 19.38 18.90 -24.41
C LEU B 170 19.39 17.41 -24.03
N THR B 171 18.64 16.56 -24.73
CA THR B 171 18.36 15.19 -24.19
C THR B 171 18.67 14.05 -25.17
N GLY B 172 18.87 14.34 -26.44
CA GLY B 172 18.96 13.26 -27.45
C GLY B 172 17.60 12.72 -27.88
N GLU B 173 16.51 13.20 -27.25
CA GLU B 173 15.17 12.66 -27.55
C GLU B 173 14.51 13.54 -28.63
N HIS B 174 13.61 12.95 -29.38
CA HIS B 174 12.95 13.62 -30.52
C HIS B 174 11.44 13.74 -30.27
N VAL B 175 11.01 14.85 -29.68
CA VAL B 175 9.67 14.96 -29.14
C VAL B 175 9.11 16.37 -29.35
N THR B 176 7.80 16.44 -29.24
CA THR B 176 7.06 17.68 -29.14
C THR B 176 5.80 17.41 -28.29
N ASP B 177 5.11 18.45 -27.88
CA ASP B 177 3.90 18.32 -27.10
C ASP B 177 2.70 18.59 -28.01
N TYR B 178 1.52 18.43 -27.45
CA TYR B 178 0.32 18.61 -28.22
C TYR B 178 0.19 20.06 -28.68
N SER B 179 0.47 21.02 -27.79
CA SER B 179 0.28 22.42 -28.21
C SER B 179 1.17 22.76 -29.42
N ASN B 180 2.47 22.47 -29.34
CA ASN B 180 3.36 22.80 -30.44
C ASN B 180 2.95 22.05 -31.71
N ALA B 181 2.56 20.78 -31.57
CA ALA B 181 2.22 19.92 -32.73
C ALA B 181 0.98 20.49 -33.43
N SER B 182 0.06 21.03 -32.64
CA SER B 182 -1.19 21.56 -33.17
C SER B 182 -0.96 22.73 -34.14
N ARG B 183 0.19 23.41 -34.04
CA ARG B 183 0.52 24.58 -34.86
C ARG B 183 1.24 24.15 -36.16
N THR B 184 1.49 22.87 -36.35
CA THR B 184 2.17 22.42 -37.55
C THR B 184 1.24 22.37 -38.77
N MET B 185 -0.06 22.27 -38.58
CA MET B 185 -1.02 22.03 -39.69
C MET B 185 -0.83 20.63 -40.30
N LEU B 186 -0.19 19.72 -39.57
CA LEU B 186 -0.05 18.31 -39.94
C LEU B 186 -0.71 17.43 -38.86
N PHE B 187 -1.16 18.06 -37.78
CA PHE B 187 -1.57 17.32 -36.62
C PHE B 187 -3.08 17.40 -36.49
N ASN B 188 -3.71 16.23 -36.35
CA ASN B 188 -5.14 16.13 -36.17
C ASN B 188 -5.47 16.37 -34.69
N ILE B 189 -6.20 17.45 -34.46
CA ILE B 189 -6.42 18.04 -33.15
C ILE B 189 -7.40 17.19 -32.32
N LYS B 190 -8.37 16.56 -32.94
CA LYS B 190 -9.35 15.76 -32.16
C LYS B 190 -8.79 14.35 -31.94
N LYS B 191 -8.24 13.73 -32.98
CA LYS B 191 -7.66 12.37 -32.86
C LYS B 191 -6.35 12.37 -32.06
N LEU B 192 -5.68 13.52 -31.95
CA LEU B 192 -4.42 13.62 -31.16
C LEU B 192 -3.32 12.80 -31.82
N ASP B 193 -3.19 12.90 -33.15
CA ASP B 193 -2.15 12.18 -33.87
C ASP B 193 -1.88 12.90 -35.18
N TRP B 194 -0.69 12.69 -35.72
CA TRP B 194 -0.41 13.15 -37.07
C TRP B 194 -1.51 12.62 -38.00
N ASP B 195 -1.90 13.44 -38.94
CA ASP B 195 -2.97 13.10 -39.84
C ASP B 195 -2.38 12.63 -41.17
N ASP B 196 -2.76 11.43 -41.59
CA ASP B 196 -2.20 10.79 -42.79
C ASP B 196 -2.54 11.63 -44.03
N GLU B 197 -3.79 12.07 -44.16
CA GLU B 197 -4.22 12.89 -45.30
C GLU B 197 -3.27 14.08 -45.44
N LEU B 198 -3.13 14.88 -44.37
CA LEU B 198 -2.31 16.08 -44.42
C LEU B 198 -0.86 15.73 -44.77
N LEU B 199 -0.35 14.60 -44.26
CA LEU B 199 1.06 14.27 -44.53
C LEU B 199 1.21 13.94 -46.01
N GLU B 200 0.22 13.27 -46.61
CA GLU B 200 0.22 12.96 -48.05
C GLU B 200 0.10 14.27 -48.85
N LEU B 201 -0.87 15.09 -48.47
CA LEU B 201 -1.14 16.38 -49.11
C LEU B 201 0.14 17.22 -49.21
N PHE B 202 0.88 17.40 -48.11
CA PHE B 202 2.09 18.26 -48.13
C PHE B 202 3.35 17.45 -48.43
N ASP B 203 3.17 16.16 -48.71
CA ASP B 203 4.22 15.24 -49.15
C ASP B 203 5.34 15.11 -48.11
N ILE B 204 4.97 14.75 -46.88
CA ILE B 204 5.92 14.66 -45.75
C ILE B 204 6.20 13.17 -45.42
N PRO B 205 7.45 12.72 -45.53
CA PRO B 205 7.75 11.36 -45.03
C PRO B 205 7.67 11.23 -43.50
N GLU B 206 6.88 10.27 -43.03
CA GLU B 206 6.63 9.93 -41.64
C GLU B 206 7.90 9.97 -40.80
N SER B 207 9.04 9.54 -41.34
CA SER B 207 10.28 9.35 -40.55
C SER B 207 10.82 10.68 -40.02
N VAL B 208 10.33 11.78 -40.55
CA VAL B 208 10.84 13.08 -40.16
C VAL B 208 10.20 13.56 -38.84
N LEU B 209 9.09 12.95 -38.40
CA LEU B 209 8.17 13.50 -37.37
C LEU B 209 8.55 13.01 -35.97
N PRO B 210 8.53 13.90 -34.98
CA PRO B 210 8.83 13.53 -33.62
C PRO B 210 7.68 12.78 -32.96
N GLU B 211 7.99 12.07 -31.87
CA GLU B 211 6.99 11.52 -30.95
C GLU B 211 6.25 12.71 -30.33
N VAL B 212 4.92 12.67 -30.43
CA VAL B 212 4.03 13.65 -29.83
C VAL B 212 3.68 13.19 -28.41
N ARG B 213 3.87 14.10 -27.45
CA ARG B 213 3.76 13.84 -26.05
C ARG B 213 2.85 14.88 -25.37
N GLU B 214 2.54 14.65 -24.10
CA GLU B 214 1.90 15.64 -23.27
C GLU B 214 2.88 16.79 -22.98
N SER B 215 2.33 17.92 -22.48
CA SER B 215 3.08 19.14 -22.16
C SER B 215 3.78 19.06 -20.80
N SER B 216 3.42 18.07 -19.98
CA SER B 216 4.02 17.90 -18.67
C SER B 216 4.43 16.43 -18.41
N GLU B 217 5.66 16.07 -18.73
CA GLU B 217 6.22 14.75 -18.39
C GLU B 217 7.71 14.79 -18.72
N VAL B 218 8.46 13.88 -18.14
CA VAL B 218 9.90 13.81 -18.37
C VAL B 218 10.15 13.30 -19.79
N TYR B 219 10.71 14.15 -20.65
CA TYR B 219 11.02 13.74 -22.03
C TYR B 219 12.38 13.01 -22.05
N GLY B 220 13.27 13.43 -21.18
CA GLY B 220 14.64 12.95 -21.19
C GLY B 220 15.46 13.79 -20.24
N TYR B 221 16.77 13.55 -20.18
CA TYR B 221 17.60 14.15 -19.15
C TYR B 221 18.79 14.86 -19.81
N THR B 222 19.22 16.00 -19.24
CA THR B 222 20.40 16.71 -19.79
C THR B 222 21.66 15.91 -19.44
N LYS B 223 22.71 16.10 -20.22
CA LYS B 223 24.02 15.50 -19.95
C LYS B 223 24.80 16.40 -19.00
N LYS B 224 25.43 15.76 -18.02
CA LYS B 224 26.35 16.40 -17.08
C LYS B 224 27.18 17.47 -17.78
N GLU B 225 27.89 17.07 -18.85
CA GLU B 225 28.90 17.89 -19.50
C GLU B 225 28.29 19.19 -20.06
N LEU B 226 26.97 19.32 -20.18
CA LEU B 226 26.39 20.53 -20.80
C LEU B 226 26.00 21.54 -19.71
N LEU B 227 25.34 21.09 -18.67
CA LEU B 227 24.84 21.99 -17.63
C LEU B 227 25.50 21.70 -16.29
N GLY B 228 26.21 20.58 -16.16
CA GLY B 228 26.91 20.24 -14.90
C GLY B 228 26.08 19.33 -14.00
N ALA B 229 24.92 18.89 -14.49
CA ALA B 229 24.10 17.94 -13.78
C ALA B 229 23.16 17.26 -14.78
N GLU B 230 22.58 16.14 -14.39
CA GLU B 230 21.64 15.42 -15.23
C GLU B 230 20.20 15.78 -14.82
N ILE B 231 19.63 16.76 -15.48
CA ILE B 231 18.37 17.33 -15.05
C ILE B 231 17.24 16.83 -15.96
N PRO B 232 16.10 16.48 -15.36
CA PRO B 232 14.93 16.15 -16.19
C PRO B 232 14.45 17.37 -17.00
N VAL B 233 14.24 17.16 -18.29
CA VAL B 233 13.55 18.12 -19.13
C VAL B 233 12.10 17.64 -19.24
N SER B 234 11.14 18.40 -18.74
CA SER B 234 9.87 17.82 -18.35
C SER B 234 8.66 18.73 -18.62
N GLY B 235 8.89 19.85 -19.30
CA GLY B 235 7.84 20.78 -19.68
C GLY B 235 8.01 21.24 -21.12
N ASP B 236 6.92 21.27 -21.87
CA ASP B 236 6.96 21.77 -23.23
C ASP B 236 5.58 22.25 -23.66
N ALA B 237 5.48 23.56 -23.98
CA ALA B 237 4.34 24.08 -24.73
C ALA B 237 4.76 25.27 -25.60
N GLY B 238 3.96 25.52 -26.64
CA GLY B 238 4.11 26.73 -27.47
C GLY B 238 4.08 27.98 -26.61
N ASP B 239 4.77 29.03 -27.02
CA ASP B 239 4.92 30.21 -26.09
C ASP B 239 3.57 30.79 -25.64
N GLN B 240 2.57 30.91 -26.51
CA GLN B 240 1.37 31.60 -26.12
C GLN B 240 0.54 30.69 -25.19
N GLN B 241 0.54 29.39 -25.47
CA GLN B 241 -0.05 28.40 -24.59
C GLN B 241 0.67 28.40 -23.25
N ALA B 242 2.00 28.48 -23.26
CA ALA B 242 2.71 28.47 -22.03
C ALA B 242 2.32 29.71 -21.25
N ALA B 243 2.16 30.85 -21.89
CA ALA B 243 1.66 32.08 -21.19
C ALA B 243 0.24 31.89 -20.62
N LEU B 244 -0.67 31.29 -21.38
CA LEU B 244 -2.00 30.93 -20.83
C LEU B 244 -1.83 30.16 -19.51
N PHE B 245 -0.85 29.24 -19.45
CA PHE B 245 -0.63 28.40 -18.27
C PHE B 245 0.01 29.20 -17.14
N GLY B 246 0.99 30.03 -17.48
CA GLY B 246 1.65 30.86 -16.54
C GLY B 246 0.73 31.90 -15.91
N GLN B 247 -0.41 32.17 -16.55
CA GLN B 247 -1.43 33.13 -16.02
C GLN B 247 -2.43 32.39 -15.12
N ALA B 248 -2.28 31.08 -14.99
CA ALA B 248 -3.23 30.20 -14.29
C ALA B 248 -4.59 30.27 -14.97
N ALA B 249 -4.61 30.46 -16.28
CA ALA B 249 -5.85 30.38 -17.05
C ALA B 249 -6.33 28.92 -17.11
N PHE B 250 -6.65 28.37 -15.94
CA PHE B 250 -6.84 26.93 -15.82
C PHE B 250 -8.29 26.52 -16.05
N GLU B 251 -9.22 27.46 -16.07
CA GLU B 251 -10.66 27.13 -16.23
C GLU B 251 -11.13 27.67 -17.58
N ALA B 252 -12.20 27.08 -18.11
CA ALA B 252 -12.76 27.46 -19.38
C ALA B 252 -13.29 28.91 -19.33
N GLY B 253 -13.04 29.68 -20.40
CA GLY B 253 -13.43 31.09 -20.47
C GLY B 253 -12.44 32.01 -19.79
N MET B 254 -11.34 31.48 -19.25
CA MET B 254 -10.25 32.36 -18.84
C MET B 254 -9.40 32.70 -20.08
N VAL B 255 -9.20 34.02 -20.25
CA VAL B 255 -8.63 34.58 -21.48
C VAL B 255 -7.28 35.17 -21.11
N LYS B 256 -6.30 34.95 -21.98
CA LYS B 256 -5.02 35.66 -21.84
C LYS B 256 -4.80 36.56 -23.07
N ALA B 257 -4.57 37.84 -22.82
CA ALA B 257 -4.20 38.77 -23.90
C ALA B 257 -2.76 39.22 -23.70
N THR B 258 -1.94 38.94 -24.72
CA THR B 258 -0.57 39.46 -24.79
C THR B 258 -0.56 40.74 -25.64
N TYR B 259 -0.14 41.84 -25.05
CA TYR B 259 -0.06 43.15 -25.75
C TYR B 259 1.37 43.36 -26.25
N GLY B 260 1.55 43.46 -27.56
CA GLY B 260 2.88 43.73 -28.13
C GLY B 260 2.79 44.74 -29.26
N THR B 261 3.63 44.58 -30.27
CA THR B 261 3.48 45.35 -31.47
C THR B 261 2.10 45.02 -32.07
N GLY B 262 1.83 43.72 -32.11
CA GLY B 262 0.52 43.20 -32.29
C GLY B 262 0.05 42.55 -31.01
N SER B 263 -1.04 41.79 -31.10
CA SER B 263 -1.59 41.12 -29.92
C SER B 263 -1.82 39.64 -30.21
N PHE B 264 -1.60 38.79 -29.20
CA PHE B 264 -2.06 37.38 -29.24
C PHE B 264 -3.06 37.16 -28.09
N ILE B 265 -4.22 36.61 -28.40
CA ILE B 265 -5.30 36.44 -27.42
C ILE B 265 -5.76 34.98 -27.48
N LEU B 266 -5.71 34.31 -26.33
CA LEU B 266 -6.14 32.89 -26.22
C LEU B 266 -7.19 32.75 -25.10
N VAL B 267 -8.18 31.90 -25.35
CA VAL B 267 -9.13 31.52 -24.27
C VAL B 267 -9.07 30.00 -24.09
N ASN B 268 -9.02 29.58 -22.83
CA ASN B 268 -9.06 28.14 -22.46
C ASN B 268 -10.50 27.63 -22.69
N THR B 269 -10.69 26.60 -23.51
CA THR B 269 -12.02 25.99 -23.65
C THR B 269 -12.01 24.58 -23.03
N ASP B 270 -11.04 24.24 -22.18
CA ASP B 270 -11.08 22.97 -21.47
C ASP B 270 -11.25 21.84 -22.49
N GLU B 271 -12.17 20.90 -22.25
CA GLU B 271 -12.25 19.67 -23.06
C GLU B 271 -13.07 19.90 -24.32
N MET B 272 -13.75 21.05 -24.42
CA MET B 272 -14.58 21.34 -25.63
C MET B 272 -13.66 21.77 -26.79
N VAL B 273 -13.75 21.09 -27.91
CA VAL B 273 -13.15 21.51 -29.17
C VAL B 273 -14.13 22.43 -29.90
N LEU B 274 -13.94 23.74 -29.78
CA LEU B 274 -14.91 24.71 -30.33
C LEU B 274 -14.34 25.30 -31.62
N TYR B 275 -15.20 25.47 -32.61
CA TYR B 275 -14.84 25.95 -33.94
C TYR B 275 -15.48 27.32 -34.20
N SER B 276 -14.74 28.20 -34.88
CA SER B 276 -15.22 29.53 -35.29
C SER B 276 -14.66 29.89 -36.68
N ASP B 277 -15.45 30.64 -37.43
CA ASP B 277 -15.03 31.21 -38.69
C ASP B 277 -13.96 32.28 -38.46
N ASN B 278 -13.95 32.86 -37.26
CA ASN B 278 -13.18 34.09 -36.98
C ASN B 278 -11.98 33.83 -36.06
N LEU B 279 -11.70 32.57 -35.70
CA LEU B 279 -10.68 32.26 -34.68
C LEU B 279 -10.01 30.93 -35.03
N LEU B 280 -8.75 30.75 -34.61
CA LEU B 280 -8.07 29.48 -34.72
C LEU B 280 -8.56 28.58 -33.58
N THR B 281 -8.71 27.31 -33.86
CA THR B 281 -8.88 26.32 -32.82
C THR B 281 -7.55 25.58 -32.64
N THR B 282 -7.07 25.53 -31.40
CA THR B 282 -5.74 25.00 -31.13
C THR B 282 -5.76 24.24 -29.80
N ILE B 283 -4.65 23.58 -29.51
CA ILE B 283 -4.49 22.80 -28.26
C ILE B 283 -3.78 23.69 -27.25
N ALA B 284 -4.31 23.78 -26.04
CA ALA B 284 -3.66 24.60 -24.99
C ALA B 284 -2.50 23.80 -24.38
N TRP B 285 -2.82 22.58 -23.92
CA TRP B 285 -1.80 21.64 -23.35
C TRP B 285 -2.40 20.25 -23.12
N GLY B 286 -1.54 19.25 -23.00
CA GLY B 286 -1.89 17.97 -22.41
C GLY B 286 -1.27 17.83 -21.02
N LEU B 287 -2.08 17.55 -20.00
CA LEU B 287 -1.48 17.65 -18.68
C LEU B 287 -1.39 16.25 -18.07
N ASN B 288 -2.46 15.75 -17.51
CA ASN B 288 -2.26 14.45 -16.80
C ASN B 288 -3.18 13.45 -17.47
N GLY B 289 -2.99 13.21 -18.76
CA GLY B 289 -3.95 12.48 -19.56
C GLY B 289 -5.11 13.34 -20.04
N ARG B 290 -5.19 14.62 -19.64
CA ARG B 290 -6.31 15.47 -20.03
C ARG B 290 -5.82 16.58 -20.99
N VAL B 291 -6.44 16.66 -22.17
CA VAL B 291 -6.11 17.65 -23.17
C VAL B 291 -7.08 18.81 -23.04
N SER B 292 -6.55 19.99 -22.76
CA SER B 292 -7.32 21.24 -22.82
C SER B 292 -7.16 21.96 -24.18
N TYR B 293 -8.26 22.47 -24.69
CA TYR B 293 -8.25 23.12 -25.99
C TYR B 293 -8.29 24.64 -25.79
N ALA B 294 -8.14 25.38 -26.89
CA ALA B 294 -8.32 26.84 -26.82
C ALA B 294 -8.84 27.39 -28.15
N LEU B 295 -9.25 28.65 -28.09
CA LEU B 295 -9.49 29.43 -29.30
C LEU B 295 -8.50 30.59 -29.31
N GLU B 296 -8.07 30.98 -30.51
CA GLU B 296 -6.95 31.92 -30.61
C GLU B 296 -7.32 32.96 -31.66
N GLY B 297 -7.10 34.23 -31.31
CA GLY B 297 -7.17 35.35 -32.27
C GLY B 297 -5.95 36.24 -32.19
N SER B 298 -5.57 36.84 -33.32
CA SER B 298 -4.42 37.74 -33.27
C SER B 298 -4.74 39.04 -34.01
N ILE B 299 -3.98 40.09 -33.70
CA ILE B 299 -4.14 41.42 -34.25
C ILE B 299 -2.76 41.94 -34.64
N PHE B 300 -2.60 42.29 -35.90
CA PHE B 300 -1.28 42.70 -36.44
C PHE B 300 -0.84 44.01 -35.81
N VAL B 301 -1.74 44.96 -35.70
CA VAL B 301 -1.42 46.32 -35.20
C VAL B 301 -2.23 46.66 -33.95
N THR B 302 -1.57 46.76 -32.84
CA THR B 302 -2.08 47.30 -31.56
C THR B 302 -1.02 48.21 -30.98
N GLY B 303 0.03 47.66 -30.43
CA GLY B 303 1.16 48.46 -29.94
C GLY B 303 1.77 49.29 -31.04
N ALA B 304 1.88 48.76 -32.25
CA ALA B 304 2.42 49.47 -33.42
C ALA B 304 1.71 50.82 -33.62
N ALA B 305 0.48 51.01 -33.19
CA ALA B 305 -0.20 52.31 -33.35
C ALA B 305 0.45 53.35 -32.42
N VAL B 306 0.84 52.96 -31.21
CA VAL B 306 1.60 53.86 -30.30
C VAL B 306 3.00 54.09 -30.88
N GLN B 307 3.61 53.08 -31.50
CA GLN B 307 4.90 53.27 -32.15
C GLN B 307 4.77 54.39 -33.20
N TRP B 308 3.67 54.36 -33.95
CA TRP B 308 3.35 55.33 -35.00
C TRP B 308 3.16 56.74 -34.45
N LEU B 309 2.53 56.90 -33.29
CA LEU B 309 2.49 58.20 -32.61
C LEU B 309 3.91 58.72 -32.40
N ARG B 310 4.85 57.82 -32.12
CA ARG B 310 6.24 58.18 -31.78
C ARG B 310 7.05 58.42 -33.06
N ASP B 311 6.91 57.61 -34.10
CA ASP B 311 7.88 57.55 -35.19
C ASP B 311 7.31 58.13 -36.48
N GLY B 312 5.99 58.11 -36.64
CA GLY B 312 5.39 58.55 -37.87
C GLY B 312 5.11 60.05 -37.83
N ILE B 313 4.30 60.42 -36.84
CA ILE B 313 3.74 61.73 -36.77
C ILE B 313 4.49 62.50 -35.67
N LYS B 314 5.14 61.76 -34.79
CA LYS B 314 6.13 62.27 -33.83
C LYS B 314 5.44 63.24 -32.86
N ILE B 315 4.40 62.71 -32.23
CA ILE B 315 3.46 63.42 -31.37
C ILE B 315 3.81 63.08 -29.90
N ILE B 316 4.66 62.08 -29.73
CA ILE B 316 5.19 61.71 -28.41
C ILE B 316 6.66 61.27 -28.61
N LYS B 317 7.38 61.23 -27.51
CA LYS B 317 8.79 60.82 -27.50
C LYS B 317 8.89 59.34 -27.05
N HIS B 318 8.07 58.94 -26.09
CA HIS B 318 8.03 57.58 -25.58
C HIS B 318 6.57 57.08 -25.53
N ALA B 319 6.40 55.78 -25.76
CA ALA B 319 5.11 55.10 -25.62
C ALA B 319 4.43 55.46 -24.29
N SER B 320 5.22 55.74 -23.26
CA SER B 320 4.71 55.93 -21.89
C SER B 320 3.88 57.22 -21.76
N GLU B 321 4.26 58.30 -22.46
CA GLU B 321 3.56 59.58 -22.27
C GLU B 321 2.14 59.48 -22.84
N THR B 322 1.77 58.38 -23.47
CA THR B 322 0.43 58.25 -24.03
C THR B 322 -0.61 58.29 -22.91
N GLU B 323 -0.22 57.75 -21.74
CA GLU B 323 -1.15 57.64 -20.65
C GLU B 323 -1.48 59.03 -20.07
N GLU B 324 -0.49 59.88 -19.84
CA GLU B 324 -0.75 61.20 -19.21
C GLU B 324 -1.50 62.06 -20.22
N LEU B 325 -1.10 61.97 -21.49
CA LEU B 325 -1.80 62.63 -22.61
C LEU B 325 -3.28 62.26 -22.60
N ALA B 326 -3.62 60.97 -22.48
CA ALA B 326 -4.99 60.53 -22.67
C ALA B 326 -5.84 60.85 -21.42
N THR B 327 -5.27 60.80 -20.23
CA THR B 327 -6.04 61.06 -19.03
C THR B 327 -6.22 62.57 -18.82
N LYS B 328 -5.72 63.40 -19.73
CA LYS B 328 -6.04 64.84 -19.67
C LYS B 328 -7.51 65.07 -20.09
N LEU B 329 -8.19 64.01 -20.55
CA LEU B 329 -9.56 64.05 -21.06
C LEU B 329 -10.50 63.10 -20.27
N GLU B 330 -11.79 63.48 -20.18
CA GLU B 330 -12.82 62.66 -19.52
C GLU B 330 -13.41 61.68 -20.52
N SER B 331 -13.39 62.00 -21.81
CA SER B 331 -13.81 61.04 -22.85
C SER B 331 -13.02 61.30 -24.14
N ASN B 332 -13.34 60.54 -25.18
CA ASN B 332 -12.70 60.63 -26.49
C ASN B 332 -13.28 61.80 -27.30
N GLU B 333 -14.27 62.50 -26.75
CA GLU B 333 -14.88 63.70 -27.35
C GLU B 333 -15.15 63.49 -28.85
N GLY B 334 -15.44 62.27 -29.24
CA GLY B 334 -15.87 61.97 -30.62
C GLY B 334 -14.75 61.49 -31.52
N VAL B 335 -13.53 61.39 -31.00
CA VAL B 335 -12.33 61.12 -31.81
C VAL B 335 -11.91 59.64 -31.66
N TYR B 336 -11.86 58.95 -32.80
CA TYR B 336 -11.52 57.53 -32.92
C TYR B 336 -10.38 57.37 -33.92
N PHE B 337 -9.56 56.36 -33.68
CA PHE B 337 -8.45 55.98 -34.56
C PHE B 337 -8.55 54.48 -34.84
N VAL B 338 -8.78 54.09 -36.08
CA VAL B 338 -8.73 52.68 -36.43
C VAL B 338 -7.37 52.46 -37.11
N PRO B 339 -6.41 51.85 -36.41
CA PRO B 339 -5.10 51.67 -37.03
C PRO B 339 -4.99 50.41 -37.91
N ALA B 340 -5.83 50.33 -38.93
CA ALA B 340 -5.78 49.22 -39.86
C ALA B 340 -4.66 49.43 -40.90
N PHE B 341 -3.42 49.55 -40.43
CA PHE B 341 -2.29 49.83 -41.32
C PHE B 341 -2.17 48.74 -42.39
N VAL B 342 -2.50 47.50 -42.06
CA VAL B 342 -2.39 46.39 -43.03
C VAL B 342 -3.73 45.66 -43.09
N GLY B 343 -4.81 46.42 -42.94
CA GLY B 343 -6.12 45.89 -43.09
C GLY B 343 -6.74 45.57 -41.74
N LEU B 344 -7.94 45.02 -41.82
CA LEU B 344 -8.74 44.62 -40.67
C LEU B 344 -8.79 43.09 -40.60
N GLY B 345 -8.69 42.56 -39.41
CA GLY B 345 -8.85 41.12 -39.18
C GLY B 345 -10.28 40.76 -38.84
N ALA B 346 -10.44 39.85 -37.87
CA ALA B 346 -11.74 39.34 -37.44
C ALA B 346 -12.48 40.41 -36.63
N PRO B 347 -13.78 40.56 -36.88
CA PRO B 347 -14.53 39.70 -37.79
C PRO B 347 -14.73 40.34 -39.17
N TYR B 348 -13.97 41.39 -39.48
CA TYR B 348 -14.21 42.16 -40.70
C TYR B 348 -13.48 41.53 -41.89
N TRP B 349 -12.27 41.02 -41.69
CA TRP B 349 -11.50 40.34 -42.78
C TRP B 349 -11.47 41.20 -44.03
N ASP B 350 -10.82 42.35 -43.95
CA ASP B 350 -10.69 43.29 -45.07
C ASP B 350 -9.23 43.72 -45.23
N GLN B 351 -8.57 43.10 -46.20
CA GLN B 351 -7.18 43.35 -46.53
C GLN B 351 -6.96 44.78 -47.05
N PHE B 352 -8.03 45.44 -47.51
CA PHE B 352 -7.89 46.68 -48.22
C PHE B 352 -8.21 47.86 -47.30
N ALA B 353 -8.49 47.55 -46.03
CA ALA B 353 -8.80 48.57 -45.07
C ALA B 353 -7.52 49.34 -44.72
N ARG B 354 -7.65 50.64 -44.44
CA ARG B 354 -6.50 51.43 -44.03
C ARG B 354 -6.87 52.25 -42.79
N GLY B 355 -5.86 52.80 -42.14
CA GLY B 355 -6.06 53.57 -40.91
C GLY B 355 -6.86 54.85 -41.15
N ILE B 356 -7.58 55.24 -40.11
CA ILE B 356 -8.48 56.38 -40.13
C ILE B 356 -8.36 57.04 -38.77
N ILE B 357 -8.28 58.37 -38.74
CA ILE B 357 -8.61 59.16 -37.57
C ILE B 357 -9.89 59.93 -37.93
N ILE B 358 -10.91 59.88 -37.09
CA ILE B 358 -12.19 60.52 -37.44
C ILE B 358 -12.72 61.23 -36.20
N GLY B 359 -13.46 62.30 -36.46
CA GLY B 359 -13.96 63.16 -35.42
C GLY B 359 -13.12 64.40 -35.25
N ILE B 360 -12.25 64.72 -36.19
CA ILE B 360 -11.29 65.85 -35.98
C ILE B 360 -12.05 67.17 -36.11
N THR B 361 -11.83 68.08 -35.16
CA THR B 361 -12.26 69.47 -35.19
C THR B 361 -11.07 70.36 -34.86
N ARG B 362 -11.33 71.65 -34.86
CA ARG B 362 -10.32 72.65 -34.56
C ARG B 362 -9.73 72.40 -33.16
N GLY B 363 -10.47 71.72 -32.27
CA GLY B 363 -10.07 71.52 -30.90
C GLY B 363 -9.41 70.15 -30.66
N THR B 364 -9.19 69.29 -31.66
CA THR B 364 -8.58 68.02 -31.32
C THR B 364 -7.05 68.14 -31.29
N GLY B 365 -6.50 67.73 -30.15
CA GLY B 365 -5.09 67.89 -29.81
C GLY B 365 -4.38 66.55 -29.68
N ARG B 366 -3.14 66.63 -29.26
CA ARG B 366 -2.34 65.44 -29.04
C ARG B 366 -3.05 64.51 -28.06
N GLU B 367 -3.77 65.12 -27.11
CA GLU B 367 -4.46 64.35 -26.07
C GLU B 367 -5.47 63.41 -26.72
N HIS B 368 -6.24 63.91 -27.68
CA HIS B 368 -7.31 63.14 -28.35
C HIS B 368 -6.72 61.98 -29.15
N LEU B 369 -5.53 62.19 -29.72
CA LEU B 369 -4.90 61.17 -30.54
C LEU B 369 -4.34 60.07 -29.63
N ALA B 370 -3.68 60.44 -28.55
CA ALA B 370 -3.15 59.45 -27.63
C ALA B 370 -4.31 58.61 -27.09
N ARG B 371 -5.38 59.29 -26.62
CA ARG B 371 -6.55 58.61 -26.09
C ARG B 371 -7.18 57.69 -27.14
N ALA B 372 -7.38 58.18 -28.36
CA ALA B 372 -7.97 57.36 -29.41
C ALA B 372 -7.11 56.12 -29.67
N THR B 373 -5.79 56.23 -29.47
CA THR B 373 -4.88 55.13 -29.78
C THR B 373 -4.98 54.07 -28.66
N LEU B 374 -4.99 54.52 -27.41
CA LEU B 374 -5.14 53.54 -26.29
C LEU B 374 -6.54 52.89 -26.37
N GLU B 375 -7.59 53.69 -26.58
CA GLU B 375 -8.93 53.14 -26.73
C GLU B 375 -8.98 52.10 -27.87
N ALA B 376 -8.36 52.36 -29.03
CA ALA B 376 -8.36 51.43 -30.17
C ALA B 376 -7.81 50.04 -29.80
N ILE B 377 -6.73 50.01 -29.02
CA ILE B 377 -6.12 48.77 -28.58
C ILE B 377 -7.17 47.93 -27.83
N ALA B 378 -7.92 48.59 -26.94
CA ALA B 378 -8.96 47.92 -26.13
C ALA B 378 -10.13 47.51 -27.02
N TYR B 379 -10.49 48.34 -28.03
CA TYR B 379 -11.63 48.02 -28.93
C TYR B 379 -11.26 46.83 -29.82
N LEU B 380 -10.04 46.82 -30.35
CA LEU B 380 -9.58 45.67 -31.16
C LEU B 380 -9.52 44.41 -30.29
N THR B 381 -9.07 44.56 -29.06
CA THR B 381 -9.10 43.43 -28.12
C THR B 381 -10.56 42.94 -27.95
N ARG B 382 -11.51 43.86 -27.73
CA ARG B 382 -12.94 43.49 -27.59
C ARG B 382 -13.44 42.80 -28.87
N ASP B 383 -13.05 43.29 -30.05
CA ASP B 383 -13.53 42.60 -31.28
C ASP B 383 -13.18 41.09 -31.25
N VAL B 384 -12.00 40.77 -30.74
CA VAL B 384 -11.57 39.36 -30.74
C VAL B 384 -12.30 38.63 -29.61
N VAL B 385 -12.34 39.21 -28.42
CA VAL B 385 -12.89 38.54 -27.28
C VAL B 385 -14.39 38.28 -27.52
N ASP B 386 -15.10 39.20 -28.18
CA ASP B 386 -16.54 39.04 -28.40
C ASP B 386 -16.79 37.90 -29.40
N GLU B 387 -15.87 37.65 -30.34
CA GLU B 387 -16.00 36.45 -31.19
C GLU B 387 -15.86 35.17 -30.34
N MET B 388 -15.05 35.24 -29.30
CA MET B 388 -14.81 34.11 -28.42
C MET B 388 -16.05 33.88 -27.53
N GLU B 389 -16.59 34.98 -26.99
CA GLU B 389 -17.81 34.99 -26.14
C GLU B 389 -18.96 34.23 -26.82
N LYS B 390 -19.05 34.25 -28.13
CA LYS B 390 -20.13 33.55 -28.82
C LYS B 390 -19.99 32.03 -28.68
N LEU B 391 -18.79 31.52 -28.34
CA LEU B 391 -18.55 30.06 -28.25
C LEU B 391 -18.28 29.61 -26.82
N VAL B 392 -17.85 30.51 -25.94
CA VAL B 392 -17.52 30.15 -24.57
C VAL B 392 -17.74 31.40 -23.71
N GLN B 393 -18.33 31.21 -22.55
CA GLN B 393 -18.64 32.35 -21.72
C GLN B 393 -17.33 32.92 -21.21
N ILE B 394 -17.12 34.24 -21.31
CA ILE B 394 -15.84 34.85 -20.91
C ILE B 394 -15.92 35.23 -19.43
N LYS B 395 -14.89 34.81 -18.70
CA LYS B 395 -14.92 34.86 -17.28
C LYS B 395 -14.10 36.07 -16.81
N GLU B 396 -12.97 36.33 -17.45
CA GLU B 396 -12.05 37.40 -17.04
C GLU B 396 -10.85 37.42 -17.99
N LEU B 397 -10.01 38.43 -17.85
CA LEU B 397 -8.92 38.64 -18.78
C LEU B 397 -7.63 38.80 -17.98
N ARG B 398 -6.67 37.91 -18.25
CA ARG B 398 -5.31 38.03 -17.65
C ARG B 398 -4.34 38.50 -18.73
N VAL B 399 -3.47 39.43 -18.37
CA VAL B 399 -2.78 40.21 -19.39
C VAL B 399 -1.26 40.19 -19.14
N ASP B 400 -0.51 40.23 -20.24
CA ASP B 400 0.95 40.43 -20.21
C ASP B 400 1.37 41.25 -21.43
N GLY B 401 2.63 41.73 -21.38
CA GLY B 401 3.23 42.64 -22.35
C GLY B 401 3.51 43.99 -21.71
N GLY B 402 4.38 44.77 -22.34
CA GLY B 402 4.82 46.07 -21.80
C GLY B 402 3.68 47.05 -21.56
N ALA B 403 2.74 47.13 -22.49
CA ALA B 403 1.57 48.04 -22.41
C ALA B 403 0.66 47.77 -21.19
N THR B 404 0.75 46.61 -20.53
CA THR B 404 -0.12 46.31 -19.41
C THR B 404 0.27 47.15 -18.17
N ALA B 405 1.45 47.76 -18.19
CA ALA B 405 1.84 48.79 -17.21
C ALA B 405 1.03 50.09 -17.32
N ASN B 406 0.32 50.33 -18.44
CA ASN B 406 -0.51 51.53 -18.65
C ASN B 406 -1.86 51.33 -17.92
N ASP B 407 -2.01 52.00 -16.78
CA ASP B 407 -3.16 51.81 -15.88
C ASP B 407 -4.43 52.27 -16.59
N PHE B 408 -4.33 53.38 -17.32
CA PHE B 408 -5.47 53.88 -18.08
C PHE B 408 -5.93 52.83 -19.11
N LEU B 409 -5.01 52.25 -19.88
CA LEU B 409 -5.40 51.31 -20.93
C LEU B 409 -6.08 50.07 -20.34
N MET B 410 -5.56 49.60 -19.23
CA MET B 410 -6.07 48.40 -18.54
C MET B 410 -7.47 48.68 -17.96
N GLN B 411 -7.65 49.85 -17.34
CA GLN B 411 -8.99 50.20 -16.81
C GLN B 411 -9.99 50.25 -17.97
N PHE B 412 -9.63 50.99 -19.00
CA PHE B 412 -10.49 51.14 -20.16
C PHE B 412 -10.77 49.77 -20.79
N GLN B 413 -9.74 48.91 -20.85
CA GLN B 413 -9.96 47.54 -21.36
C GLN B 413 -11.06 46.85 -20.54
N ALA B 414 -10.92 46.89 -19.20
CA ALA B 414 -11.90 46.31 -18.26
C ALA B 414 -13.27 46.96 -18.43
N ASP B 415 -13.30 48.27 -18.52
CA ASP B 415 -14.58 48.98 -18.71
C ASP B 415 -15.25 48.52 -20.00
N ILE B 416 -14.52 48.37 -21.12
CA ILE B 416 -15.20 48.19 -22.41
C ILE B 416 -15.62 46.72 -22.58
N LEU B 417 -14.99 45.81 -21.85
CA LEU B 417 -15.36 44.37 -21.89
C LEU B 417 -16.40 44.03 -20.81
N ASN B 418 -16.52 44.91 -19.82
CA ASN B 418 -17.26 44.61 -18.58
C ASN B 418 -16.76 43.29 -17.99
N ARG B 419 -15.43 43.24 -17.77
CA ARG B 419 -14.82 42.07 -17.17
C ARG B 419 -13.55 42.51 -16.45
N LYS B 420 -13.18 41.76 -15.44
CA LYS B 420 -11.96 42.03 -14.71
C LYS B 420 -10.78 41.82 -15.65
N VAL B 421 -9.77 42.63 -15.43
CA VAL B 421 -8.51 42.55 -16.13
C VAL B 421 -7.44 42.39 -15.08
N ILE B 422 -6.72 41.26 -15.07
CA ILE B 422 -5.78 40.97 -13.99
C ILE B 422 -4.36 40.96 -14.54
N ARG B 423 -3.49 41.61 -13.79
CA ARG B 423 -2.15 41.86 -14.17
C ARG B 423 -1.23 41.17 -13.15
N PRO B 424 -0.44 40.20 -13.62
CA PRO B 424 0.38 39.37 -12.72
C PRO B 424 1.57 40.12 -12.14
N VAL B 425 2.01 39.79 -10.92
CA VAL B 425 3.30 40.25 -10.39
C VAL B 425 4.41 39.81 -11.34
N VAL B 426 4.34 38.58 -11.83
CA VAL B 426 5.44 38.04 -12.67
C VAL B 426 5.14 38.40 -14.12
N LYS B 427 6.00 39.19 -14.75
CA LYS B 427 5.70 39.68 -16.09
C LYS B 427 6.01 38.64 -17.17
N GLU B 428 6.98 37.76 -16.90
CA GLU B 428 7.48 36.76 -17.86
C GLU B 428 6.61 35.50 -17.78
N THR B 429 5.36 35.61 -18.20
CA THR B 429 4.37 34.58 -18.00
C THR B 429 4.58 33.39 -18.95
N THR B 430 5.18 33.64 -20.10
CA THR B 430 5.55 32.57 -21.00
C THR B 430 6.50 31.62 -20.29
N ALA B 431 7.60 32.17 -19.75
CA ALA B 431 8.60 31.39 -19.04
C ALA B 431 8.00 30.75 -17.78
N LEU B 432 7.16 31.47 -17.05
CA LEU B 432 6.54 30.95 -15.82
C LEU B 432 5.68 29.72 -16.13
N GLY B 433 4.92 29.75 -17.20
CA GLY B 433 4.09 28.62 -17.62
C GLY B 433 4.92 27.37 -17.88
N ALA B 434 6.01 27.54 -18.64
CA ALA B 434 6.89 26.43 -18.96
C ALA B 434 7.49 25.89 -17.66
N ALA B 435 7.78 26.77 -16.72
CA ALA B 435 8.29 26.33 -15.42
C ALA B 435 7.24 25.46 -14.71
N TYR B 436 6.00 25.97 -14.69
CA TYR B 436 4.91 25.30 -14.02
C TYR B 436 4.73 23.89 -14.63
N LEU B 437 4.80 23.80 -15.96
CA LEU B 437 4.56 22.54 -16.62
C LEU B 437 5.64 21.54 -16.20
N ALA B 438 6.88 21.95 -16.21
CA ALA B 438 8.03 21.07 -15.88
C ALA B 438 8.02 20.69 -14.38
N GLY B 439 7.79 21.67 -13.52
CA GLY B 439 7.71 21.43 -12.10
C GLY B 439 6.57 20.48 -11.75
N LEU B 440 5.42 20.56 -12.41
CA LEU B 440 4.36 19.61 -12.06
C LEU B 440 4.83 18.18 -12.32
N ALA B 441 5.60 17.98 -13.38
CA ALA B 441 5.98 16.63 -13.80
C ALA B 441 6.92 15.98 -12.78
N VAL B 442 7.64 16.75 -11.94
CA VAL B 442 8.52 16.17 -10.92
C VAL B 442 8.01 16.48 -9.50
N ASP B 443 6.71 16.82 -9.40
CA ASP B 443 6.02 17.12 -8.16
C ASP B 443 6.64 18.30 -7.43
N TYR B 444 7.31 19.20 -8.14
CA TYR B 444 7.81 20.43 -7.52
C TYR B 444 6.61 21.25 -7.03
N TRP B 445 5.54 21.27 -7.80
CA TRP B 445 4.24 21.69 -7.33
C TRP B 445 3.32 20.46 -7.37
N ALA B 446 2.35 20.43 -6.46
CA ALA B 446 1.55 19.23 -6.26
C ALA B 446 0.57 19.06 -7.42
N ASP B 447 -0.01 20.18 -7.87
CA ASP B 447 -1.02 20.13 -8.95
C ASP B 447 -1.43 21.57 -9.29
N THR B 448 -2.33 21.73 -10.26
CA THR B 448 -2.68 23.07 -10.72
C THR B 448 -3.50 23.80 -9.64
N ARG B 449 -4.18 23.09 -8.74
CA ARG B 449 -4.85 23.71 -7.58
C ARG B 449 -3.79 24.40 -6.70
N GLU B 450 -2.70 23.73 -6.41
CA GLU B 450 -1.67 24.40 -5.64
C GLU B 450 -1.17 25.67 -6.37
N ILE B 451 -0.89 25.57 -7.66
CA ILE B 451 -0.30 26.70 -8.39
C ILE B 451 -1.31 27.87 -8.39
N ALA B 452 -2.57 27.57 -8.67
CA ALA B 452 -3.62 28.58 -8.72
C ALA B 452 -3.74 29.28 -7.37
N GLU B 453 -3.66 28.56 -6.25
CA GLU B 453 -3.75 29.19 -4.93
C GLU B 453 -2.55 30.10 -4.67
N LEU B 454 -1.35 29.71 -5.07
CA LEU B 454 -0.11 30.49 -4.83
C LEU B 454 0.01 31.75 -5.72
N TRP B 455 -0.75 31.80 -6.80
CA TRP B 455 -0.58 32.76 -7.89
C TRP B 455 -0.87 34.20 -7.41
N LYS B 456 0.02 35.14 -7.67
CA LYS B 456 -0.09 36.49 -7.10
C LYS B 456 -0.40 37.52 -8.19
N ALA B 457 -1.54 38.21 -8.06
CA ALA B 457 -1.94 39.31 -8.96
C ALA B 457 -1.33 40.62 -8.47
N GLU B 458 -0.74 41.38 -9.38
CA GLU B 458 -0.20 42.66 -9.00
C GLU B 458 -1.37 43.65 -8.87
N ARG B 459 -2.37 43.56 -9.75
CA ARG B 459 -3.48 44.48 -9.68
C ARG B 459 -4.68 43.94 -10.46
N ILE B 460 -5.85 44.04 -9.83
CA ILE B 460 -7.11 43.72 -10.48
C ILE B 460 -7.75 45.03 -10.94
N PHE B 461 -8.21 45.03 -12.19
CA PHE B 461 -9.01 46.10 -12.73
C PHE B 461 -10.45 45.60 -12.87
N GLU B 462 -11.35 46.32 -12.24
CA GLU B 462 -12.77 45.99 -12.13
C GLU B 462 -13.54 46.92 -13.07
N PRO B 463 -14.41 46.37 -13.90
CA PRO B 463 -15.09 47.27 -14.80
C PRO B 463 -15.93 48.29 -14.01
N LYS B 464 -15.83 49.57 -14.34
CA LYS B 464 -16.58 50.60 -13.60
C LYS B 464 -17.58 51.32 -14.51
N MET B 465 -17.42 51.16 -15.82
CA MET B 465 -18.21 51.83 -16.82
C MET B 465 -19.61 51.18 -16.85
N ASP B 466 -20.66 51.97 -17.07
CA ASP B 466 -22.03 51.44 -17.12
C ASP B 466 -22.34 50.96 -18.54
N GLU B 467 -23.45 50.29 -18.72
CA GLU B 467 -23.75 49.66 -20.00
C GLU B 467 -23.95 50.71 -21.10
N LYS B 468 -24.59 51.81 -20.75
CA LYS B 468 -24.99 52.81 -21.71
C LYS B 468 -23.72 53.45 -22.33
N THR B 469 -22.78 53.83 -21.48
CA THR B 469 -21.47 54.34 -21.89
C THR B 469 -20.70 53.30 -22.73
N ARG B 470 -20.67 52.07 -22.25
CA ARG B 470 -19.91 51.00 -22.89
C ARG B 470 -20.38 50.81 -24.33
N GLU B 471 -21.70 50.72 -24.54
CA GLU B 471 -22.24 50.41 -25.88
C GLU B 471 -22.20 51.66 -26.78
N ARG B 472 -22.20 52.85 -26.21
CA ARG B 472 -22.06 54.10 -27.01
C ARG B 472 -20.63 54.18 -27.60
N LEU B 473 -19.61 54.07 -26.73
CA LEU B 473 -18.19 54.07 -27.15
C LEU B 473 -17.94 53.02 -28.23
N TYR B 474 -18.48 51.80 -28.06
CA TYR B 474 -18.17 50.68 -28.98
C TYR B 474 -18.94 50.84 -30.29
N LYS B 475 -20.10 51.49 -30.23
CA LYS B 475 -20.84 51.82 -31.44
C LYS B 475 -20.00 52.78 -32.29
N GLY B 476 -19.40 53.78 -31.65
CA GLY B 476 -18.45 54.69 -32.34
C GLY B 476 -17.31 53.94 -33.01
N TRP B 477 -16.70 53.02 -32.26
CA TRP B 477 -15.64 52.13 -32.80
C TRP B 477 -16.13 51.45 -34.10
N LYS B 478 -17.28 50.79 -34.02
CA LYS B 478 -17.73 49.98 -35.16
C LYS B 478 -18.00 50.87 -36.37
N GLU B 479 -18.55 52.05 -36.10
CA GLU B 479 -18.83 53.01 -37.16
C GLU B 479 -17.52 53.48 -37.80
N ALA B 480 -16.51 53.78 -36.97
CA ALA B 480 -15.18 54.15 -37.52
C ALA B 480 -14.61 52.99 -38.34
N VAL B 481 -14.73 51.76 -37.82
CA VAL B 481 -14.24 50.59 -38.52
C VAL B 481 -14.88 50.52 -39.91
N LYS B 482 -16.19 50.77 -39.98
CA LYS B 482 -16.90 50.68 -41.28
C LYS B 482 -16.28 51.65 -42.30
N ARG B 483 -15.86 52.82 -41.83
CA ARG B 483 -15.39 53.89 -42.69
C ARG B 483 -13.95 53.61 -43.17
N ALA B 484 -13.24 52.66 -42.57
CA ALA B 484 -11.85 52.30 -42.96
C ALA B 484 -11.87 51.30 -44.10
N MET B 485 -12.99 50.62 -44.30
CA MET B 485 -12.99 49.43 -45.16
C MET B 485 -12.88 49.82 -46.62
N GLY B 486 -12.16 49.02 -47.40
CA GLY B 486 -12.15 49.14 -48.85
C GLY B 486 -11.20 50.21 -49.38
N TRP B 487 -10.49 50.93 -48.51
CA TRP B 487 -9.81 52.16 -48.90
C TRP B 487 -8.74 51.92 -49.96
N ALA B 488 -7.92 50.90 -49.80
CA ALA B 488 -6.87 50.58 -50.79
C ALA B 488 -7.47 50.09 -52.12
N LYS B 489 -8.78 49.80 -52.23
CA LYS B 489 -9.39 49.50 -53.54
C LYS B 489 -9.81 50.80 -54.26
N VAL B 490 -9.79 51.96 -53.58
CA VAL B 490 -10.20 53.23 -54.22
C VAL B 490 -8.97 54.10 -54.51
N VAL B 491 -7.76 53.60 -54.26
CA VAL B 491 -6.57 54.45 -54.20
C VAL B 491 -5.38 53.68 -54.78
N MET C 1 19.41 -7.16 17.46
CA MET C 1 19.58 -7.68 18.85
C MET C 1 19.30 -9.19 18.88
N GLU C 2 20.24 -9.97 19.39
CA GLU C 2 20.14 -11.40 19.54
C GLU C 2 19.07 -11.70 20.59
N LYS C 3 18.15 -12.60 20.24
CA LYS C 3 16.99 -12.90 21.10
C LYS C 3 16.79 -14.42 21.29
N PHE C 4 16.02 -14.76 22.31
CA PHE C 4 15.89 -16.14 22.79
C PHE C 4 14.44 -16.40 23.16
N VAL C 5 14.06 -17.67 23.29
CA VAL C 5 12.74 -18.00 23.76
C VAL C 5 12.84 -18.65 25.15
N LEU C 6 12.00 -18.13 26.05
CA LEU C 6 11.88 -18.61 27.41
C LEU C 6 10.72 -19.62 27.46
N SER C 7 11.00 -20.83 27.94
CA SER C 7 9.99 -21.86 28.07
C SER C 7 9.83 -22.23 29.56
N LEU C 8 8.59 -22.28 30.04
CA LEU C 8 8.26 -22.74 31.38
C LEU C 8 7.69 -24.14 31.26
N ASP C 9 8.30 -25.11 31.95
CA ASP C 9 7.76 -26.46 32.03
C ASP C 9 7.33 -26.71 33.48
N GLU C 10 6.07 -26.48 33.81
CA GLU C 10 5.59 -26.64 35.19
C GLU C 10 5.15 -28.10 35.41
N GLY C 11 6.07 -28.94 35.90
CA GLY C 11 5.82 -30.37 36.04
C GLY C 11 5.11 -30.69 37.34
N THR C 12 4.85 -31.98 37.55
CA THR C 12 4.13 -32.50 38.73
C THR C 12 4.91 -32.21 40.01
N THR C 13 6.25 -32.44 40.01
CA THR C 13 7.04 -32.30 41.27
C THR C 13 8.01 -31.12 41.18
N SER C 14 8.08 -30.46 40.04
CA SER C 14 9.18 -29.54 39.75
C SER C 14 8.77 -28.49 38.73
N ALA C 15 9.12 -27.23 38.95
CA ALA C 15 8.94 -26.20 37.95
C ALA C 15 10.29 -25.84 37.30
N ARG C 16 10.35 -25.98 35.98
CA ARG C 16 11.57 -25.71 35.23
C ARG C 16 11.39 -24.47 34.37
N ALA C 17 12.49 -23.82 34.06
CA ALA C 17 12.49 -22.76 33.07
C ALA C 17 13.75 -22.89 32.21
N ILE C 18 13.59 -22.80 30.90
CA ILE C 18 14.72 -22.99 30.01
C ILE C 18 14.74 -21.89 28.94
N ILE C 19 15.91 -21.32 28.67
CA ILE C 19 16.08 -20.39 27.57
C ILE C 19 16.72 -21.10 26.38
N PHE C 20 16.05 -21.05 25.24
CA PHE C 20 16.49 -21.67 24.00
C PHE C 20 16.82 -20.60 22.94
N ASP C 21 17.63 -20.99 21.99
CA ASP C 21 17.89 -20.22 20.75
C ASP C 21 17.27 -20.97 19.56
N ARG C 22 17.57 -20.52 18.35
CA ARG C 22 16.94 -21.09 17.15
C ARG C 22 17.50 -22.48 16.82
N GLU C 23 18.72 -22.77 17.25
CA GLU C 23 19.33 -24.07 17.04
C GLU C 23 18.85 -25.04 18.12
N SER C 24 17.90 -24.66 18.95
CA SER C 24 17.41 -25.48 20.07
C SER C 24 18.54 -25.73 21.10
N ASN C 25 19.54 -24.86 21.16
CA ASN C 25 20.54 -24.90 22.23
C ASN C 25 19.99 -24.22 23.48
N ILE C 26 20.34 -24.78 24.63
CA ILE C 26 19.98 -24.23 25.91
C ILE C 26 21.04 -23.20 26.32
N HIS C 27 20.60 -22.02 26.77
CA HIS C 27 21.49 -20.97 27.27
C HIS C 27 21.31 -20.75 28.76
N GLY C 28 20.17 -21.13 29.30
CA GLY C 28 19.98 -20.95 30.73
C GLY C 28 18.95 -21.92 31.26
N ILE C 29 19.12 -22.36 32.48
CA ILE C 29 18.15 -23.29 33.02
C ILE C 29 17.96 -22.97 34.51
N GLY C 30 16.73 -23.09 34.96
CA GLY C 30 16.42 -23.07 36.39
C GLY C 30 15.43 -24.16 36.70
N GLN C 31 15.48 -24.74 37.90
CA GLN C 31 14.38 -25.61 38.33
C GLN C 31 14.34 -25.70 39.86
N TYR C 32 13.11 -25.70 40.38
CA TYR C 32 12.82 -25.80 41.82
C TYR C 32 11.67 -26.78 42.05
N GLU C 33 11.95 -27.76 42.90
CA GLU C 33 10.94 -28.65 43.44
C GLU C 33 10.00 -27.85 44.35
N PHE C 34 8.79 -28.37 44.49
CA PHE C 34 7.81 -27.81 45.41
C PHE C 34 7.11 -28.97 46.12
N PRO C 35 6.47 -28.70 47.27
CA PRO C 35 5.88 -29.77 48.08
C PRO C 35 4.72 -30.50 47.40
N GLN C 36 4.70 -31.83 47.57
CA GLN C 36 3.55 -32.68 47.29
C GLN C 36 2.73 -32.81 48.58
N HIS C 37 1.49 -32.34 48.56
CA HIS C 37 0.64 -32.40 49.75
C HIS C 37 -0.22 -33.66 49.65
N TYR C 38 -0.22 -34.47 50.71
CA TYR C 38 -1.02 -35.70 50.78
C TYR C 38 -1.95 -35.63 52.01
N PRO C 39 -2.98 -34.79 51.96
CA PRO C 39 -3.82 -34.61 53.16
C PRO C 39 -4.69 -35.84 53.53
N ARG C 40 -4.67 -36.91 52.73
CA ARG C 40 -5.37 -38.16 53.03
C ARG C 40 -4.82 -39.28 52.13
N PRO C 41 -4.93 -40.55 52.55
CA PRO C 41 -4.50 -41.63 51.66
C PRO C 41 -5.14 -41.51 50.27
N GLY C 42 -4.30 -41.59 49.23
CA GLY C 42 -4.75 -41.55 47.84
C GLY C 42 -5.05 -40.15 47.34
N TRP C 43 -5.03 -39.14 48.21
CA TRP C 43 -5.27 -37.76 47.81
C TRP C 43 -3.93 -37.07 47.54
N VAL C 44 -3.95 -36.11 46.59
CA VAL C 44 -2.74 -35.41 46.13
C VAL C 44 -3.09 -33.93 45.85
N GLU C 45 -2.32 -33.01 46.40
CA GLU C 45 -2.60 -31.57 46.21
C GLU C 45 -1.29 -30.82 46.05
N HIS C 46 -1.39 -29.66 45.40
CA HIS C 46 -0.34 -28.69 45.33
C HIS C 46 -0.84 -27.33 45.83
N ASN C 47 -0.01 -26.60 46.54
CA ASN C 47 -0.33 -25.23 46.87
C ASN C 47 0.08 -24.36 45.66
N PRO C 48 -0.89 -23.66 45.03
CA PRO C 48 -0.50 -22.89 43.83
C PRO C 48 0.48 -21.74 44.10
N GLU C 49 0.50 -21.19 45.31
CA GLU C 49 1.48 -20.15 45.62
C GLU C 49 2.88 -20.74 45.66
N GLU C 50 2.99 -22.03 45.98
CA GLU C 50 4.29 -22.72 46.01
C GLU C 50 4.73 -23.06 44.58
N ILE C 51 3.78 -23.48 43.73
CA ILE C 51 4.08 -23.71 42.29
C ILE C 51 4.59 -22.40 41.69
N TRP C 52 3.81 -21.35 41.84
CA TRP C 52 4.14 -20.06 41.28
C TRP C 52 5.53 -19.62 41.75
N ASP C 53 5.87 -19.92 43.01
CA ASP C 53 7.12 -19.44 43.60
C ASP C 53 8.30 -20.26 43.08
N ALA C 54 8.13 -21.58 43.01
CA ALA C 54 9.12 -22.42 42.38
C ALA C 54 9.30 -21.97 40.91
N GLN C 55 8.19 -21.67 40.21
CA GLN C 55 8.27 -21.37 38.78
C GLN C 55 8.99 -20.03 38.56
N LEU C 56 8.67 -19.04 39.38
CA LEU C 56 9.25 -17.70 39.23
C LEU C 56 10.76 -17.73 39.51
N ARG C 57 11.16 -18.55 40.48
CA ARG C 57 12.56 -18.70 40.81
C ARG C 57 13.29 -19.44 39.69
N ALA C 58 12.70 -20.54 39.19
CA ALA C 58 13.25 -21.19 37.98
C ALA C 58 13.51 -20.16 36.88
N ILE C 59 12.54 -19.30 36.58
CA ILE C 59 12.70 -18.27 35.55
C ILE C 59 13.93 -17.39 35.83
N LYS C 60 14.01 -16.81 37.04
CA LYS C 60 15.15 -15.93 37.36
C LYS C 60 16.49 -16.68 37.20
N ASP C 61 16.56 -17.94 37.64
CA ASP C 61 17.83 -18.69 37.52
C ASP C 61 18.19 -18.88 36.04
N ALA C 62 17.17 -19.09 35.21
CA ALA C 62 17.37 -19.31 33.79
C ALA C 62 17.92 -18.03 33.13
N ILE C 63 17.30 -16.90 33.40
CA ILE C 63 17.72 -15.61 32.84
C ILE C 63 19.13 -15.25 33.34
N GLN C 64 19.37 -15.46 34.62
CA GLN C 64 20.67 -15.15 35.20
C GLN C 64 21.73 -16.03 34.55
N SER C 65 21.47 -17.34 34.48
CA SER C 65 22.45 -18.28 33.96
C SER C 65 22.65 -18.08 32.45
N ALA C 66 21.68 -17.51 31.77
CA ALA C 66 21.83 -17.27 30.33
C ALA C 66 22.60 -15.97 30.04
N ARG C 67 22.71 -15.10 31.05
CA ARG C 67 23.44 -13.83 31.00
C ARG C 67 22.82 -12.88 29.97
N ILE C 68 21.50 -12.84 29.92
CA ILE C 68 20.78 -12.03 28.92
C ILE C 68 19.96 -10.98 29.65
N GLU C 69 19.66 -9.88 28.97
CA GLU C 69 18.64 -8.95 29.45
C GLU C 69 17.24 -9.53 29.21
N PRO C 70 16.26 -9.11 30.01
CA PRO C 70 14.90 -9.53 29.75
C PRO C 70 14.33 -9.13 28.38
N ASN C 71 14.75 -8.03 27.78
CA ASN C 71 14.05 -7.73 26.53
C ASN C 71 14.76 -8.45 25.38
N GLN C 72 15.75 -9.29 25.68
CA GLN C 72 16.25 -10.26 24.70
C GLN C 72 15.36 -11.51 24.63
N ILE C 73 14.31 -11.61 25.43
CA ILE C 73 13.39 -12.74 25.34
C ILE C 73 12.28 -12.42 24.34
N ALA C 74 12.21 -13.15 23.23
CA ALA C 74 11.30 -12.80 22.14
C ALA C 74 9.87 -13.27 22.45
N ALA C 75 9.74 -14.34 23.26
CA ALA C 75 8.48 -14.97 23.60
C ALA C 75 8.66 -15.93 24.78
N ILE C 76 7.55 -16.22 25.46
CA ILE C 76 7.45 -17.22 26.51
C ILE C 76 6.46 -18.28 26.06
N GLY C 77 6.89 -19.55 26.19
CA GLY C 77 6.01 -20.73 26.00
C GLY C 77 5.71 -21.37 27.35
N VAL C 78 4.51 -21.90 27.50
CA VAL C 78 4.07 -22.52 28.75
C VAL C 78 3.68 -23.98 28.50
N THR C 79 4.18 -24.90 29.31
CA THR C 79 3.71 -26.27 29.27
C THR C 79 3.56 -26.78 30.71
N ASN C 80 2.83 -27.86 30.90
CA ASN C 80 2.40 -28.16 32.26
C ASN C 80 1.90 -29.58 32.42
N GLN C 81 2.09 -30.08 33.64
CA GLN C 81 1.31 -31.20 34.15
C GLN C 81 -0.15 -30.93 33.81
N ARG C 82 -0.73 -31.89 33.12
CA ARG C 82 -2.10 -31.83 32.62
C ARG C 82 -3.11 -32.25 33.72
N GLU C 83 -4.40 -32.03 33.44
CA GLU C 83 -5.55 -32.45 34.28
C GLU C 83 -5.59 -31.68 35.62
N THR C 84 -4.48 -31.55 36.33
CA THR C 84 -4.46 -30.84 37.61
C THR C 84 -5.35 -29.58 37.54
N THR C 85 -6.11 -29.32 38.62
CA THR C 85 -7.25 -28.39 38.54
C THR C 85 -7.14 -27.31 39.62
N LEU C 86 -7.46 -26.08 39.24
CA LEU C 86 -7.30 -24.91 40.12
C LEU C 86 -8.54 -24.01 40.01
N VAL C 87 -8.69 -23.13 40.99
CA VAL C 87 -9.70 -22.07 40.99
C VAL C 87 -9.12 -20.84 41.68
N TRP C 88 -9.39 -19.63 41.14
CA TRP C 88 -8.83 -18.40 41.72
C TRP C 88 -9.76 -17.21 41.45
N ASP C 89 -9.42 -16.08 42.03
CA ASP C 89 -10.27 -14.85 41.97
C ASP C 89 -9.62 -13.74 41.15
N LYS C 90 -10.24 -12.58 41.22
CA LYS C 90 -9.87 -11.31 40.53
C LYS C 90 -8.37 -11.14 40.43
N ASP C 91 -7.64 -11.32 41.54
CA ASP C 91 -6.17 -11.07 41.66
C ASP C 91 -5.38 -12.37 41.78
N GLY C 92 -5.62 -13.44 41.02
CA GLY C 92 -4.89 -14.70 41.15
C GLY C 92 -4.98 -15.34 42.49
N LYS C 93 -5.42 -14.67 43.51
CA LYS C 93 -5.45 -15.38 44.78
C LYS C 93 -6.20 -16.70 44.56
N PRO C 94 -5.60 -17.86 44.93
CA PRO C 94 -6.33 -19.12 44.76
C PRO C 94 -7.42 -19.33 45.83
N LEU C 95 -8.58 -19.81 45.40
CA LEU C 95 -9.69 -20.12 46.30
C LEU C 95 -9.45 -21.43 47.04
N TYR C 96 -8.55 -22.29 46.56
CA TYR C 96 -8.23 -23.56 47.26
C TYR C 96 -6.87 -24.10 46.79
N ASN C 97 -6.47 -25.25 47.32
CA ASN C 97 -5.32 -25.95 46.78
C ASN C 97 -5.68 -26.48 45.38
N ALA C 98 -4.64 -26.76 44.61
CA ALA C 98 -4.80 -27.42 43.33
C ALA C 98 -4.96 -28.90 43.59
N ILE C 99 -5.94 -29.52 42.92
CA ILE C 99 -6.08 -30.94 42.95
C ILE C 99 -5.35 -31.51 41.74
N VAL C 100 -4.48 -32.44 42.06
CA VAL C 100 -3.47 -32.92 41.16
C VAL C 100 -4.06 -34.08 40.38
N TRP C 101 -3.62 -34.27 39.12
CA TRP C 101 -4.07 -35.40 38.26
C TRP C 101 -3.97 -36.74 38.98
N GLN C 102 -3.09 -36.85 39.96
CA GLN C 102 -2.83 -38.11 40.64
C GLN C 102 -3.91 -38.40 41.71
N CYS C 103 -4.66 -37.38 42.10
CA CYS C 103 -5.59 -37.46 43.22
C CYS C 103 -6.72 -38.44 42.91
N ARG C 104 -7.08 -39.25 43.90
CA ARG C 104 -8.07 -40.33 43.76
C ARG C 104 -9.38 -39.98 44.50
N ARG C 105 -9.44 -38.78 45.08
CA ARG C 105 -10.53 -38.37 45.98
C ARG C 105 -11.88 -38.42 45.27
N THR C 106 -11.95 -38.17 43.97
CA THR C 106 -13.23 -38.23 43.23
C THR C 106 -13.47 -39.61 42.60
N ALA C 107 -12.80 -40.66 43.04
CA ALA C 107 -12.85 -41.94 42.27
C ALA C 107 -14.27 -42.51 42.21
N GLU C 108 -14.88 -42.79 43.37
CA GLU C 108 -16.16 -43.53 43.41
C GLU C 108 -17.25 -42.70 42.71
N MET C 109 -17.20 -41.38 42.87
CA MET C 109 -18.11 -40.48 42.18
C MET C 109 -18.10 -40.73 40.67
N VAL C 110 -16.89 -40.74 40.10
CA VAL C 110 -16.69 -40.99 38.67
C VAL C 110 -17.21 -42.38 38.30
N GLU C 111 -16.97 -43.39 39.16
CA GLU C 111 -17.48 -44.75 38.94
C GLU C 111 -19.01 -44.74 38.94
N GLU C 112 -19.59 -43.92 39.84
CA GLU C 112 -21.06 -43.76 40.01
C GLU C 112 -21.67 -43.21 38.73
N ILE C 113 -20.85 -42.72 37.81
CA ILE C 113 -21.31 -41.92 36.68
C ILE C 113 -20.78 -42.53 35.38
N LYS C 114 -20.09 -43.66 35.44
CA LYS C 114 -19.59 -44.31 34.23
C LYS C 114 -20.69 -45.24 33.70
N ARG C 115 -21.47 -45.78 34.64
CA ARG C 115 -22.79 -46.37 34.37
C ARG C 115 -23.62 -45.43 33.48
N GLU C 116 -23.93 -44.26 34.06
CA GLU C 116 -24.99 -43.34 33.59
C GLU C 116 -24.70 -42.84 32.17
N TYR C 117 -23.51 -42.30 31.91
CA TYR C 117 -23.14 -42.06 30.52
C TYR C 117 -21.62 -42.23 30.34
N GLY C 118 -21.23 -43.48 30.08
CA GLY C 118 -19.83 -43.85 29.89
C GLY C 118 -19.40 -43.80 28.44
N THR C 119 -20.32 -44.02 27.50
CA THR C 119 -20.01 -43.98 26.06
C THR C 119 -20.17 -42.56 25.52
N MET C 120 -21.14 -41.84 26.08
CA MET C 120 -21.33 -40.40 25.85
C MET C 120 -20.01 -39.64 26.05
N ILE C 121 -19.42 -39.77 27.24
CA ILE C 121 -18.20 -39.06 27.61
C ILE C 121 -17.05 -39.50 26.67
N LYS C 122 -16.96 -40.79 26.34
CA LYS C 122 -15.85 -41.30 25.54
C LYS C 122 -15.93 -40.80 24.09
N GLU C 123 -17.11 -40.64 23.50
CA GLU C 123 -17.20 -40.17 22.12
C GLU C 123 -17.01 -38.65 22.08
N LYS C 124 -17.47 -37.91 23.09
CA LYS C 124 -17.38 -36.42 23.07
C LYS C 124 -15.95 -35.92 23.35
N THR C 125 -15.38 -36.43 24.45
CA THR C 125 -13.98 -36.29 24.81
C THR C 125 -13.35 -37.56 24.25
N GLY C 126 -12.06 -37.75 24.19
CA GLY C 126 -11.67 -39.12 23.79
C GLY C 126 -11.32 -40.00 25.00
N LEU C 127 -11.88 -39.68 26.15
CA LEU C 127 -11.44 -40.16 27.45
C LEU C 127 -12.41 -41.20 28.05
N VAL C 128 -11.84 -42.32 28.49
CA VAL C 128 -12.53 -43.21 29.41
C VAL C 128 -12.60 -42.49 30.77
N PRO C 129 -13.81 -42.26 31.28
CA PRO C 129 -14.03 -41.46 32.49
C PRO C 129 -13.22 -42.01 33.67
N ASP C 130 -12.62 -41.09 34.42
CA ASP C 130 -11.68 -41.41 35.48
C ASP C 130 -11.52 -40.18 36.36
N ALA C 131 -11.13 -40.41 37.61
CA ALA C 131 -10.73 -39.34 38.57
C ALA C 131 -9.51 -38.55 38.07
N TYR C 132 -8.78 -39.15 37.13
CA TYR C 132 -7.60 -38.58 36.41
C TYR C 132 -7.89 -37.16 35.87
N PHE C 133 -9.03 -36.98 35.20
CA PHE C 133 -9.30 -35.75 34.41
C PHE C 133 -9.94 -34.64 35.28
N SER C 134 -9.95 -33.41 34.79
CA SER C 134 -10.30 -32.23 35.61
C SER C 134 -11.78 -32.22 36.04
N ALA C 135 -12.68 -32.87 35.29
CA ALA C 135 -14.16 -32.61 35.46
C ALA C 135 -14.60 -32.89 36.90
N SER C 136 -14.54 -34.16 37.28
CA SER C 136 -14.84 -34.58 38.64
C SER C 136 -14.19 -33.64 39.66
N LYS C 137 -12.94 -33.28 39.41
CA LYS C 137 -12.21 -32.55 40.41
C LYS C 137 -12.81 -31.15 40.55
N LEU C 138 -13.32 -30.58 39.46
CA LEU C 138 -13.83 -29.23 39.50
C LEU C 138 -15.23 -29.21 40.13
N LYS C 139 -15.98 -30.29 39.97
CA LYS C 139 -17.24 -30.46 40.69
C LYS C 139 -16.94 -30.48 42.20
N TRP C 140 -16.05 -31.42 42.60
CA TRP C 140 -15.63 -31.56 43.98
C TRP C 140 -15.30 -30.20 44.58
N LEU C 141 -14.48 -29.40 43.91
CA LEU C 141 -14.19 -28.05 44.43
C LEU C 141 -15.53 -27.31 44.66
N LEU C 142 -16.44 -27.38 43.68
CA LEU C 142 -17.67 -26.56 43.70
C LEU C 142 -18.64 -27.09 44.76
N ASP C 143 -18.58 -28.38 45.04
CA ASP C 143 -19.47 -29.03 46.00
C ASP C 143 -18.96 -28.88 47.44
N ASN C 144 -17.67 -28.69 47.67
CA ASN C 144 -17.18 -28.73 49.08
C ASN C 144 -16.38 -27.51 49.48
N VAL C 145 -16.26 -26.49 48.69
CA VAL C 145 -15.50 -25.33 49.18
C VAL C 145 -16.49 -24.21 49.46
N PRO C 146 -16.54 -23.73 50.68
CA PRO C 146 -17.47 -22.68 51.11
C PRO C 146 -17.00 -21.26 50.81
N GLY C 147 -17.80 -20.50 50.07
CA GLY C 147 -18.76 -21.07 49.13
C GLY C 147 -18.45 -20.62 47.72
N LEU C 148 -17.95 -21.48 46.86
CA LEU C 148 -17.65 -20.94 45.50
C LEU C 148 -18.81 -21.24 44.57
N ARG C 149 -19.67 -22.18 44.91
CA ARG C 149 -20.90 -22.27 44.13
C ARG C 149 -21.47 -20.85 43.94
N GLU C 150 -21.79 -20.22 45.07
CA GLU C 150 -22.36 -18.87 45.09
C GLU C 150 -21.38 -17.89 44.42
N LYS C 151 -20.08 -18.03 44.69
CA LYS C 151 -19.05 -17.14 44.12
C LYS C 151 -19.00 -17.31 42.60
N ALA C 152 -19.22 -18.53 42.12
CA ALA C 152 -19.06 -18.87 40.70
C ALA C 152 -20.22 -18.28 39.89
N GLU C 153 -21.44 -18.43 40.37
CA GLU C 153 -22.60 -17.96 39.60
C GLU C 153 -22.59 -16.43 39.53
N LYS C 154 -22.02 -15.77 40.53
CA LYS C 154 -21.84 -14.32 40.43
C LYS C 154 -20.67 -14.00 39.48
N GLY C 155 -19.99 -15.03 38.97
CA GLY C 155 -18.97 -14.85 37.94
C GLY C 155 -17.66 -14.32 38.49
N GLU C 156 -17.31 -14.73 39.70
CA GLU C 156 -16.15 -14.19 40.40
C GLU C 156 -15.05 -15.27 40.55
N VAL C 157 -15.29 -16.50 40.08
CA VAL C 157 -14.25 -17.56 40.18
C VAL C 157 -13.78 -17.97 38.78
N MET C 158 -12.46 -18.06 38.65
CA MET C 158 -11.81 -18.53 37.42
C MET C 158 -11.24 -19.92 37.67
N PHE C 159 -11.58 -20.84 36.78
CA PHE C 159 -11.00 -22.18 36.77
C PHE C 159 -9.89 -22.29 35.71
N GLY C 160 -9.05 -23.31 35.85
CA GLY C 160 -8.17 -23.72 34.74
C GLY C 160 -7.15 -24.76 35.15
N THR C 161 -6.57 -25.40 34.13
CA THR C 161 -5.43 -26.29 34.31
C THR C 161 -4.22 -25.42 34.64
N VAL C 162 -3.06 -26.03 34.87
CA VAL C 162 -1.92 -25.27 35.43
C VAL C 162 -1.47 -24.18 34.45
N ASP C 163 -1.54 -24.48 33.14
CA ASP C 163 -1.20 -23.52 32.09
C ASP C 163 -2.03 -22.23 32.25
N THR C 164 -3.31 -22.39 32.57
CA THR C 164 -4.25 -21.25 32.60
C THR C 164 -3.94 -20.37 33.82
N PHE C 165 -3.68 -21.03 34.93
CA PHE C 165 -3.23 -20.37 36.13
C PHE C 165 -1.96 -19.57 35.83
N LEU C 166 -0.92 -20.18 35.24
CA LEU C 166 0.33 -19.43 35.02
C LEU C 166 0.09 -18.28 34.05
N ILE C 167 -0.70 -18.53 33.01
CA ILE C 167 -0.82 -17.51 31.98
C ILE C 167 -1.63 -16.34 32.56
N TYR C 168 -2.60 -16.64 33.43
CA TYR C 168 -3.38 -15.57 34.06
C TYR C 168 -2.47 -14.73 34.95
N ARG C 169 -1.62 -15.34 35.78
CA ARG C 169 -0.70 -14.54 36.60
C ARG C 169 0.32 -13.81 35.73
N LEU C 170 0.75 -14.36 34.59
CA LEU C 170 1.77 -13.67 33.80
C LEU C 170 1.17 -12.47 33.07
N THR C 171 -0.12 -12.52 32.75
CA THR C 171 -0.60 -11.77 31.60
C THR C 171 -1.97 -11.11 31.83
N GLY C 172 -2.77 -11.59 32.78
CA GLY C 172 -4.12 -11.04 33.00
C GLY C 172 -5.20 -11.79 32.22
N GLU C 173 -4.79 -12.64 31.29
CA GLU C 173 -5.72 -13.28 30.39
C GLU C 173 -6.11 -14.63 30.97
N HIS C 174 -7.27 -15.08 30.55
CA HIS C 174 -7.85 -16.28 31.09
C HIS C 174 -8.07 -17.27 29.96
N VAL C 175 -7.04 -18.07 29.64
CA VAL C 175 -7.06 -18.90 28.43
C VAL C 175 -6.43 -20.28 28.71
N THR C 176 -6.75 -21.20 27.81
CA THR C 176 -6.11 -22.48 27.72
C THR C 176 -6.06 -22.85 26.24
N ASP C 177 -5.27 -23.86 25.88
CA ASP C 177 -5.19 -24.27 24.48
C ASP C 177 -6.02 -25.52 24.31
N TYR C 178 -6.13 -26.01 23.08
CA TYR C 178 -6.93 -27.18 22.77
C TYR C 178 -6.36 -28.43 23.44
N SER C 179 -5.03 -28.59 23.52
CA SER C 179 -4.48 -29.81 24.13
C SER C 179 -4.85 -29.85 25.61
N ASN C 180 -4.62 -28.79 26.34
CA ASN C 180 -4.89 -28.81 27.77
C ASN C 180 -6.39 -29.01 28.04
N ALA C 181 -7.22 -28.35 27.22
CA ALA C 181 -8.69 -28.44 27.39
C ALA C 181 -9.16 -29.85 27.07
N SER C 182 -8.58 -30.46 26.04
CA SER C 182 -9.00 -31.82 25.68
C SER C 182 -8.96 -32.78 26.89
N ARG C 183 -8.19 -32.44 27.91
CA ARG C 183 -7.92 -33.35 29.08
C ARG C 183 -8.80 -32.99 30.28
N THR C 184 -9.66 -31.98 30.18
CA THR C 184 -10.52 -31.56 31.31
C THR C 184 -11.69 -32.54 31.50
N MET C 185 -11.95 -33.32 30.47
CA MET C 185 -13.15 -34.13 30.32
C MET C 185 -14.43 -33.28 30.25
N LEU C 186 -14.32 -31.99 29.90
CA LEU C 186 -15.47 -31.11 29.70
C LEU C 186 -15.44 -30.51 28.29
N PHE C 187 -14.53 -30.97 27.41
CA PHE C 187 -14.34 -30.28 26.14
C PHE C 187 -14.63 -31.27 25.01
N ASN C 188 -15.38 -30.81 24.01
CA ASN C 188 -15.77 -31.67 22.90
C ASN C 188 -14.66 -31.66 21.84
N ILE C 189 -14.17 -32.84 21.49
CA ILE C 189 -12.92 -33.05 20.74
C ILE C 189 -13.16 -32.84 19.24
N LYS C 190 -14.27 -33.38 18.72
CA LYS C 190 -14.57 -33.28 17.28
C LYS C 190 -15.14 -31.89 17.00
N LYS C 191 -16.07 -31.43 17.81
CA LYS C 191 -16.43 -30.01 17.78
C LYS C 191 -15.30 -29.34 18.55
N LEU C 192 -15.12 -28.04 18.50
CA LEU C 192 -13.93 -27.56 19.18
C LEU C 192 -14.38 -26.58 20.26
N ASP C 193 -15.20 -27.07 21.18
CA ASP C 193 -15.82 -26.19 22.20
C ASP C 193 -16.15 -26.99 23.46
N TRP C 194 -16.22 -26.25 24.57
CA TRP C 194 -16.86 -26.73 25.81
C TRP C 194 -18.24 -27.35 25.50
N ASP C 195 -18.39 -28.65 25.73
CA ASP C 195 -19.60 -29.40 25.52
C ASP C 195 -20.62 -29.14 26.65
N ASP C 196 -21.84 -28.76 26.27
CA ASP C 196 -22.87 -28.31 27.23
C ASP C 196 -23.39 -29.48 28.08
N GLU C 197 -23.60 -30.64 27.47
CA GLU C 197 -24.12 -31.80 28.19
C GLU C 197 -23.17 -32.25 29.31
N LEU C 198 -21.85 -32.31 29.04
CA LEU C 198 -20.86 -32.68 30.08
C LEU C 198 -20.85 -31.60 31.17
N LEU C 199 -20.88 -30.33 30.78
CA LEU C 199 -20.96 -29.20 31.75
C LEU C 199 -22.18 -29.34 32.67
N GLU C 200 -23.35 -29.71 32.13
CA GLU C 200 -24.56 -29.94 32.95
C GLU C 200 -24.29 -31.08 33.94
N LEU C 201 -23.75 -32.18 33.39
CA LEU C 201 -23.56 -33.44 34.09
C LEU C 201 -22.64 -33.30 35.31
N PHE C 202 -21.71 -32.35 35.31
CA PHE C 202 -20.76 -32.16 36.44
C PHE C 202 -21.06 -30.85 37.17
N ASP C 203 -22.20 -30.23 36.87
CA ASP C 203 -22.64 -29.07 37.62
C ASP C 203 -21.64 -27.93 37.47
N ILE C 204 -21.20 -27.69 36.25
CA ILE C 204 -20.20 -26.67 36.01
C ILE C 204 -20.87 -25.43 35.41
N PRO C 205 -20.82 -24.29 36.11
CA PRO C 205 -21.24 -23.02 35.50
C PRO C 205 -20.27 -22.53 34.42
N GLU C 206 -20.78 -22.23 33.23
CA GLU C 206 -20.00 -21.68 32.11
C GLU C 206 -19.09 -20.54 32.59
N SER C 207 -19.54 -19.88 33.63
CA SER C 207 -18.88 -18.76 34.28
C SER C 207 -17.37 -18.97 34.41
N VAL C 208 -16.93 -20.19 34.74
CA VAL C 208 -15.56 -20.39 35.25
C VAL C 208 -14.58 -20.63 34.09
N LEU C 209 -15.10 -21.04 32.93
CA LEU C 209 -14.29 -21.59 31.86
C LEU C 209 -13.38 -20.52 31.27
N PRO C 210 -12.13 -20.88 30.98
CA PRO C 210 -11.26 -20.00 30.19
C PRO C 210 -11.60 -20.07 28.69
N GLU C 211 -11.11 -19.12 27.94
CA GLU C 211 -11.38 -19.13 26.52
C GLU C 211 -10.38 -20.10 25.87
N VAL C 212 -10.87 -21.01 25.04
CA VAL C 212 -10.03 -22.02 24.45
C VAL C 212 -9.45 -21.49 23.14
N ARG C 213 -8.13 -21.59 23.03
CA ARG C 213 -7.40 -20.92 21.97
C ARG C 213 -6.39 -21.89 21.35
N GLU C 214 -5.71 -21.46 20.31
CA GLU C 214 -4.71 -22.27 19.67
C GLU C 214 -3.47 -22.38 20.56
N SER C 215 -2.66 -23.41 20.30
CA SER C 215 -1.47 -23.72 21.09
C SER C 215 -0.33 -22.72 20.86
N SER C 216 -0.40 -22.02 19.72
CA SER C 216 0.65 -21.06 19.25
C SER C 216 -0.02 -19.75 18.82
N GLU C 217 -0.01 -18.77 19.71
CA GLU C 217 -0.71 -17.53 19.50
C GLU C 217 -0.34 -16.59 20.65
N VAL C 218 -0.17 -15.31 20.37
CA VAL C 218 0.09 -14.31 21.42
C VAL C 218 -1.19 -14.15 22.25
N TYR C 219 -1.13 -14.64 23.49
CA TYR C 219 -2.21 -14.54 24.44
C TYR C 219 -2.19 -13.18 25.16
N GLY C 220 -1.04 -12.54 25.22
CA GLY C 220 -0.90 -11.34 26.06
C GLY C 220 0.56 -11.09 26.39
N TYR C 221 0.81 -10.06 27.20
CA TYR C 221 2.17 -9.64 27.52
C TYR C 221 2.40 -9.68 29.04
N THR C 222 3.64 -9.96 29.46
CA THR C 222 4.01 -9.94 30.88
C THR C 222 4.11 -8.49 31.35
N LYS C 223 3.99 -8.29 32.66
CA LYS C 223 4.07 -6.92 33.17
C LYS C 223 5.56 -6.55 33.30
N LYS C 224 5.87 -5.28 33.09
CA LYS C 224 7.26 -4.85 33.08
C LYS C 224 7.87 -5.11 34.46
N GLU C 225 7.05 -5.05 35.50
CA GLU C 225 7.55 -4.98 36.86
C GLU C 225 8.02 -6.38 37.30
N LEU C 226 7.46 -7.47 36.76
CA LEU C 226 7.79 -8.81 37.31
C LEU C 226 8.95 -9.48 36.56
N LEU C 227 9.07 -9.31 35.25
CA LEU C 227 10.18 -9.92 34.49
C LEU C 227 11.25 -8.88 34.10
N GLY C 228 10.85 -7.61 33.98
CA GLY C 228 11.78 -6.57 33.56
C GLY C 228 11.55 -6.20 32.09
N ALA C 229 10.53 -6.78 31.49
CA ALA C 229 10.13 -6.40 30.15
C ALA C 229 8.72 -6.92 29.89
N GLU C 230 8.04 -6.34 28.91
CA GLU C 230 6.74 -6.86 28.52
C GLU C 230 7.01 -7.84 27.39
N ILE C 231 6.84 -9.10 27.71
CA ILE C 231 7.23 -10.17 26.79
C ILE C 231 5.96 -10.91 26.37
N PRO C 232 5.81 -11.22 25.09
CA PRO C 232 4.65 -11.96 24.69
C PRO C 232 4.67 -13.41 25.23
N VAL C 233 3.53 -13.84 25.74
CA VAL C 233 3.31 -15.21 26.16
C VAL C 233 2.49 -15.84 25.02
N SER C 234 3.08 -16.78 24.27
CA SER C 234 2.56 -17.08 22.94
C SER C 234 2.54 -18.58 22.64
N GLY C 235 2.73 -19.42 23.66
CA GLY C 235 2.72 -20.86 23.43
C GLY C 235 2.17 -21.60 24.62
N ASP C 236 1.36 -22.61 24.35
CA ASP C 236 0.70 -23.33 25.39
C ASP C 236 0.30 -24.72 24.88
N ALA C 237 0.77 -25.74 25.58
CA ALA C 237 0.25 -27.12 25.41
C ALA C 237 0.52 -27.95 26.67
N GLY C 238 -0.22 -29.05 26.78
CA GLY C 238 -0.01 -29.97 27.86
C GLY C 238 1.35 -30.63 27.73
N ASP C 239 1.93 -31.06 28.86
CA ASP C 239 3.34 -31.49 28.86
C ASP C 239 3.55 -32.54 27.78
N GLN C 240 2.73 -33.58 27.72
CA GLN C 240 3.05 -34.67 26.80
C GLN C 240 2.86 -34.20 25.35
N GLN C 241 1.91 -33.29 25.10
CA GLN C 241 1.68 -32.83 23.73
C GLN C 241 2.86 -31.93 23.31
N ALA C 242 3.31 -31.09 24.23
CA ALA C 242 4.51 -30.27 24.02
C ALA C 242 5.72 -31.18 23.74
N ALA C 243 5.87 -32.26 24.49
CA ALA C 243 6.98 -33.19 24.22
C ALA C 243 6.85 -33.74 22.80
N LEU C 244 5.63 -34.05 22.35
CA LEU C 244 5.44 -34.56 20.99
C LEU C 244 5.88 -33.51 19.97
N PHE C 245 5.57 -32.24 20.25
CA PHE C 245 5.90 -31.12 19.37
C PHE C 245 7.42 -30.91 19.31
N GLY C 246 8.03 -31.05 20.48
CA GLY C 246 9.43 -30.88 20.65
C GLY C 246 10.24 -31.97 19.98
N GLN C 247 9.65 -33.17 19.87
CA GLN C 247 10.29 -34.24 19.15
C GLN C 247 10.16 -33.99 17.64
N ALA C 248 9.61 -32.86 17.23
CA ALA C 248 9.25 -32.57 15.80
C ALA C 248 8.43 -33.72 15.19
N ALA C 249 7.58 -34.34 16.00
CA ALA C 249 6.67 -35.40 15.53
C ALA C 249 5.47 -34.81 14.76
N PHE C 250 5.73 -34.29 13.56
CA PHE C 250 4.78 -33.39 12.91
C PHE C 250 3.93 -34.16 11.89
N GLU C 251 4.17 -35.45 11.69
CA GLU C 251 3.41 -36.22 10.71
C GLU C 251 2.68 -37.36 11.42
N ALA C 252 1.58 -37.78 10.84
CA ALA C 252 0.82 -38.94 11.26
C ALA C 252 1.76 -40.15 11.33
N GLY C 253 1.67 -40.89 12.45
CA GLY C 253 2.44 -42.11 12.64
C GLY C 253 3.77 -41.89 13.36
N MET C 254 4.08 -40.66 13.73
CA MET C 254 5.30 -40.48 14.50
C MET C 254 4.90 -40.53 15.98
N VAL C 255 5.59 -41.41 16.68
CA VAL C 255 5.28 -41.80 18.04
C VAL C 255 6.30 -41.14 18.97
N LYS C 256 5.87 -40.68 20.10
CA LYS C 256 6.87 -40.30 21.05
C LYS C 256 6.61 -41.02 22.38
N ALA C 257 7.62 -41.75 22.81
CA ALA C 257 7.57 -42.51 24.04
C ALA C 257 8.44 -41.82 25.11
N THR C 258 7.83 -41.47 26.23
CA THR C 258 8.54 -40.93 27.38
C THR C 258 8.72 -42.08 28.37
N TYR C 259 9.97 -42.48 28.60
CA TYR C 259 10.32 -43.47 29.61
C TYR C 259 10.67 -42.77 30.93
N GLY C 260 9.92 -43.04 31.96
CA GLY C 260 10.25 -42.64 33.33
C GLY C 260 9.90 -43.76 34.29
N THR C 261 9.34 -43.47 35.47
CA THR C 261 8.98 -44.56 36.40
C THR C 261 7.88 -45.40 35.73
N GLY C 262 6.95 -44.71 35.06
CA GLY C 262 6.05 -45.29 34.08
C GLY C 262 6.34 -44.73 32.69
N SER C 263 5.44 -44.95 31.75
CA SER C 263 5.59 -44.41 30.41
C SER C 263 4.33 -43.63 29.99
N PHE C 264 4.56 -42.61 29.17
CA PHE C 264 3.53 -41.95 28.34
C PHE C 264 3.91 -42.06 26.86
N ILE C 265 3.01 -42.56 26.04
CA ILE C 265 3.29 -42.77 24.63
C ILE C 265 2.17 -42.10 23.82
N LEU C 266 2.52 -41.16 22.94
CA LEU C 266 1.55 -40.47 22.12
C LEU C 266 1.94 -40.66 20.65
N VAL C 267 0.94 -40.81 19.78
CA VAL C 267 1.22 -40.83 18.35
C VAL C 267 0.41 -39.70 17.70
N ASN C 268 1.01 -39.03 16.72
CA ASN C 268 0.34 -37.97 15.99
C ASN C 268 -0.57 -38.66 14.96
N THR C 269 -1.86 -38.30 14.97
CA THR C 269 -2.82 -38.83 13.97
C THR C 269 -3.27 -37.71 13.01
N ASP C 270 -2.63 -36.54 13.09
CA ASP C 270 -2.83 -35.44 12.13
C ASP C 270 -4.32 -35.03 12.20
N GLU C 271 -5.04 -35.04 11.06
CA GLU C 271 -6.41 -34.49 10.97
C GLU C 271 -7.44 -35.56 11.36
N MET C 272 -7.04 -36.83 11.42
CA MET C 272 -7.94 -37.96 11.75
C MET C 272 -8.20 -38.01 13.27
N VAL C 273 -9.46 -38.13 13.66
CA VAL C 273 -9.85 -38.46 15.03
C VAL C 273 -10.11 -39.97 15.12
N LEU C 274 -9.23 -40.68 15.83
CA LEU C 274 -9.26 -42.11 15.87
C LEU C 274 -9.65 -42.56 17.28
N TYR C 275 -10.36 -43.69 17.31
CA TYR C 275 -10.93 -44.22 18.55
C TYR C 275 -10.44 -45.66 18.76
N SER C 276 -10.13 -45.95 20.02
CA SER C 276 -9.69 -47.27 20.47
C SER C 276 -10.30 -47.55 21.85
N ASP C 277 -10.54 -48.83 22.11
CA ASP C 277 -10.95 -49.30 23.43
C ASP C 277 -9.74 -49.25 24.36
N ASN C 278 -8.54 -49.36 23.81
CA ASN C 278 -7.31 -49.51 24.59
C ASN C 278 -6.53 -48.19 24.72
N LEU C 279 -7.02 -47.08 24.12
CA LEU C 279 -6.24 -45.82 24.12
C LEU C 279 -7.16 -44.63 24.36
N LEU C 280 -6.54 -43.54 24.84
CA LEU C 280 -7.18 -42.26 24.88
C LEU C 280 -7.05 -41.60 23.49
N THR C 281 -8.09 -40.84 23.12
CA THR C 281 -8.08 -39.97 21.98
C THR C 281 -7.99 -38.55 22.53
N THR C 282 -7.02 -37.77 22.06
CA THR C 282 -6.80 -36.47 22.68
C THR C 282 -6.39 -35.50 21.57
N ILE C 283 -6.28 -34.23 21.91
CA ILE C 283 -5.78 -33.24 20.96
C ILE C 283 -4.26 -33.06 21.15
N ALA C 284 -3.52 -33.12 20.02
CA ALA C 284 -2.05 -32.86 19.97
C ALA C 284 -1.77 -31.36 20.15
N TRP C 285 -2.28 -30.56 19.23
CA TRP C 285 -2.15 -29.12 19.32
C TRP C 285 -3.08 -28.51 18.27
N GLY C 286 -3.16 -27.19 18.38
CA GLY C 286 -3.86 -26.29 17.46
C GLY C 286 -2.87 -25.29 16.92
N LEU C 287 -2.66 -25.24 15.62
CA LEU C 287 -1.64 -24.36 15.00
C LEU C 287 -2.08 -23.98 13.57
N ASN C 288 -1.96 -22.70 13.25
CA ASN C 288 -2.31 -22.11 11.92
C ASN C 288 -3.73 -22.50 11.49
N GLY C 289 -4.69 -22.47 12.38
CA GLY C 289 -6.08 -22.82 12.07
C GLY C 289 -6.32 -24.31 11.93
N ARG C 290 -5.34 -25.16 12.13
CA ARG C 290 -5.62 -26.60 12.04
C ARG C 290 -5.39 -27.24 13.42
N VAL C 291 -6.15 -28.28 13.72
CA VAL C 291 -5.97 -29.05 14.93
C VAL C 291 -5.43 -30.41 14.52
N SER C 292 -4.40 -30.85 15.21
CA SER C 292 -3.91 -32.20 15.04
C SER C 292 -4.33 -33.02 16.25
N TYR C 293 -4.58 -34.30 16.02
CA TYR C 293 -5.07 -35.18 17.06
C TYR C 293 -3.98 -36.21 17.39
N ALA C 294 -4.24 -36.98 18.45
CA ALA C 294 -3.29 -38.04 18.92
C ALA C 294 -4.04 -39.21 19.57
N LEU C 295 -3.36 -40.35 19.60
CA LEU C 295 -3.70 -41.44 20.50
C LEU C 295 -2.65 -41.51 21.62
N GLU C 296 -3.09 -41.80 22.83
CA GLU C 296 -2.24 -41.80 24.00
C GLU C 296 -2.49 -43.09 24.78
N GLY C 297 -1.41 -43.80 25.08
CA GLY C 297 -1.42 -44.92 26.00
C GLY C 297 -0.39 -44.70 27.10
N SER C 298 -0.63 -45.30 28.27
CA SER C 298 0.34 -45.24 29.35
C SER C 298 0.54 -46.63 30.00
N ILE C 299 1.60 -46.68 30.77
CA ILE C 299 2.06 -47.85 31.51
C ILE C 299 2.53 -47.38 32.87
N PHE C 300 1.95 -47.92 33.95
CA PHE C 300 2.30 -47.52 35.31
C PHE C 300 3.74 -47.88 35.68
N VAL C 301 4.22 -49.04 35.26
CA VAL C 301 5.55 -49.49 35.71
C VAL C 301 6.43 -49.81 34.50
N THR C 302 7.44 -48.97 34.26
CA THR C 302 8.49 -49.34 33.32
C THR C 302 9.85 -49.14 34.05
N GLY C 303 10.24 -47.89 34.19
CA GLY C 303 11.52 -47.57 34.82
C GLY C 303 11.53 -48.01 36.28
N ALA C 304 10.35 -48.06 36.89
CA ALA C 304 10.19 -48.47 38.31
C ALA C 304 10.63 -49.92 38.50
N ALA C 305 10.62 -50.69 37.44
CA ALA C 305 11.11 -52.06 37.51
C ALA C 305 12.64 -52.07 37.67
N VAL C 306 13.33 -51.07 37.09
CA VAL C 306 14.80 -50.94 37.22
C VAL C 306 15.08 -50.43 38.63
N GLN C 307 14.26 -49.50 39.09
CA GLN C 307 14.38 -49.02 40.50
C GLN C 307 14.21 -50.21 41.46
N TRP C 308 13.27 -51.11 41.15
CA TRP C 308 13.05 -52.29 41.99
C TRP C 308 14.35 -53.12 42.05
N LEU C 309 15.00 -53.33 40.92
CA LEU C 309 16.30 -54.01 40.88
C LEU C 309 17.29 -53.34 41.85
N ARG C 310 17.16 -52.03 41.96
CA ARG C 310 18.13 -51.25 42.63
C ARG C 310 17.78 -51.13 44.10
N ASP C 311 16.51 -50.86 44.43
CA ASP C 311 16.09 -50.57 45.82
C ASP C 311 15.30 -51.75 46.44
N GLY C 312 14.84 -52.72 45.65
CA GLY C 312 14.07 -53.83 46.20
C GLY C 312 14.97 -55.01 46.56
N ILE C 313 15.38 -55.76 45.54
CA ILE C 313 16.27 -56.89 45.72
C ILE C 313 17.73 -56.45 45.65
N LYS C 314 18.02 -55.25 45.18
CA LYS C 314 19.34 -54.63 45.38
C LYS C 314 20.43 -55.46 44.70
N ILE C 315 20.27 -55.74 43.41
CA ILE C 315 21.26 -56.48 42.62
C ILE C 315 22.01 -55.52 41.68
N ILE C 316 21.71 -54.22 41.71
CA ILE C 316 22.51 -53.18 41.05
C ILE C 316 22.56 -51.98 41.99
N LYS C 317 23.62 -51.17 41.84
CA LYS C 317 23.77 -49.90 42.59
C LYS C 317 23.18 -48.72 41.78
N HIS C 318 23.22 -48.82 40.45
CA HIS C 318 22.75 -47.74 39.54
C HIS C 318 22.02 -48.32 38.34
N ALA C 319 20.96 -47.62 37.92
CA ALA C 319 20.14 -47.94 36.77
C ALA C 319 21.02 -48.19 35.53
N SER C 320 22.08 -47.42 35.34
CA SER C 320 22.89 -47.57 34.12
C SER C 320 23.65 -48.91 34.10
N GLU C 321 23.86 -49.56 35.24
CA GLU C 321 24.56 -50.87 35.23
C GLU C 321 23.76 -51.93 34.46
N THR C 322 22.48 -51.72 34.17
CA THR C 322 21.73 -52.74 33.49
C THR C 322 22.19 -52.87 32.03
N GLU C 323 22.81 -51.81 31.51
CA GLU C 323 23.30 -51.83 30.13
C GLU C 323 24.41 -52.88 30.01
N GLU C 324 25.42 -52.73 30.86
CA GLU C 324 26.61 -53.61 31.00
C GLU C 324 26.17 -55.07 31.24
N LEU C 325 25.37 -55.29 32.30
CA LEU C 325 24.85 -56.62 32.63
C LEU C 325 24.11 -57.25 31.46
N ALA C 326 23.21 -56.52 30.77
CA ALA C 326 22.39 -57.14 29.74
C ALA C 326 23.19 -57.49 28.47
N THR C 327 24.21 -56.65 28.15
CA THR C 327 25.08 -56.81 26.98
C THR C 327 25.98 -58.03 27.14
N LYS C 328 26.24 -58.47 28.37
CA LYS C 328 26.96 -59.72 28.64
C LYS C 328 26.32 -60.89 27.89
N LEU C 329 25.03 -60.86 27.57
CA LEU C 329 24.36 -62.08 27.05
C LEU C 329 24.00 -61.92 25.58
N GLU C 330 23.90 -63.03 24.85
CA GLU C 330 23.52 -63.01 23.43
C GLU C 330 22.00 -63.00 23.28
N SER C 331 21.26 -63.44 24.30
CA SER C 331 19.81 -63.46 24.31
C SER C 331 19.33 -63.49 25.77
N ASN C 332 18.02 -63.45 25.95
CA ASN C 332 17.44 -63.55 27.29
C ASN C 332 17.56 -64.99 27.82
N GLU C 333 17.95 -65.95 26.97
CA GLU C 333 18.13 -67.38 27.35
C GLU C 333 16.88 -67.91 28.06
N GLY C 334 15.69 -67.50 27.64
CA GLY C 334 14.41 -68.03 28.18
C GLY C 334 13.92 -67.32 29.45
N VAL C 335 14.67 -66.35 29.99
CA VAL C 335 14.23 -65.63 31.17
C VAL C 335 13.47 -64.36 30.77
N TYR C 336 12.26 -64.20 31.33
CA TYR C 336 11.40 -63.03 31.13
C TYR C 336 10.95 -62.47 32.49
N PHE C 337 10.60 -61.19 32.50
CA PHE C 337 10.13 -60.52 33.69
C PHE C 337 9.01 -59.57 33.28
N VAL C 338 7.80 -59.86 33.77
CA VAL C 338 6.64 -59.04 33.56
C VAL C 338 6.44 -58.25 34.86
N PRO C 339 6.90 -57.00 34.90
CA PRO C 339 6.82 -56.22 36.12
C PRO C 339 5.43 -55.62 36.37
N ALA C 340 4.42 -56.48 36.43
CA ALA C 340 3.03 -56.08 36.68
C ALA C 340 2.80 -55.87 38.18
N PHE C 341 3.55 -54.95 38.78
CA PHE C 341 3.51 -54.70 40.18
C PHE C 341 2.09 -54.27 40.57
N VAL C 342 1.44 -53.49 39.71
CA VAL C 342 0.09 -53.02 40.06
C VAL C 342 -0.88 -53.37 38.93
N GLY C 343 -0.65 -54.51 38.28
CA GLY C 343 -1.56 -55.05 37.29
C GLY C 343 -1.02 -54.85 35.88
N LEU C 344 -1.82 -55.28 34.91
CA LEU C 344 -1.58 -55.06 33.47
C LEU C 344 -2.60 -54.04 32.97
N GLY C 345 -2.13 -53.06 32.17
CA GLY C 345 -3.00 -52.16 31.41
C GLY C 345 -3.24 -52.71 30.01
N ALA C 346 -3.36 -51.82 29.02
CA ALA C 346 -3.73 -52.25 27.65
C ALA C 346 -2.69 -53.24 27.09
N PRO C 347 -3.11 -54.24 26.32
CA PRO C 347 -4.52 -54.61 26.05
C PRO C 347 -5.14 -55.67 26.97
N TYR C 348 -4.44 -56.08 28.04
CA TYR C 348 -4.87 -57.20 28.87
C TYR C 348 -5.87 -56.72 29.94
N TRP C 349 -5.72 -55.51 30.44
CA TRP C 349 -6.62 -54.93 31.46
C TRP C 349 -6.89 -55.96 32.57
N ASP C 350 -5.92 -56.15 33.47
CA ASP C 350 -6.13 -57.04 34.57
C ASP C 350 -5.48 -56.44 35.82
N GLN C 351 -6.27 -55.81 36.67
CA GLN C 351 -5.79 -55.23 37.94
C GLN C 351 -5.22 -56.32 38.87
N PHE C 352 -5.43 -57.60 38.57
CA PHE C 352 -5.06 -58.66 39.50
C PHE C 352 -3.72 -59.30 39.11
N ALA C 353 -3.17 -58.98 37.95
CA ALA C 353 -1.87 -59.51 37.61
C ALA C 353 -0.87 -58.96 38.61
N ARG C 354 0.15 -59.78 38.88
CA ARG C 354 1.30 -59.36 39.67
C ARG C 354 2.56 -59.75 38.93
N GLY C 355 3.71 -59.31 39.47
CA GLY C 355 4.97 -59.47 38.77
C GLY C 355 5.45 -60.92 38.79
N ILE C 356 5.98 -61.35 37.64
CA ILE C 356 6.51 -62.69 37.48
C ILE C 356 7.89 -62.63 36.78
N ILE C 357 8.82 -63.40 37.35
CA ILE C 357 10.06 -63.77 36.73
C ILE C 357 10.03 -65.28 36.44
N ILE C 358 10.26 -65.65 35.20
CA ILE C 358 10.06 -67.04 34.79
C ILE C 358 11.17 -67.47 33.81
N GLY C 359 11.51 -68.76 33.89
CA GLY C 359 12.62 -69.33 33.11
C GLY C 359 13.85 -69.53 33.94
N ILE C 360 13.73 -69.55 35.27
CA ILE C 360 14.88 -69.60 36.14
C ILE C 360 15.48 -71.01 36.19
N THR C 361 16.81 -71.06 36.07
CA THR C 361 17.63 -72.28 36.15
C THR C 361 18.79 -71.98 37.08
N ARG C 362 19.62 -72.97 37.33
CA ARG C 362 20.74 -72.85 38.25
C ARG C 362 21.69 -71.73 37.79
N GLY C 363 21.81 -71.52 36.48
CA GLY C 363 22.73 -70.51 36.02
C GLY C 363 22.06 -69.15 35.78
N THR C 364 20.80 -68.94 36.19
CA THR C 364 20.21 -67.59 36.04
C THR C 364 20.97 -66.64 36.96
N GLY C 365 21.51 -65.58 36.37
CA GLY C 365 22.32 -64.58 37.09
C GLY C 365 21.69 -63.18 37.09
N ARG C 366 22.41 -62.26 37.72
CA ARG C 366 22.09 -60.84 37.73
C ARG C 366 21.94 -60.30 36.31
N GLU C 367 22.69 -60.88 35.39
CA GLU C 367 22.75 -60.45 34.02
C GLU C 367 21.39 -60.73 33.37
N HIS C 368 20.82 -61.89 33.71
CA HIS C 368 19.54 -62.29 33.11
C HIS C 368 18.42 -61.39 33.63
N LEU C 369 18.46 -61.05 34.92
CA LEU C 369 17.39 -60.22 35.47
C LEU C 369 17.47 -58.78 34.93
N ALA C 370 18.66 -58.25 34.78
CA ALA C 370 18.80 -56.92 34.23
C ALA C 370 18.29 -56.92 32.77
N ARG C 371 18.67 -57.95 32.03
CA ARG C 371 18.30 -58.00 30.65
C ARG C 371 16.78 -58.20 30.52
N ALA C 372 16.21 -59.09 31.34
CA ALA C 372 14.77 -59.32 31.31
C ALA C 372 14.02 -58.00 31.54
N THR C 373 14.50 -57.24 32.49
CA THR C 373 13.87 -55.97 32.90
C THR C 373 13.88 -54.97 31.74
N LEU C 374 15.02 -54.84 31.07
CA LEU C 374 15.12 -53.91 29.92
C LEU C 374 14.29 -54.44 28.74
N GLU C 375 14.35 -55.74 28.45
CA GLU C 375 13.45 -56.32 27.47
C GLU C 375 11.99 -56.02 27.87
N ALA C 376 11.64 -56.16 29.15
CA ALA C 376 10.25 -55.93 29.56
C ALA C 376 9.79 -54.52 29.13
N ILE C 377 10.56 -53.48 29.50
CA ILE C 377 10.23 -52.07 29.16
C ILE C 377 9.99 -51.96 27.65
N ALA C 378 10.80 -52.63 26.85
CA ALA C 378 10.61 -52.63 25.40
C ALA C 378 9.34 -53.39 24.98
N TYR C 379 9.06 -54.55 25.57
CA TYR C 379 7.83 -55.30 25.25
C TYR C 379 6.58 -54.52 25.69
N LEU C 380 6.64 -53.91 26.88
CA LEU C 380 5.47 -53.16 27.36
C LEU C 380 5.20 -51.95 26.44
N THR C 381 6.26 -51.36 25.89
CA THR C 381 6.13 -50.28 24.90
C THR C 381 5.52 -50.82 23.60
N ARG C 382 6.02 -51.94 23.11
CA ARG C 382 5.45 -52.56 21.90
C ARG C 382 3.96 -52.91 22.12
N ASP C 383 3.56 -53.38 23.31
CA ASP C 383 2.15 -53.61 23.62
C ASP C 383 1.31 -52.36 23.33
N VAL C 384 1.77 -51.17 23.76
CA VAL C 384 0.98 -49.94 23.54
C VAL C 384 1.03 -49.55 22.05
N VAL C 385 2.22 -49.58 21.43
CA VAL C 385 2.41 -49.17 20.04
C VAL C 385 1.70 -50.14 19.09
N ASP C 386 1.59 -51.44 19.41
CA ASP C 386 0.84 -52.39 18.54
C ASP C 386 -0.64 -51.98 18.49
N GLU C 387 -1.12 -51.43 19.58
CA GLU C 387 -2.50 -50.99 19.71
C GLU C 387 -2.72 -49.70 18.91
N MET C 388 -1.71 -48.82 18.83
CA MET C 388 -1.80 -47.63 17.98
C MET C 388 -1.73 -48.00 16.50
N GLU C 389 -0.94 -49.03 16.18
CA GLU C 389 -0.63 -49.49 14.80
C GLU C 389 -1.89 -50.06 14.13
N LYS C 390 -2.91 -50.38 14.93
CA LYS C 390 -4.14 -50.91 14.36
C LYS C 390 -4.94 -49.76 13.73
N LEU C 391 -4.61 -48.52 14.08
CA LEU C 391 -5.42 -47.39 13.70
C LEU C 391 -4.63 -46.42 12.81
N VAL C 392 -3.29 -46.45 12.83
CA VAL C 392 -2.45 -45.53 12.04
C VAL C 392 -1.10 -46.22 11.83
N GLN C 393 -0.56 -46.19 10.62
CA GLN C 393 0.76 -46.76 10.38
C GLN C 393 1.81 -46.07 11.29
N ILE C 394 2.71 -46.86 11.86
CA ILE C 394 3.74 -46.32 12.74
C ILE C 394 5.01 -46.16 11.91
N LYS C 395 5.50 -44.93 11.81
CA LYS C 395 6.74 -44.59 11.08
C LYS C 395 7.99 -44.87 11.93
N GLU C 396 7.99 -44.29 13.15
CA GLU C 396 9.19 -44.32 13.97
C GLU C 396 8.83 -43.93 15.41
N LEU C 397 9.76 -44.24 16.30
CA LEU C 397 9.65 -43.86 17.69
C LEU C 397 10.76 -42.84 17.97
N ARG C 398 10.38 -41.67 18.48
CA ARG C 398 11.28 -40.68 19.12
C ARG C 398 11.04 -40.74 20.63
N VAL C 399 12.10 -40.69 21.41
CA VAL C 399 12.10 -41.18 22.76
C VAL C 399 12.71 -40.12 23.68
N ASP C 400 12.21 -40.06 24.89
CA ASP C 400 12.81 -39.20 25.90
C ASP C 400 12.64 -39.83 27.29
N GLY C 401 13.26 -39.19 28.29
CA GLY C 401 13.40 -39.67 29.64
C GLY C 401 14.74 -40.35 29.87
N GLY C 402 15.07 -40.51 31.16
CA GLY C 402 16.39 -40.96 31.62
C GLY C 402 16.81 -42.29 31.00
N ALA C 403 15.91 -43.27 30.96
CA ALA C 403 16.24 -44.63 30.51
C ALA C 403 16.68 -44.61 29.04
N THR C 404 16.44 -43.52 28.29
CA THR C 404 16.81 -43.51 26.85
C THR C 404 18.32 -43.37 26.70
N ALA C 405 19.02 -42.97 27.76
CA ALA C 405 20.52 -43.02 27.75
C ALA C 405 21.04 -44.47 27.62
N ASN C 406 20.20 -45.48 27.81
CA ASN C 406 20.65 -46.90 27.86
C ASN C 406 20.63 -47.47 26.44
N ASP C 407 21.82 -47.64 25.85
CA ASP C 407 21.95 -48.07 24.44
C ASP C 407 21.41 -49.50 24.24
N PHE C 408 21.37 -50.32 25.29
CA PHE C 408 20.85 -51.68 25.10
C PHE C 408 19.33 -51.58 24.97
N LEU C 409 18.70 -50.89 25.90
CA LEU C 409 17.26 -50.71 25.83
C LEU C 409 16.84 -50.16 24.45
N MET C 410 17.56 -49.15 23.97
CA MET C 410 17.12 -48.46 22.75
C MET C 410 17.32 -49.38 21.54
N GLN C 411 18.46 -50.05 21.42
CA GLN C 411 18.62 -50.98 20.29
C GLN C 411 17.52 -52.05 20.37
N PHE C 412 17.26 -52.55 21.57
CA PHE C 412 16.33 -53.68 21.69
C PHE C 412 14.91 -53.20 21.38
N GLN C 413 14.59 -51.94 21.77
CA GLN C 413 13.32 -51.35 21.45
C GLN C 413 13.15 -51.31 19.93
N ALA C 414 14.21 -50.95 19.21
CA ALA C 414 14.13 -50.84 17.76
C ALA C 414 13.96 -52.23 17.16
N ASP C 415 14.71 -53.19 17.70
CA ASP C 415 14.71 -54.57 17.21
C ASP C 415 13.31 -55.15 17.32
N ILE C 416 12.69 -55.00 18.50
CA ILE C 416 11.41 -55.67 18.77
C ILE C 416 10.27 -54.94 18.07
N LEU C 417 10.45 -53.65 17.75
CA LEU C 417 9.39 -52.89 17.02
C LEU C 417 9.56 -53.06 15.50
N ASN C 418 10.71 -53.52 15.05
CA ASN C 418 11.13 -53.34 13.65
C ASN C 418 10.98 -51.87 13.23
N ARG C 419 11.37 -50.90 14.04
CA ARG C 419 11.26 -49.53 13.61
C ARG C 419 12.40 -48.72 14.24
N LYS C 420 12.86 -47.71 13.50
CA LYS C 420 13.91 -46.79 13.96
C LYS C 420 13.49 -46.18 15.30
N VAL C 421 14.45 -46.07 16.20
CA VAL C 421 14.29 -45.36 17.45
C VAL C 421 15.25 -44.18 17.45
N ILE C 422 14.68 -42.98 17.57
CA ILE C 422 15.43 -41.77 17.38
C ILE C 422 15.57 -41.07 18.73
N ARG C 423 16.81 -40.98 19.21
CA ARG C 423 17.15 -40.29 20.45
C ARG C 423 17.63 -38.86 20.13
N PRO C 424 16.89 -37.85 20.54
CA PRO C 424 17.29 -36.46 20.27
C PRO C 424 18.54 -35.98 21.02
N VAL C 425 19.17 -34.92 20.51
CA VAL C 425 20.24 -34.21 21.22
C VAL C 425 19.65 -33.59 22.48
N VAL C 426 18.50 -32.94 22.37
CA VAL C 426 17.96 -32.14 23.46
C VAL C 426 17.13 -33.09 24.31
N LYS C 427 17.33 -33.09 25.62
CA LYS C 427 16.58 -34.03 26.44
C LYS C 427 15.34 -33.35 27.01
N GLU C 428 15.28 -32.03 27.01
CA GLU C 428 14.13 -31.40 27.64
C GLU C 428 13.10 -31.05 26.56
N THR C 429 12.57 -32.12 25.98
CA THR C 429 11.75 -32.04 24.80
C THR C 429 10.42 -31.36 25.16
N THR C 430 9.97 -31.49 26.41
CA THR C 430 8.74 -30.92 26.89
C THR C 430 8.87 -29.41 26.79
N ALA C 431 9.92 -28.88 27.39
CA ALA C 431 10.16 -27.46 27.34
C ALA C 431 10.46 -27.02 25.90
N LEU C 432 11.11 -27.85 25.10
CA LEU C 432 11.48 -27.43 23.76
C LEU C 432 10.23 -27.19 22.91
N GLY C 433 9.22 -28.04 23.05
CA GLY C 433 7.96 -27.93 22.31
C GLY C 433 7.23 -26.64 22.66
N ALA C 434 7.16 -26.30 23.93
CA ALA C 434 6.52 -25.06 24.34
C ALA C 434 7.25 -23.87 23.68
N ALA C 435 8.58 -24.00 23.59
CA ALA C 435 9.43 -22.96 22.98
C ALA C 435 9.12 -22.87 21.49
N TYR C 436 9.05 -24.01 20.85
CA TYR C 436 8.70 -24.03 19.44
C TYR C 436 7.34 -23.36 19.26
N LEU C 437 6.32 -23.74 20.04
CA LEU C 437 4.98 -23.13 19.88
C LEU C 437 5.06 -21.62 20.03
N ALA C 438 5.74 -21.14 21.07
CA ALA C 438 5.81 -19.70 21.37
C ALA C 438 6.57 -18.98 20.27
N GLY C 439 7.71 -19.56 19.87
CA GLY C 439 8.54 -18.90 18.88
C GLY C 439 7.85 -18.81 17.52
N LEU C 440 7.11 -19.83 17.11
CA LEU C 440 6.40 -19.79 15.82
C LEU C 440 5.44 -18.59 15.77
N ALA C 441 4.82 -18.23 16.91
CA ALA C 441 3.82 -17.19 16.93
C ALA C 441 4.47 -15.82 16.71
N VAL C 442 5.79 -15.71 16.92
CA VAL C 442 6.46 -14.43 16.83
C VAL C 442 7.51 -14.52 15.72
N ASP C 443 7.37 -15.51 14.83
CA ASP C 443 8.31 -15.75 13.71
C ASP C 443 9.76 -15.89 14.19
N TYR C 444 9.97 -16.37 15.42
CA TYR C 444 11.29 -16.79 15.84
C TYR C 444 11.78 -17.92 14.91
N TRP C 445 10.89 -18.87 14.58
CA TRP C 445 11.11 -19.81 13.45
C TRP C 445 10.06 -19.51 12.38
N ALA C 446 10.38 -19.76 11.11
CA ALA C 446 9.49 -19.38 10.01
C ALA C 446 8.30 -20.33 9.94
N ASP C 447 8.51 -21.62 10.27
CA ASP C 447 7.43 -22.60 10.23
C ASP C 447 7.93 -23.91 10.86
N THR C 448 7.06 -24.89 10.94
CA THR C 448 7.39 -26.20 11.46
C THR C 448 8.38 -26.93 10.53
N ARG C 449 8.38 -26.64 9.22
CA ARG C 449 9.31 -27.28 8.27
C ARG C 449 10.74 -26.85 8.62
N GLU C 450 10.92 -25.55 8.92
CA GLU C 450 12.24 -25.11 9.33
C GLU C 450 12.64 -25.89 10.59
N ILE C 451 11.75 -25.95 11.57
CA ILE C 451 12.07 -26.60 12.86
C ILE C 451 12.49 -28.05 12.58
N ALA C 452 11.74 -28.74 11.70
CA ALA C 452 12.01 -30.16 11.45
C ALA C 452 13.39 -30.33 10.81
N GLU C 453 13.70 -29.47 9.84
CA GLU C 453 14.94 -29.54 9.10
C GLU C 453 16.10 -29.15 10.02
N LEU C 454 15.87 -28.32 11.06
CA LEU C 454 16.95 -27.94 12.05
C LEU C 454 17.16 -29.01 13.12
N TRP C 455 16.22 -29.92 13.26
CA TRP C 455 16.15 -30.79 14.44
C TRP C 455 17.21 -31.88 14.38
N LYS C 456 17.84 -32.14 15.53
CA LYS C 456 19.04 -32.98 15.59
C LYS C 456 18.80 -34.19 16.50
N ALA C 457 19.11 -35.37 15.94
CA ALA C 457 19.23 -36.63 16.64
C ALA C 457 20.67 -36.81 17.14
N GLU C 458 20.86 -37.29 18.37
CA GLU C 458 22.19 -37.74 18.78
C GLU C 458 22.38 -39.19 18.34
N ARG C 459 21.32 -39.97 18.17
CA ARG C 459 21.53 -41.30 17.65
C ARG C 459 20.25 -41.86 17.01
N ILE C 460 20.36 -42.48 15.84
CA ILE C 460 19.26 -43.24 15.27
C ILE C 460 19.56 -44.73 15.48
N PHE C 461 18.70 -45.40 16.23
CA PHE C 461 18.81 -46.85 16.46
C PHE C 461 18.07 -47.55 15.33
N GLU C 462 18.77 -48.32 14.55
CA GLU C 462 18.16 -49.00 13.39
C GLU C 462 17.87 -50.46 13.74
N PRO C 463 16.67 -50.96 13.39
CA PRO C 463 16.26 -52.36 13.66
C PRO C 463 17.17 -53.41 12.99
N LYS C 464 17.67 -54.37 13.77
CA LYS C 464 18.61 -55.40 13.28
C LYS C 464 18.10 -56.83 13.52
N MET C 465 16.81 -57.03 13.69
CA MET C 465 16.31 -58.35 14.11
C MET C 465 15.37 -58.87 13.02
N ASP C 466 15.62 -60.07 12.50
CA ASP C 466 14.74 -60.67 11.47
C ASP C 466 13.37 -61.01 12.08
N GLU C 467 12.39 -61.31 11.23
CA GLU C 467 11.00 -61.49 11.69
C GLU C 467 10.90 -62.70 12.62
N LYS C 468 11.59 -63.80 12.30
CA LYS C 468 11.54 -65.02 13.10
C LYS C 468 11.92 -64.72 14.55
N THR C 469 13.07 -64.08 14.74
CA THR C 469 13.56 -63.83 16.09
C THR C 469 12.60 -62.88 16.81
N ARG C 470 12.18 -61.83 16.11
CA ARG C 470 11.29 -60.83 16.66
C ARG C 470 10.01 -61.49 17.19
N GLU C 471 9.41 -62.40 16.42
CA GLU C 471 8.08 -62.89 16.82
C GLU C 471 8.25 -63.96 17.92
N ARG C 472 9.34 -64.72 17.91
CA ARG C 472 9.58 -65.71 18.95
C ARG C 472 9.85 -65.01 20.31
N LEU C 473 10.58 -63.89 20.27
CA LEU C 473 10.88 -63.19 21.49
C LEU C 473 9.58 -62.61 22.05
N TYR C 474 8.73 -62.09 21.17
CA TYR C 474 7.48 -61.41 21.60
C TYR C 474 6.42 -62.45 21.99
N LYS C 475 6.47 -63.62 21.35
CA LYS C 475 5.62 -64.71 21.76
C LYS C 475 5.99 -65.12 23.19
N GLY C 476 7.28 -65.16 23.48
CA GLY C 476 7.70 -65.47 24.87
C GLY C 476 7.10 -64.52 25.87
N TRP C 477 7.14 -63.22 25.56
CA TRP C 477 6.58 -62.16 26.40
C TRP C 477 5.10 -62.39 26.67
N LYS C 478 4.35 -62.60 25.59
CA LYS C 478 2.87 -62.88 25.72
C LYS C 478 2.63 -64.08 26.64
N GLU C 479 3.44 -65.12 26.50
CA GLU C 479 3.24 -66.30 27.32
C GLU C 479 3.52 -65.92 28.77
N ALA C 480 4.60 -65.17 29.01
CA ALA C 480 4.93 -64.80 30.39
C ALA C 480 3.82 -63.89 30.95
N VAL C 481 3.24 -63.06 30.10
CA VAL C 481 2.14 -62.15 30.54
C VAL C 481 0.93 -63.01 30.96
N LYS C 482 0.62 -64.05 30.17
CA LYS C 482 -0.44 -65.03 30.55
C LYS C 482 -0.26 -65.51 32.00
N ARG C 483 0.96 -65.83 32.40
CA ARG C 483 1.17 -66.52 33.65
C ARG C 483 1.20 -65.53 34.82
N ALA C 484 1.31 -64.23 34.55
CA ALA C 484 1.20 -63.21 35.63
C ALA C 484 -0.26 -62.92 35.99
N MET C 485 -1.17 -63.23 35.07
CA MET C 485 -2.55 -62.75 35.18
C MET C 485 -3.30 -63.44 36.34
N GLY C 486 -4.14 -62.67 37.01
CA GLY C 486 -5.06 -63.20 38.00
C GLY C 486 -4.40 -63.50 39.33
N TRP C 487 -3.09 -63.29 39.47
CA TRP C 487 -2.39 -63.77 40.66
C TRP C 487 -3.04 -63.25 41.93
N ALA C 488 -3.49 -62.00 41.94
CA ALA C 488 -3.91 -61.40 43.20
C ALA C 488 -5.29 -61.98 43.60
N LYS C 489 -5.93 -62.76 42.74
CA LYS C 489 -7.12 -63.50 43.18
C LYS C 489 -6.74 -64.85 43.81
N VAL C 490 -5.50 -65.36 43.70
CA VAL C 490 -5.14 -66.64 44.37
C VAL C 490 -4.58 -66.37 45.78
N VAL C 491 -3.93 -65.22 45.99
CA VAL C 491 -3.32 -64.89 47.29
C VAL C 491 -4.17 -63.81 47.96
N GLU D 2 -33.76 -9.29 13.52
CA GLU D 2 -32.99 -10.24 14.46
C GLU D 2 -31.88 -9.44 15.20
N LYS D 3 -30.86 -8.81 14.60
CA LYS D 3 -29.90 -8.04 15.49
C LYS D 3 -29.68 -6.57 15.09
N PHE D 4 -29.10 -5.84 16.05
CA PHE D 4 -29.00 -4.39 16.01
C PHE D 4 -27.64 -3.94 16.58
N VAL D 5 -27.34 -2.64 16.42
CA VAL D 5 -26.11 -2.07 16.91
C VAL D 5 -26.47 -0.92 17.84
N LEU D 6 -25.84 -0.92 19.01
CA LEU D 6 -26.10 0.09 20.03
C LEU D 6 -24.96 1.11 19.91
N SER D 7 -25.30 2.39 19.79
CA SER D 7 -24.31 3.43 19.73
C SER D 7 -24.44 4.35 20.94
N LEU D 8 -23.34 4.67 21.61
CA LEU D 8 -23.36 5.65 22.73
C LEU D 8 -22.68 6.94 22.29
N ASP D 9 -23.39 8.04 22.39
CA ASP D 9 -22.86 9.32 22.01
C ASP D 9 -22.87 10.19 23.27
N GLU D 10 -21.70 10.27 23.91
CA GLU D 10 -21.58 10.93 25.20
C GLU D 10 -21.18 12.38 24.99
N GLY D 11 -22.14 13.27 24.83
CA GLY D 11 -21.83 14.64 24.43
C GLY D 11 -21.48 15.54 25.61
N THR D 12 -21.25 16.79 25.30
CA THR D 12 -20.86 17.77 26.28
C THR D 12 -21.95 17.98 27.35
N THR D 13 -23.23 18.08 26.96
CA THR D 13 -24.26 18.42 27.93
C THR D 13 -25.29 17.30 28.08
N SER D 14 -25.18 16.21 27.29
CA SER D 14 -26.08 15.08 27.46
C SER D 14 -25.48 13.78 26.89
N ALA D 15 -25.91 12.67 27.46
CA ALA D 15 -25.48 11.36 27.01
C ALA D 15 -26.64 10.70 26.27
N ARG D 16 -26.33 10.15 25.13
CA ARG D 16 -27.32 9.67 24.18
C ARG D 16 -27.02 8.20 23.89
N ALA D 17 -28.05 7.43 23.60
CA ALA D 17 -27.88 6.04 23.18
C ALA D 17 -28.92 5.73 22.10
N ILE D 18 -28.46 5.10 21.03
CA ILE D 18 -29.33 4.82 19.91
C ILE D 18 -29.07 3.42 19.38
N ILE D 19 -30.16 2.70 19.16
CA ILE D 19 -30.14 1.40 18.49
C ILE D 19 -30.53 1.60 17.01
N PHE D 20 -29.62 1.18 16.14
CA PHE D 20 -29.71 1.26 14.71
C PHE D 20 -29.85 -0.15 14.13
N ASP D 21 -30.39 -0.25 12.91
CA ASP D 21 -30.31 -1.48 12.13
C ASP D 21 -29.39 -1.27 10.91
N ARG D 22 -29.31 -2.27 10.05
CA ARG D 22 -28.52 -2.27 8.78
C ARG D 22 -28.85 -1.07 7.88
N GLU D 23 -30.12 -0.67 7.87
CA GLU D 23 -30.60 0.43 7.01
C GLU D 23 -30.42 1.79 7.71
N SER D 24 -29.76 1.80 8.88
CA SER D 24 -29.47 3.03 9.64
C SER D 24 -30.77 3.63 10.14
N ASN D 25 -31.80 2.79 10.24
CA ASN D 25 -33.02 3.18 10.94
C ASN D 25 -32.81 3.10 12.44
N ILE D 26 -33.36 4.07 13.14
CA ILE D 26 -33.36 4.10 14.61
C ILE D 26 -34.51 3.23 15.15
N HIS D 27 -34.25 2.45 16.17
CA HIS D 27 -35.31 1.57 16.78
C HIS D 27 -35.58 1.97 18.23
N GLY D 28 -34.57 2.52 18.90
CA GLY D 28 -34.67 2.96 20.26
C GLY D 28 -33.76 4.17 20.45
N ILE D 29 -34.19 5.10 21.27
CA ILE D 29 -33.38 6.24 21.65
C ILE D 29 -33.56 6.45 23.15
N GLY D 30 -32.46 6.75 23.84
CA GLY D 30 -32.47 7.34 25.16
C GLY D 30 -31.58 8.58 25.20
N GLN D 31 -31.91 9.52 26.07
CA GLN D 31 -31.16 10.78 26.16
C GLN D 31 -31.29 11.41 27.56
N TYR D 32 -30.16 11.72 28.22
CA TYR D 32 -30.19 12.39 29.53
C TYR D 32 -29.15 13.52 29.63
N GLU D 33 -29.63 14.75 29.87
CA GLU D 33 -28.74 15.86 30.25
C GLU D 33 -28.05 15.50 31.58
N PHE D 34 -26.91 16.10 31.81
CA PHE D 34 -26.22 15.96 33.10
C PHE D 34 -25.60 17.32 33.46
N PRO D 35 -25.30 17.55 34.76
CA PRO D 35 -24.93 18.92 35.19
C PRO D 35 -23.60 19.45 34.63
N GLN D 36 -23.61 20.71 34.23
CA GLN D 36 -22.38 21.41 33.94
C GLN D 36 -21.91 22.06 35.25
N HIS D 37 -20.64 21.84 35.63
CA HIS D 37 -20.10 22.37 36.89
C HIS D 37 -19.06 23.43 36.55
N TYR D 38 -19.30 24.67 37.01
CA TYR D 38 -18.37 25.79 36.77
C TYR D 38 -17.86 26.32 38.13
N PRO D 39 -16.81 25.70 38.71
CA PRO D 39 -16.36 26.10 40.08
C PRO D 39 -15.75 27.52 40.17
N ARG D 40 -15.28 28.06 39.03
CA ARG D 40 -14.85 29.44 38.91
C ARG D 40 -15.21 29.97 37.51
N PRO D 41 -15.04 31.28 37.29
CA PRO D 41 -15.21 31.81 35.94
C PRO D 41 -14.17 31.21 34.98
N GLY D 42 -14.65 30.68 33.84
CA GLY D 42 -13.80 30.05 32.80
C GLY D 42 -13.49 28.58 33.07
N TRP D 43 -13.85 28.08 34.26
CA TRP D 43 -13.59 26.68 34.66
C TRP D 43 -14.81 25.81 34.36
N VAL D 44 -14.58 24.55 33.96
CA VAL D 44 -15.66 23.67 33.44
C VAL D 44 -15.33 22.22 33.80
N GLU D 45 -16.23 21.58 34.54
CA GLU D 45 -16.02 20.24 35.01
C GLU D 45 -17.28 19.38 34.83
N HIS D 46 -17.09 18.08 34.64
CA HIS D 46 -18.18 17.13 34.78
C HIS D 46 -17.83 16.14 35.89
N ASN D 47 -18.84 15.70 36.62
CA ASN D 47 -18.69 14.53 37.46
C ASN D 47 -18.81 13.29 36.57
N PRO D 48 -17.75 12.47 36.49
CA PRO D 48 -17.85 11.22 35.73
C PRO D 48 -19.02 10.31 36.13
N GLU D 49 -19.40 10.28 37.42
CA GLU D 49 -20.50 9.40 37.86
C GLU D 49 -21.83 9.92 37.32
N GLU D 50 -21.96 11.23 37.14
CA GLU D 50 -23.16 11.82 36.58
C GLU D 50 -23.21 11.47 35.09
N ILE D 51 -22.06 11.50 34.40
CA ILE D 51 -22.00 11.16 32.99
C ILE D 51 -22.42 9.69 32.86
N TRP D 52 -21.79 8.85 33.67
CA TRP D 52 -22.05 7.42 33.66
C TRP D 52 -23.54 7.14 33.90
N ASP D 53 -24.12 7.79 34.88
CA ASP D 53 -25.50 7.54 35.27
C ASP D 53 -26.43 7.99 34.13
N ALA D 54 -26.16 9.14 33.54
CA ALA D 54 -26.93 9.59 32.37
C ALA D 54 -26.78 8.59 31.20
N GLN D 55 -25.57 8.08 30.97
CA GLN D 55 -25.29 7.24 29.80
C GLN D 55 -25.95 5.86 29.93
N LEU D 56 -26.02 5.36 31.16
CA LEU D 56 -26.60 4.06 31.48
C LEU D 56 -28.13 4.12 31.39
N ARG D 57 -28.74 5.17 31.91
CA ARG D 57 -30.19 5.36 31.79
C ARG D 57 -30.57 5.52 30.30
N ALA D 58 -29.78 6.29 29.55
CA ALA D 58 -30.01 6.42 28.12
C ALA D 58 -29.97 5.05 27.44
N ILE D 59 -28.94 4.27 27.69
CA ILE D 59 -28.89 2.92 27.15
C ILE D 59 -30.19 2.17 27.49
N LYS D 60 -30.63 2.19 28.77
CA LYS D 60 -31.75 1.35 29.15
C LYS D 60 -33.02 1.86 28.45
N ASP D 61 -33.21 3.17 28.35
CA ASP D 61 -34.33 3.69 27.56
C ASP D 61 -34.22 3.25 26.09
N ALA D 62 -33.04 3.32 25.49
CA ALA D 62 -32.92 2.95 24.09
C ALA D 62 -33.31 1.47 23.95
N ILE D 63 -32.84 0.61 24.86
CA ILE D 63 -33.15 -0.81 24.78
C ILE D 63 -34.66 -1.05 25.00
N GLN D 64 -35.23 -0.48 26.07
CA GLN D 64 -36.69 -0.56 26.33
C GLN D 64 -37.50 -0.10 25.11
N SER D 65 -37.29 1.16 24.68
CA SER D 65 -37.81 1.78 23.41
C SER D 65 -37.89 0.79 22.24
N ALA D 66 -36.80 0.06 22.05
CA ALA D 66 -36.63 -0.75 20.85
C ALA D 66 -37.37 -2.10 20.96
N ARG D 67 -37.85 -2.48 22.15
CA ARG D 67 -38.52 -3.78 22.36
C ARG D 67 -37.54 -4.93 22.07
N ILE D 68 -36.29 -4.86 22.53
CA ILE D 68 -35.34 -5.92 22.19
C ILE D 68 -34.74 -6.53 23.45
N GLU D 69 -34.20 -7.73 23.24
CA GLU D 69 -33.38 -8.47 24.20
C GLU D 69 -31.91 -8.02 24.07
N PRO D 70 -31.20 -7.94 25.19
CA PRO D 70 -29.76 -7.65 25.17
C PRO D 70 -29.00 -8.45 24.09
N ASN D 71 -29.30 -9.73 23.90
CA ASN D 71 -28.46 -10.51 22.97
C ASN D 71 -28.89 -10.27 21.51
N GLN D 72 -29.90 -9.46 21.28
CA GLN D 72 -30.11 -8.98 19.92
C GLN D 72 -29.11 -7.85 19.58
N ILE D 73 -28.29 -7.38 20.53
CA ILE D 73 -27.30 -6.31 20.24
C ILE D 73 -25.98 -6.95 19.77
N ALA D 74 -25.62 -6.71 18.51
CA ALA D 74 -24.46 -7.36 17.91
C ALA D 74 -23.15 -6.68 18.34
N ALA D 75 -23.22 -5.40 18.71
CA ALA D 75 -22.03 -4.60 18.96
C ALA D 75 -22.41 -3.21 19.51
N ILE D 76 -21.46 -2.59 20.20
CA ILE D 76 -21.60 -1.30 20.80
C ILE D 76 -20.48 -0.41 20.27
N GLY D 77 -20.85 0.78 19.85
CA GLY D 77 -19.88 1.78 19.44
C GLY D 77 -19.93 2.98 20.37
N VAL D 78 -18.80 3.62 20.51
CA VAL D 78 -18.69 4.63 21.52
C VAL D 78 -18.14 5.89 20.83
N THR D 79 -18.78 7.01 21.11
CA THR D 79 -18.28 8.29 20.64
C THR D 79 -18.55 9.31 21.72
N ASN D 80 -17.87 10.46 21.64
CA ASN D 80 -17.68 11.25 22.86
C ASN D 80 -17.22 12.69 22.56
N GLN D 81 -17.65 13.61 23.39
CA GLN D 81 -16.96 14.90 23.48
C GLN D 81 -15.46 14.61 23.54
N ARG D 82 -14.69 15.29 22.71
CA ARG D 82 -13.25 15.10 22.63
C ARG D 82 -12.53 15.96 23.69
N GLU D 83 -11.23 15.71 23.93
CA GLU D 83 -10.31 16.52 24.76
C GLU D 83 -10.58 16.31 26.27
N THR D 84 -11.83 16.42 26.70
CA THR D 84 -12.17 16.28 28.09
C THR D 84 -11.36 15.16 28.74
N THR D 85 -10.79 15.46 29.92
CA THR D 85 -9.73 14.65 30.50
C THR D 85 -10.18 14.12 31.86
N LEU D 86 -10.10 12.78 32.02
CA LEU D 86 -10.51 12.07 33.25
C LEU D 86 -9.35 11.27 33.83
N VAL D 87 -9.44 10.98 35.14
CA VAL D 87 -8.57 10.01 35.83
C VAL D 87 -9.38 9.18 36.84
N TRP D 88 -9.01 7.91 36.94
CA TRP D 88 -9.70 6.97 37.79
C TRP D 88 -8.74 5.83 38.23
N ASP D 89 -9.22 4.99 39.15
CA ASP D 89 -8.44 3.89 39.75
C ASP D 89 -8.96 2.53 39.27
N LYS D 90 -8.38 1.45 39.80
CA LYS D 90 -8.59 0.10 39.27
C LYS D 90 -10.08 -0.30 39.32
N ASP D 91 -10.86 0.15 40.31
CA ASP D 91 -12.28 -0.27 40.37
C ASP D 91 -13.18 0.84 39.78
N GLY D 92 -12.67 1.57 38.80
CA GLY D 92 -13.51 2.46 38.00
C GLY D 92 -13.84 3.77 38.71
N LYS D 93 -13.31 3.98 39.90
CA LYS D 93 -13.64 5.17 40.67
C LYS D 93 -12.83 6.36 40.15
N PRO D 94 -13.51 7.49 39.84
CA PRO D 94 -12.82 8.73 39.46
C PRO D 94 -12.04 9.32 40.65
N LEU D 95 -10.81 9.78 40.41
CA LEU D 95 -9.97 10.40 41.44
C LEU D 95 -10.13 11.93 41.42
N TYR D 96 -11.09 12.43 40.63
CA TYR D 96 -11.42 13.87 40.51
C TYR D 96 -12.59 14.03 39.52
N ASN D 97 -13.10 15.25 39.36
CA ASN D 97 -13.98 15.56 38.27
C ASN D 97 -13.18 15.49 36.96
N ALA D 98 -13.89 15.36 35.83
CA ALA D 98 -13.28 15.53 34.48
C ALA D 98 -13.06 17.02 34.22
N ILE D 99 -11.98 17.36 33.52
CA ILE D 99 -11.85 18.72 33.04
C ILE D 99 -12.27 18.79 31.57
N VAL D 100 -13.27 19.64 31.32
CA VAL D 100 -14.01 19.66 30.07
C VAL D 100 -13.15 20.38 29.04
N TRP D 101 -13.33 20.03 27.79
CA TRP D 101 -12.64 20.70 26.69
C TRP D 101 -12.82 22.22 26.70
N GLN D 102 -13.87 22.70 27.37
CA GLN D 102 -14.27 24.11 27.43
C GLN D 102 -13.45 24.88 28.47
N CYS D 103 -12.89 24.16 29.45
CA CYS D 103 -12.21 24.72 30.63
C CYS D 103 -10.93 25.47 30.23
N ARG D 104 -10.84 26.71 30.70
CA ARG D 104 -9.72 27.60 30.42
C ARG D 104 -8.75 27.65 31.62
N ARG D 105 -8.92 26.78 32.62
CA ARG D 105 -8.11 26.86 33.86
C ARG D 105 -6.62 26.80 33.53
N THR D 106 -6.28 26.21 32.39
CA THR D 106 -4.92 25.83 32.07
C THR D 106 -4.35 26.81 31.03
N ALA D 107 -5.06 27.93 30.77
CA ALA D 107 -4.68 28.87 29.67
C ALA D 107 -3.32 29.52 29.96
N GLU D 108 -3.08 29.86 31.23
CA GLU D 108 -1.81 30.48 31.64
C GLU D 108 -0.66 29.51 31.35
N MET D 109 -0.75 28.33 31.98
CA MET D 109 0.21 27.24 31.84
C MET D 109 0.58 27.01 30.37
N VAL D 110 -0.40 27.08 29.47
CA VAL D 110 -0.22 26.85 28.03
C VAL D 110 0.48 28.03 27.35
N GLU D 111 0.29 29.24 27.88
CA GLU D 111 0.73 30.46 27.17
C GLU D 111 2.27 30.57 27.13
N GLU D 112 2.95 30.25 28.23
CA GLU D 112 4.42 30.33 28.24
C GLU D 112 5.03 29.12 27.49
N ILE D 113 4.33 27.98 27.51
CA ILE D 113 4.79 26.78 26.80
C ILE D 113 4.86 27.06 25.30
N LYS D 114 4.01 27.96 24.81
CA LYS D 114 3.78 28.10 23.38
C LYS D 114 4.91 28.90 22.74
N ARG D 115 5.46 29.84 23.52
CA ARG D 115 6.57 30.72 23.10
C ARG D 115 7.77 29.86 22.69
N GLU D 116 8.10 28.86 23.50
CA GLU D 116 9.25 27.97 23.24
C GLU D 116 8.84 26.79 22.33
N TYR D 117 7.85 26.03 22.77
CA TYR D 117 7.58 24.70 22.23
C TYR D 117 6.40 24.71 21.24
N GLY D 118 5.86 25.89 20.94
CA GLY D 118 4.63 25.98 20.15
C GLY D 118 4.72 25.31 18.79
N THR D 119 5.92 25.30 18.21
CA THR D 119 6.07 24.95 16.80
C THR D 119 6.37 23.46 16.64
N MET D 120 7.02 22.80 17.60
CA MET D 120 7.21 21.34 17.48
C MET D 120 5.93 20.61 17.90
N ILE D 121 5.14 21.19 18.80
CA ILE D 121 3.83 20.63 19.11
C ILE D 121 2.97 20.65 17.83
N LYS D 122 2.91 21.76 17.11
CA LYS D 122 2.13 21.73 15.86
C LYS D 122 2.66 20.67 14.88
N GLU D 123 3.97 20.46 14.72
CA GLU D 123 4.41 19.47 13.72
C GLU D 123 4.16 18.04 14.23
N LYS D 124 4.22 17.81 15.54
CA LYS D 124 4.13 16.47 16.09
C LYS D 124 2.67 16.01 16.10
N THR D 125 1.86 16.79 16.82
CA THR D 125 0.42 16.69 16.77
C THR D 125 0.02 17.61 15.63
N GLY D 126 -1.22 17.62 15.18
CA GLY D 126 -1.55 18.65 14.18
C GLY D 126 -2.15 19.92 14.79
N LEU D 127 -1.81 20.21 16.05
CA LEU D 127 -2.58 21.16 16.86
C LEU D 127 -1.75 22.41 17.22
N VAL D 128 -2.38 23.59 17.20
CA VAL D 128 -1.80 24.75 17.88
C VAL D 128 -2.02 24.58 19.39
N PRO D 129 -0.96 24.67 20.20
CA PRO D 129 -1.12 24.59 21.66
C PRO D 129 -2.25 25.48 22.17
N ASP D 130 -3.06 24.92 23.06
CA ASP D 130 -4.27 25.56 23.54
C ASP D 130 -4.77 24.76 24.74
N ALA D 131 -5.29 25.46 25.73
CA ALA D 131 -5.96 24.84 26.92
C ALA D 131 -7.06 23.85 26.50
N TYR D 132 -7.58 24.01 25.29
CA TYR D 132 -8.56 23.11 24.61
C TYR D 132 -8.18 21.63 24.84
N PHE D 133 -6.95 21.24 24.55
CA PHE D 133 -6.58 19.84 24.45
C PHE D 133 -6.16 19.25 25.82
N SER D 134 -6.10 17.92 25.86
CA SER D 134 -5.97 17.15 27.08
C SER D 134 -4.62 17.39 27.79
N ALA D 135 -3.53 17.63 27.06
CA ALA D 135 -2.17 17.53 27.68
C ALA D 135 -2.10 18.37 28.95
N SER D 136 -2.34 19.68 28.81
CA SER D 136 -2.25 20.63 29.93
C SER D 136 -3.22 20.26 31.04
N LYS D 137 -4.40 19.75 30.68
CA LYS D 137 -5.40 19.47 31.70
C LYS D 137 -4.94 18.27 32.55
N LEU D 138 -4.20 17.37 31.94
CA LEU D 138 -3.71 16.18 32.64
C LEU D 138 -2.52 16.55 33.56
N LYS D 139 -1.57 17.31 33.02
CA LYS D 139 -0.57 18.02 33.88
C LYS D 139 -1.28 18.61 35.10
N TRP D 140 -2.33 19.43 34.90
CA TRP D 140 -3.00 20.12 36.02
C TRP D 140 -3.48 19.14 37.08
N LEU D 141 -3.90 17.93 36.68
CA LEU D 141 -4.51 17.02 37.65
C LEU D 141 -3.42 16.44 38.54
N LEU D 142 -2.34 16.07 37.85
CA LEU D 142 -1.13 15.53 38.44
C LEU D 142 -0.54 16.54 39.45
N ASP D 143 -0.58 17.83 39.14
CA ASP D 143 0.12 18.88 39.92
C ASP D 143 -0.83 19.57 40.91
N ASN D 144 -2.10 19.17 41.04
CA ASN D 144 -2.99 19.89 41.96
C ASN D 144 -3.88 18.93 42.76
N VAL D 145 -4.06 17.68 42.33
CA VAL D 145 -4.92 16.75 43.06
C VAL D 145 -4.07 16.07 44.14
N PRO D 146 -4.50 16.16 45.43
CA PRO D 146 -3.85 15.49 46.55
C PRO D 146 -3.41 14.06 46.21
N GLY D 147 -2.11 13.79 46.27
CA GLY D 147 -1.57 12.43 46.24
C GLY D 147 -1.78 11.72 44.91
N LEU D 148 -2.06 12.47 43.85
CA LEU D 148 -2.35 11.86 42.53
C LEU D 148 -1.04 11.52 41.81
N ARG D 149 -0.12 12.48 41.75
CA ARG D 149 1.16 12.25 41.10
C ARG D 149 1.82 10.99 41.67
N GLU D 150 1.68 10.78 42.99
CA GLU D 150 2.38 9.69 43.69
C GLU D 150 1.76 8.34 43.30
N LYS D 151 0.43 8.27 43.37
CA LYS D 151 -0.32 7.11 42.87
C LYS D 151 0.03 6.86 41.39
N ALA D 152 0.20 7.91 40.60
CA ALA D 152 0.51 7.75 39.16
C ALA D 152 2.00 7.41 38.96
N GLU D 153 2.85 7.65 39.97
CA GLU D 153 4.26 7.26 39.87
C GLU D 153 4.35 5.74 39.78
N LYS D 154 3.59 5.04 40.63
CA LYS D 154 3.31 3.62 40.37
C LYS D 154 2.21 3.54 39.30
N GLY D 155 1.82 2.31 38.93
CA GLY D 155 0.77 2.14 37.94
C GLY D 155 -0.60 2.02 38.59
N GLU D 156 -1.02 3.03 39.36
CA GLU D 156 -2.31 2.95 40.08
C GLU D 156 -3.35 3.93 39.48
N VAL D 157 -2.97 4.76 38.51
CA VAL D 157 -3.87 5.83 38.03
C VAL D 157 -4.10 5.69 36.52
N MET D 158 -5.37 5.61 36.11
CA MET D 158 -5.72 5.56 34.68
C MET D 158 -6.23 6.93 34.21
N PHE D 159 -5.67 7.38 33.10
CA PHE D 159 -6.18 8.55 32.40
C PHE D 159 -6.79 8.11 31.07
N GLY D 160 -7.79 8.85 30.62
CA GLY D 160 -8.14 8.87 29.22
C GLY D 160 -9.23 9.88 28.93
N THR D 161 -9.61 9.95 27.65
CA THR D 161 -10.71 10.80 27.21
C THR D 161 -12.00 10.07 27.57
N VAL D 162 -13.13 10.66 27.30
CA VAL D 162 -14.40 10.13 27.82
C VAL D 162 -14.69 8.73 27.23
N ASP D 163 -14.32 8.47 25.97
CA ASP D 163 -14.42 7.12 25.39
C ASP D 163 -13.72 6.08 26.28
N THR D 164 -12.46 6.39 26.61
CA THR D 164 -11.63 5.50 27.40
C THR D 164 -12.32 5.24 28.73
N PHE D 165 -12.75 6.29 29.39
CA PHE D 165 -13.56 6.10 30.58
C PHE D 165 -14.70 5.10 30.28
N LEU D 166 -15.54 5.36 29.27
CA LEU D 166 -16.76 4.53 29.12
C LEU D 166 -16.37 3.07 28.82
N ILE D 167 -15.35 2.91 27.97
CA ILE D 167 -14.98 1.58 27.54
C ILE D 167 -14.43 0.81 28.75
N TYR D 168 -13.71 1.50 29.64
CA TYR D 168 -13.19 0.83 30.84
C TYR D 168 -14.34 0.38 31.75
N ARG D 169 -15.27 1.26 32.09
CA ARG D 169 -16.40 0.83 32.94
C ARG D 169 -17.21 -0.25 32.20
N LEU D 170 -17.27 -0.17 30.87
CA LEU D 170 -18.02 -1.16 30.12
C LEU D 170 -17.30 -2.51 30.14
N THR D 171 -15.99 -2.54 29.82
CA THR D 171 -15.31 -3.80 29.46
C THR D 171 -14.09 -4.12 30.34
N GLY D 172 -13.66 -3.21 31.22
CA GLY D 172 -12.43 -3.42 32.00
C GLY D 172 -11.14 -3.21 31.22
N GLU D 173 -11.19 -2.93 29.91
CA GLU D 173 -9.96 -2.58 29.14
C GLU D 173 -9.72 -1.06 29.17
N HIS D 174 -8.47 -0.70 28.96
CA HIS D 174 -8.00 0.68 29.02
C HIS D 174 -7.45 1.03 27.62
N VAL D 175 -8.33 1.60 26.78
CA VAL D 175 -7.99 1.82 25.35
C VAL D 175 -8.61 3.13 24.86
N THR D 176 -8.02 3.65 23.78
CA THR D 176 -8.57 4.71 22.97
C THR D 176 -8.26 4.40 21.50
N ASP D 177 -8.86 5.17 20.60
CA ASP D 177 -8.60 5.00 19.19
C ASP D 177 -7.68 6.14 18.73
N TYR D 178 -7.24 6.08 17.49
CA TYR D 178 -6.37 7.10 16.94
C TYR D 178 -7.05 8.48 16.95
N SER D 179 -8.34 8.58 16.57
CA SER D 179 -8.95 9.93 16.40
C SER D 179 -9.01 10.67 17.75
N ASN D 180 -9.48 10.01 18.79
CA ASN D 180 -9.50 10.66 20.12
C ASN D 180 -8.09 10.90 20.63
N ALA D 181 -7.16 9.94 20.42
CA ALA D 181 -5.80 10.07 20.94
C ALA D 181 -5.17 11.32 20.33
N SER D 182 -5.52 11.59 19.08
CA SER D 182 -4.91 12.65 18.31
C SER D 182 -5.25 14.04 18.87
N ARG D 183 -6.14 14.09 19.85
CA ARG D 183 -6.70 15.33 20.36
C ARG D 183 -6.15 15.62 21.76
N THR D 184 -5.28 14.73 22.25
CA THR D 184 -4.69 14.86 23.59
C THR D 184 -3.57 15.90 23.59
N MET D 185 -2.94 16.10 22.44
CA MET D 185 -1.74 16.90 22.28
C MET D 185 -0.52 16.18 22.90
N LEU D 186 -0.63 14.87 23.12
CA LEU D 186 0.44 13.98 23.60
C LEU D 186 0.75 12.90 22.55
N PHE D 187 0.02 12.88 21.43
CA PHE D 187 0.08 11.76 20.50
C PHE D 187 0.65 12.26 19.18
N ASN D 188 1.65 11.55 18.67
CA ASN D 188 2.31 11.94 17.45
C ASN D 188 1.48 11.40 16.28
N ILE D 189 0.99 12.32 15.48
CA ILE D 189 0.04 12.06 14.39
C ILE D 189 0.67 11.20 13.29
N LYS D 190 1.92 11.50 12.91
CA LYS D 190 2.52 10.84 11.74
C LYS D 190 3.13 9.51 12.18
N LYS D 191 3.53 9.41 13.45
CA LYS D 191 4.22 8.20 13.96
C LYS D 191 3.23 7.23 14.63
N LEU D 192 2.00 7.69 14.93
CA LEU D 192 0.93 6.86 15.46
C LEU D 192 1.38 6.20 16.77
N ASP D 193 1.98 6.99 17.65
CA ASP D 193 2.36 6.50 18.97
C ASP D 193 2.41 7.71 19.90
N TRP D 194 2.24 7.48 21.19
CA TRP D 194 2.53 8.52 22.14
C TRP D 194 3.95 9.09 21.88
N ASP D 195 4.04 10.43 21.89
CA ASP D 195 5.31 11.17 21.69
C ASP D 195 5.95 11.45 23.07
N ASP D 196 7.15 10.89 23.25
CA ASP D 196 7.86 10.92 24.53
C ASP D 196 8.27 12.35 24.91
N GLU D 197 8.63 13.17 23.92
CA GLU D 197 8.98 14.55 24.25
C GLU D 197 7.76 15.18 24.95
N LEU D 198 6.58 15.04 24.33
CA LEU D 198 5.40 15.72 24.83
C LEU D 198 5.08 15.20 26.23
N LEU D 199 5.18 13.89 26.49
CA LEU D 199 4.88 13.38 27.86
C LEU D 199 5.84 14.04 28.89
N GLU D 200 7.08 14.29 28.46
CA GLU D 200 8.06 14.91 29.34
C GLU D 200 7.71 16.41 29.48
N LEU D 201 7.57 17.12 28.36
CA LEU D 201 7.12 18.50 28.43
C LEU D 201 6.03 18.60 29.51
N PHE D 202 4.99 17.77 29.44
CA PHE D 202 3.80 17.95 30.27
C PHE D 202 3.88 17.11 31.54
N ASP D 203 4.97 16.36 31.73
CA ASP D 203 5.28 15.59 32.96
C ASP D 203 4.21 14.53 33.19
N ILE D 204 4.00 13.71 32.16
CA ILE D 204 3.04 12.63 32.21
C ILE D 204 3.83 11.34 32.49
N PRO D 205 3.48 10.61 33.54
CA PRO D 205 3.93 9.23 33.72
C PRO D 205 3.31 8.27 32.68
N GLU D 206 4.13 7.70 31.79
CA GLU D 206 3.67 6.72 30.78
C GLU D 206 2.63 5.75 31.35
N SER D 207 2.84 5.36 32.60
CA SER D 207 1.98 4.43 33.30
C SER D 207 0.50 4.79 33.13
N VAL D 208 0.15 6.04 32.85
CA VAL D 208 -1.24 6.49 32.96
C VAL D 208 -1.96 6.34 31.61
N LEU D 209 -1.19 6.13 30.53
CA LEU D 209 -1.66 6.19 29.16
C LEU D 209 -2.46 4.94 28.77
N PRO D 210 -3.57 5.14 28.00
CA PRO D 210 -4.30 3.99 27.43
C PRO D 210 -3.55 3.37 26.25
N GLU D 211 -3.91 2.15 25.87
CA GLU D 211 -3.39 1.58 24.64
C GLU D 211 -4.21 2.16 23.48
N VAL D 212 -3.54 2.50 22.38
CA VAL D 212 -4.20 3.19 21.28
C VAL D 212 -4.47 2.21 20.15
N ARG D 213 -5.74 2.17 19.70
CA ARG D 213 -6.24 1.10 18.82
C ARG D 213 -6.80 1.69 17.52
N GLU D 214 -7.26 0.81 16.67
CA GLU D 214 -8.02 1.22 15.52
C GLU D 214 -9.41 1.68 15.98
N SER D 215 -10.12 2.37 15.11
CA SER D 215 -11.44 2.94 15.46
C SER D 215 -12.52 1.86 15.35
N SER D 216 -12.19 0.76 14.71
CA SER D 216 -13.10 -0.33 14.42
C SER D 216 -12.38 -1.64 14.73
N GLU D 217 -12.63 -2.18 15.90
CA GLU D 217 -12.03 -3.45 16.32
C GLU D 217 -12.65 -3.79 17.67
N VAL D 218 -12.80 -5.07 17.98
CA VAL D 218 -13.37 -5.47 19.26
C VAL D 218 -12.33 -5.19 20.36
N TYR D 219 -12.65 -4.27 21.25
CA TYR D 219 -11.77 -3.92 22.37
C TYR D 219 -12.03 -4.90 23.52
N GLY D 220 -13.26 -5.38 23.66
CA GLY D 220 -13.65 -6.15 24.84
C GLY D 220 -15.14 -6.47 24.82
N TYR D 221 -15.66 -6.89 25.97
CA TYR D 221 -17.02 -7.39 26.04
C TYR D 221 -17.62 -6.87 27.34
N THR D 222 -18.90 -6.56 27.30
CA THR D 222 -19.58 -6.04 28.46
C THR D 222 -19.75 -7.16 29.48
N LYS D 223 -20.01 -6.76 30.72
CA LYS D 223 -20.32 -7.68 31.80
C LYS D 223 -21.78 -8.08 31.67
N LYS D 224 -22.08 -9.37 31.76
CA LYS D 224 -23.44 -9.90 31.65
C LYS D 224 -24.38 -9.15 32.61
N GLU D 225 -23.90 -8.78 33.79
CA GLU D 225 -24.74 -8.14 34.83
C GLU D 225 -25.07 -6.68 34.46
N LEU D 226 -24.44 -6.12 33.44
CA LEU D 226 -24.59 -4.68 33.14
C LEU D 226 -25.81 -4.48 32.25
N LEU D 227 -25.82 -5.14 31.09
CA LEU D 227 -26.84 -4.96 30.06
C LEU D 227 -27.69 -6.23 29.93
N GLY D 228 -27.25 -7.34 30.50
CA GLY D 228 -28.00 -8.57 30.42
C GLY D 228 -27.41 -9.52 29.40
N ALA D 229 -26.30 -9.13 28.76
CA ALA D 229 -25.56 -10.02 27.89
C ALA D 229 -24.14 -9.51 27.76
N GLU D 230 -23.31 -10.34 27.16
CA GLU D 230 -21.93 -10.06 26.87
C GLU D 230 -21.85 -9.57 25.42
N ILE D 231 -21.60 -8.27 25.27
CA ILE D 231 -21.72 -7.64 23.99
C ILE D 231 -20.35 -7.04 23.62
N PRO D 232 -19.83 -7.34 22.41
CA PRO D 232 -18.63 -6.69 21.92
C PRO D 232 -18.77 -5.15 21.87
N VAL D 233 -17.78 -4.46 22.40
CA VAL D 233 -17.60 -3.05 22.25
C VAL D 233 -16.49 -2.90 21.21
N SER D 234 -16.79 -2.25 20.08
CA SER D 234 -15.98 -2.51 18.90
C SER D 234 -15.87 -1.30 17.96
N GLY D 235 -16.29 -0.13 18.41
CA GLY D 235 -16.13 1.09 17.65
C GLY D 235 -15.86 2.26 18.59
N ASP D 236 -14.92 3.12 18.21
CA ASP D 236 -14.59 4.31 19.03
C ASP D 236 -13.97 5.37 18.12
N ALA D 237 -14.51 6.58 18.23
CA ALA D 237 -13.91 7.75 17.59
C ALA D 237 -14.47 9.01 18.28
N GLY D 238 -13.75 10.13 18.17
CA GLY D 238 -14.20 11.40 18.70
C GLY D 238 -15.46 11.83 17.97
N ASP D 239 -16.33 12.59 18.65
CA ASP D 239 -17.69 12.80 18.18
C ASP D 239 -17.67 13.37 16.75
N GLN D 240 -16.84 14.34 16.49
CA GLN D 240 -16.81 14.99 15.16
C GLN D 240 -16.29 14.01 14.10
N GLN D 241 -15.32 13.17 14.49
CA GLN D 241 -14.75 12.21 13.54
C GLN D 241 -15.81 11.13 13.25
N ALA D 242 -16.54 10.76 14.30
CA ALA D 242 -17.67 9.81 14.20
C ALA D 242 -18.74 10.35 13.24
N ALA D 243 -19.01 11.64 13.33
CA ALA D 243 -20.04 12.28 12.47
C ALA D 243 -19.55 12.24 11.01
N LEU D 244 -18.32 12.55 10.80
CA LEU D 244 -17.75 12.50 9.44
C LEU D 244 -17.93 11.07 8.89
N PHE D 245 -17.73 10.07 9.74
CA PHE D 245 -17.87 8.68 9.30
C PHE D 245 -19.34 8.36 9.02
N GLY D 246 -20.22 8.87 9.87
CA GLY D 246 -21.63 8.64 9.79
C GLY D 246 -22.26 9.36 8.62
N GLN D 247 -21.57 10.36 8.10
CA GLN D 247 -21.96 11.05 6.87
C GLN D 247 -21.41 10.32 5.65
N ALA D 248 -20.73 9.18 5.86
CA ALA D 248 -20.14 8.39 4.79
C ALA D 248 -19.14 9.25 4.00
N ALA D 249 -18.42 10.09 4.72
CA ALA D 249 -17.45 10.99 4.11
C ALA D 249 -16.13 10.24 3.93
N PHE D 250 -16.17 9.20 3.12
CA PHE D 250 -15.11 8.17 3.05
C PHE D 250 -14.02 8.54 2.04
N GLU D 251 -14.13 9.65 1.33
CA GLU D 251 -13.13 10.02 0.32
C GLU D 251 -12.59 11.43 0.59
N ALA D 252 -11.33 11.63 0.19
CA ALA D 252 -10.60 12.88 0.38
C ALA D 252 -11.41 14.03 -0.22
N GLY D 253 -11.54 15.13 0.50
CA GLY D 253 -12.27 16.28 -0.02
C GLY D 253 -13.75 16.27 0.36
N MET D 254 -14.26 15.23 1.00
CA MET D 254 -15.61 15.29 1.48
C MET D 254 -15.63 15.97 2.86
N VAL D 255 -16.47 16.99 2.98
CA VAL D 255 -16.57 17.84 4.15
C VAL D 255 -17.87 17.53 4.92
N LYS D 256 -17.74 17.56 6.24
CA LYS D 256 -18.87 17.60 7.13
C LYS D 256 -18.88 18.94 7.89
N ALA D 257 -19.90 19.79 7.67
CA ALA D 257 -20.17 20.94 8.54
C ALA D 257 -21.29 20.58 9.52
N THR D 258 -20.96 20.64 10.80
CA THR D 258 -21.96 20.61 11.88
C THR D 258 -22.33 22.05 12.25
N TYR D 259 -23.61 22.39 12.07
CA TYR D 259 -24.20 23.70 12.44
C TYR D 259 -24.84 23.59 13.83
N GLY D 260 -24.29 24.32 14.82
CA GLY D 260 -24.83 24.43 16.18
C GLY D 260 -24.81 25.89 16.65
N THR D 261 -24.59 26.11 17.95
CA THR D 261 -24.37 27.44 18.46
C THR D 261 -23.13 28.01 17.77
N GLY D 262 -22.13 27.13 17.63
CA GLY D 262 -20.99 27.34 16.76
C GLY D 262 -20.95 26.23 15.69
N SER D 263 -19.84 26.14 14.97
CA SER D 263 -19.71 25.12 13.93
C SER D 263 -18.38 24.40 14.11
N PHE D 264 -18.42 23.09 13.84
CA PHE D 264 -17.20 22.28 13.57
C PHE D 264 -17.22 21.77 12.13
N ILE D 265 -16.12 21.98 11.42
CA ILE D 265 -16.07 21.59 10.04
C ILE D 265 -14.78 20.79 9.83
N LEU D 266 -14.96 19.60 9.21
CA LEU D 266 -13.94 18.57 9.07
C LEU D 266 -13.94 18.13 7.61
N VAL D 267 -12.79 18.06 6.97
CA VAL D 267 -12.70 17.44 5.63
C VAL D 267 -11.79 16.20 5.69
N ASN D 268 -12.21 15.10 5.08
CA ASN D 268 -11.40 13.87 4.97
C ASN D 268 -10.23 14.20 4.03
N THR D 269 -9.02 13.93 4.49
CA THR D 269 -7.88 14.04 3.58
C THR D 269 -7.15 12.69 3.48
N ASP D 270 -7.84 11.58 3.80
CA ASP D 270 -7.41 10.24 3.40
C ASP D 270 -5.99 9.98 3.92
N GLU D 271 -5.03 9.55 3.08
CA GLU D 271 -3.64 9.22 3.54
C GLU D 271 -2.86 10.53 3.76
N MET D 272 -3.24 11.59 3.07
CA MET D 272 -2.43 12.84 3.05
C MET D 272 -2.47 13.54 4.43
N VAL D 273 -1.31 13.81 5.01
CA VAL D 273 -1.20 14.59 6.25
C VAL D 273 -0.89 16.05 5.87
N LEU D 274 -1.93 16.88 5.85
CA LEU D 274 -1.78 18.26 5.36
C LEU D 274 -1.74 19.23 6.55
N TYR D 275 -0.98 20.31 6.37
CA TYR D 275 -0.71 21.27 7.45
C TYR D 275 -1.15 22.65 7.00
N SER D 276 -1.78 23.37 7.93
CA SER D 276 -2.26 24.73 7.69
C SER D 276 -1.98 25.61 8.92
N ASP D 277 -1.74 26.89 8.67
CA ASP D 277 -1.68 27.88 9.78
C ASP D 277 -3.08 28.25 10.27
N ASN D 278 -4.13 27.89 9.52
CA ASN D 278 -5.52 28.30 9.76
C ASN D 278 -6.43 27.13 10.17
N LEU D 279 -5.93 25.90 10.21
CA LEU D 279 -6.77 24.73 10.51
C LEU D 279 -5.99 23.77 11.39
N LEU D 280 -6.68 22.96 12.17
CA LEU D 280 -6.05 21.83 12.82
C LEU D 280 -5.88 20.68 11.81
N THR D 281 -4.77 19.94 11.96
CA THR D 281 -4.57 18.63 11.30
C THR D 281 -4.86 17.56 12.36
N THR D 282 -5.75 16.59 12.06
CA THR D 282 -6.11 15.59 13.06
C THR D 282 -6.29 14.22 12.39
N ILE D 283 -6.57 13.20 13.20
CA ILE D 283 -6.84 11.89 12.65
C ILE D 283 -8.37 11.69 12.56
N ALA D 284 -8.82 11.30 11.36
CA ALA D 284 -10.21 10.94 11.09
C ALA D 284 -10.57 9.62 11.79
N TRP D 285 -9.88 8.54 11.42
CA TRP D 285 -10.10 7.20 12.02
C TRP D 285 -8.96 6.25 11.57
N GLY D 286 -8.86 5.12 12.25
CA GLY D 286 -8.05 3.99 11.74
C GLY D 286 -8.91 2.75 11.59
N LEU D 287 -8.86 2.05 10.47
CA LEU D 287 -9.96 1.12 10.17
C LEU D 287 -9.46 -0.32 9.91
N ASN D 288 -9.04 -0.66 8.70
CA ASN D 288 -8.51 -2.00 8.34
C ASN D 288 -7.01 -1.86 8.10
N GLY D 289 -6.28 -1.44 9.14
CA GLY D 289 -4.83 -1.22 9.11
C GLY D 289 -4.42 0.06 8.39
N ARG D 290 -5.37 0.92 8.01
CA ARG D 290 -5.06 2.21 7.34
C ARG D 290 -5.59 3.37 8.20
N VAL D 291 -4.83 4.46 8.32
CA VAL D 291 -5.25 5.63 9.11
C VAL D 291 -5.65 6.77 8.16
N SER D 292 -6.84 7.34 8.36
CA SER D 292 -7.25 8.50 7.52
C SER D 292 -7.07 9.78 8.31
N TYR D 293 -6.72 10.84 7.59
CA TYR D 293 -6.47 12.15 8.22
C TYR D 293 -7.59 13.14 7.87
N ALA D 294 -7.62 14.25 8.62
CA ALA D 294 -8.61 15.31 8.45
C ALA D 294 -7.99 16.69 8.72
N LEU D 295 -8.60 17.71 8.11
CA LEU D 295 -8.42 19.10 8.51
C LEU D 295 -9.71 19.57 9.20
N GLU D 296 -9.54 20.33 10.28
CA GLU D 296 -10.63 20.79 11.13
C GLU D 296 -10.50 22.31 11.38
N GLY D 297 -11.61 22.99 11.17
CA GLY D 297 -11.82 24.38 11.52
C GLY D 297 -13.09 24.52 12.33
N SER D 298 -13.15 25.53 13.18
CA SER D 298 -14.37 25.76 13.90
C SER D 298 -14.69 27.26 13.93
N ILE D 299 -15.93 27.55 14.34
CA ILE D 299 -16.43 28.93 14.43
C ILE D 299 -17.24 29.00 15.72
N PHE D 300 -16.94 30.02 16.53
CA PHE D 300 -17.56 30.14 17.86
C PHE D 300 -19.05 30.51 17.73
N VAL D 301 -19.36 31.35 16.77
CA VAL D 301 -20.71 31.93 16.67
C VAL D 301 -21.22 31.74 15.25
N THR D 302 -22.12 30.78 15.09
CA THR D 302 -22.96 30.69 13.87
C THR D 302 -24.43 30.69 14.31
N GLY D 303 -24.88 29.59 14.89
CA GLY D 303 -26.25 29.49 15.33
C GLY D 303 -26.57 30.49 16.43
N ALA D 304 -25.58 30.83 17.23
CA ALA D 304 -25.75 31.82 18.32
C ALA D 304 -26.17 33.20 17.77
N ALA D 305 -25.91 33.52 16.50
CA ALA D 305 -26.40 34.77 15.96
C ALA D 305 -27.93 34.74 15.74
N VAL D 306 -28.45 33.57 15.35
CA VAL D 306 -29.92 33.40 15.31
C VAL D 306 -30.49 33.43 16.73
N GLN D 307 -29.83 32.79 17.69
CA GLN D 307 -30.26 32.90 19.09
C GLN D 307 -30.27 34.39 19.52
N TRP D 308 -29.32 35.19 19.03
CA TRP D 308 -29.26 36.61 19.38
C TRP D 308 -30.49 37.34 18.80
N LEU D 309 -30.87 37.03 17.57
CA LEU D 309 -32.10 37.61 17.01
C LEU D 309 -33.30 37.29 17.94
N ARG D 310 -33.32 36.08 18.45
CA ARG D 310 -34.44 35.58 19.19
C ARG D 310 -34.42 36.12 20.61
N ASP D 311 -33.24 36.15 21.28
CA ASP D 311 -33.15 36.40 22.76
C ASP D 311 -32.44 37.73 23.10
N GLY D 312 -31.69 38.36 22.19
CA GLY D 312 -31.08 39.66 22.51
C GLY D 312 -31.98 40.83 22.09
N ILE D 313 -32.31 40.80 20.82
CA ILE D 313 -33.00 41.87 20.16
C ILE D 313 -34.50 41.52 19.98
N LYS D 314 -34.82 40.23 20.10
CA LYS D 314 -36.20 39.73 20.21
C LYS D 314 -37.05 40.18 19.00
N ILE D 315 -36.50 39.86 17.85
CA ILE D 315 -37.00 40.23 16.57
C ILE D 315 -37.68 39.01 15.93
N ILE D 316 -37.42 37.79 16.45
CA ILE D 316 -38.12 36.56 16.09
C ILE D 316 -38.49 35.86 17.39
N LYS D 317 -39.40 34.91 17.32
CA LYS D 317 -39.78 34.07 18.47
C LYS D 317 -39.13 32.70 18.36
N HIS D 318 -38.89 32.24 17.13
CA HIS D 318 -38.30 30.91 16.88
C HIS D 318 -37.27 30.99 15.74
N ALA D 319 -36.24 30.15 15.84
CA ALA D 319 -35.15 30.09 14.88
C ALA D 319 -35.71 29.83 13.47
N SER D 320 -36.72 28.97 13.37
CA SER D 320 -37.26 28.60 12.07
C SER D 320 -37.93 29.78 11.35
N GLU D 321 -38.39 30.83 12.05
CA GLU D 321 -39.09 31.96 11.34
C GLU D 321 -38.13 32.69 10.40
N THR D 322 -36.87 32.44 10.61
CA THR D 322 -35.77 33.03 9.88
C THR D 322 -35.88 32.65 8.38
N GLU D 323 -36.31 31.42 8.09
CA GLU D 323 -36.44 30.95 6.73
C GLU D 323 -37.43 31.83 5.96
N GLU D 324 -38.64 32.00 6.52
CA GLU D 324 -39.72 32.72 5.84
C GLU D 324 -39.36 34.21 5.73
N LEU D 325 -38.81 34.84 6.79
CA LEU D 325 -38.37 36.22 6.66
C LEU D 325 -37.39 36.33 5.49
N ALA D 326 -36.41 35.43 5.41
CA ALA D 326 -35.32 35.66 4.48
C ALA D 326 -35.77 35.48 3.03
N THR D 327 -36.76 34.60 2.77
CA THR D 327 -37.25 34.37 1.39
C THR D 327 -38.28 35.42 1.00
N LYS D 328 -38.75 36.27 1.91
CA LYS D 328 -39.44 37.51 1.48
C LYS D 328 -38.55 38.35 0.56
N LEU D 329 -37.22 38.20 0.60
CA LEU D 329 -36.36 39.09 -0.17
C LEU D 329 -35.74 38.34 -1.35
N GLU D 330 -35.44 39.09 -2.42
CA GLU D 330 -34.78 38.57 -3.62
C GLU D 330 -33.26 38.62 -3.43
N SER D 331 -32.76 39.60 -2.67
CA SER D 331 -31.35 39.66 -2.25
C SER D 331 -31.25 40.24 -0.83
N ASN D 332 -30.04 40.30 -0.30
CA ASN D 332 -29.77 40.97 0.97
C ASN D 332 -29.93 42.51 0.84
N GLU D 333 -30.01 43.02 -0.37
CA GLU D 333 -30.23 44.44 -0.65
C GLU D 333 -29.14 45.28 0.04
N GLY D 334 -27.93 44.72 0.17
CA GLY D 334 -26.77 45.46 0.68
C GLY D 334 -26.61 45.38 2.19
N VAL D 335 -27.46 44.64 2.86
CA VAL D 335 -27.36 44.51 4.30
C VAL D 335 -26.59 43.23 4.66
N TYR D 336 -25.53 43.45 5.43
CA TYR D 336 -24.64 42.38 5.92
C TYR D 336 -24.60 42.42 7.45
N PHE D 337 -24.40 41.25 8.04
CA PHE D 337 -24.27 41.13 9.50
C PHE D 337 -23.09 40.21 9.72
N VAL D 338 -22.03 40.73 10.26
CA VAL D 338 -20.91 39.89 10.71
C VAL D 338 -21.02 39.69 12.23
N PRO D 339 -21.48 38.52 12.67
CA PRO D 339 -21.78 38.31 14.08
C PRO D 339 -20.49 37.95 14.83
N ALA D 340 -19.54 38.86 14.82
CA ALA D 340 -18.24 38.57 15.40
C ALA D 340 -18.26 38.88 16.89
N PHE D 341 -19.16 38.20 17.62
CA PHE D 341 -19.43 38.50 19.01
C PHE D 341 -18.15 38.37 19.84
N VAL D 342 -17.33 37.36 19.58
CA VAL D 342 -16.08 37.17 20.32
C VAL D 342 -14.93 37.15 19.31
N GLY D 343 -15.05 37.95 18.25
CA GLY D 343 -13.97 38.12 17.33
C GLY D 343 -14.13 37.29 16.07
N LEU D 344 -13.10 37.37 15.24
CA LEU D 344 -12.96 36.58 14.01
C LEU D 344 -11.89 35.51 14.23
N GLY D 345 -12.22 34.28 13.84
CA GLY D 345 -11.28 33.16 13.75
C GLY D 345 -10.64 33.10 12.37
N ALA D 346 -10.32 31.90 11.88
CA ALA D 346 -9.65 31.78 10.56
C ALA D 346 -10.53 32.37 9.45
N PRO D 347 -9.92 33.00 8.45
CA PRO D 347 -8.48 33.26 8.38
C PRO D 347 -8.07 34.68 8.84
N TYR D 348 -8.96 35.41 9.51
CA TYR D 348 -8.68 36.82 9.89
C TYR D 348 -7.98 36.86 11.24
N TRP D 349 -8.35 35.98 12.18
CA TRP D 349 -7.68 35.87 13.51
C TRP D 349 -7.60 37.23 14.23
N ASP D 350 -8.75 37.83 14.55
CA ASP D 350 -8.79 39.13 15.20
C ASP D 350 -9.77 39.03 16.36
N GLN D 351 -9.17 38.87 17.53
CA GLN D 351 -9.87 38.76 18.78
C GLN D 351 -10.60 40.07 19.14
N PHE D 352 -10.25 41.21 18.53
CA PHE D 352 -10.86 42.49 18.91
C PHE D 352 -12.07 42.85 18.01
N ALA D 353 -12.32 42.09 16.93
CA ALA D 353 -13.48 42.34 16.09
C ALA D 353 -14.75 42.17 16.95
N ARG D 354 -15.77 42.92 16.60
CA ARG D 354 -17.06 42.75 17.23
C ARG D 354 -18.12 42.77 16.12
N GLY D 355 -19.35 42.47 16.51
CA GLY D 355 -20.50 42.40 15.55
C GLY D 355 -20.84 43.74 14.92
N ILE D 356 -21.13 43.67 13.62
CA ILE D 356 -21.50 44.79 12.73
C ILE D 356 -22.73 44.36 11.94
N ILE D 357 -23.70 45.25 11.89
CA ILE D 357 -24.71 45.23 10.86
C ILE D 357 -24.49 46.46 10.00
N ILE D 358 -24.42 46.27 8.69
CA ILE D 358 -24.15 47.38 7.80
C ILE D 358 -25.01 47.29 6.54
N GLY D 359 -25.31 48.49 5.99
CA GLY D 359 -26.18 48.66 4.83
C GLY D 359 -27.57 49.11 5.23
N ILE D 360 -27.70 49.68 6.43
CA ILE D 360 -29.02 50.04 6.94
C ILE D 360 -29.54 51.34 6.30
N THR D 361 -30.80 51.27 5.86
CA THR D 361 -31.55 52.41 5.35
C THR D 361 -32.90 52.43 6.07
N ARG D 362 -33.73 53.41 5.76
CA ARG D 362 -35.02 53.53 6.46
C ARG D 362 -35.88 52.31 6.10
N GLY D 363 -35.64 51.66 4.98
CA GLY D 363 -36.41 50.47 4.59
C GLY D 363 -35.78 49.15 5.06
N THR D 364 -34.76 49.16 5.91
CA THR D 364 -34.23 47.92 6.44
C THR D 364 -35.21 47.39 7.49
N GLY D 365 -35.57 46.10 7.36
CA GLY D 365 -36.62 45.44 8.15
C GLY D 365 -36.10 44.19 8.84
N ARG D 366 -36.95 43.58 9.64
CA ARG D 366 -36.61 42.33 10.30
C ARG D 366 -36.19 41.30 9.25
N GLU D 367 -36.78 41.39 8.05
CA GLU D 367 -36.49 40.43 6.99
C GLU D 367 -35.01 40.54 6.61
N HIS D 368 -34.47 41.76 6.54
CA HIS D 368 -33.06 41.99 6.14
C HIS D 368 -32.09 41.43 7.21
N LEU D 369 -32.46 41.61 8.47
CA LEU D 369 -31.65 41.12 9.57
C LEU D 369 -31.65 39.57 9.58
N ALA D 370 -32.80 38.94 9.41
CA ALA D 370 -32.87 37.50 9.37
C ALA D 370 -32.03 36.98 8.20
N ARG D 371 -32.26 37.54 7.01
CA ARG D 371 -31.55 37.06 5.84
C ARG D 371 -30.05 37.27 5.99
N ALA D 372 -29.65 38.43 6.51
CA ALA D 372 -28.24 38.69 6.69
C ALA D 372 -27.64 37.73 7.73
N THR D 373 -28.38 37.31 8.72
CA THR D 373 -27.87 36.38 9.72
C THR D 373 -27.66 34.99 9.09
N LEU D 374 -28.62 34.55 8.28
CA LEU D 374 -28.50 33.22 7.64
C LEU D 374 -27.37 33.25 6.60
N GLU D 375 -27.30 34.29 5.78
CA GLU D 375 -26.15 34.50 4.87
C GLU D 375 -24.83 34.47 5.65
N ALA D 376 -24.75 35.13 6.81
CA ALA D 376 -23.50 35.14 7.59
C ALA D 376 -23.06 33.70 7.92
N ILE D 377 -23.98 32.90 8.44
CA ILE D 377 -23.64 31.51 8.78
C ILE D 377 -23.03 30.85 7.52
N ALA D 378 -23.62 31.03 6.33
CA ALA D 378 -23.06 30.44 5.06
C ALA D 378 -21.70 31.08 4.68
N TYR D 379 -21.50 32.38 4.94
CA TYR D 379 -20.27 33.07 4.56
C TYR D 379 -19.13 32.61 5.44
N LEU D 380 -19.40 32.54 6.75
CA LEU D 380 -18.46 32.04 7.75
C LEU D 380 -18.05 30.59 7.42
N THR D 381 -19.01 29.72 7.09
CA THR D 381 -18.70 28.36 6.67
C THR D 381 -17.78 28.41 5.43
N ARG D 382 -18.09 29.27 4.46
CA ARG D 382 -17.26 29.38 3.25
C ARG D 382 -15.84 29.84 3.61
N ASP D 383 -15.71 30.79 4.54
CA ASP D 383 -14.37 31.22 5.00
C ASP D 383 -13.51 30.03 5.44
N VAL D 384 -14.08 29.07 6.16
CA VAL D 384 -13.35 27.90 6.69
C VAL D 384 -13.07 26.92 5.53
N VAL D 385 -14.10 26.67 4.73
CA VAL D 385 -13.98 25.70 3.64
C VAL D 385 -13.00 26.22 2.57
N ASP D 386 -12.86 27.53 2.39
CA ASP D 386 -11.92 28.07 1.38
C ASP D 386 -10.49 27.86 1.89
N GLU D 387 -10.33 27.81 3.20
CA GLU D 387 -9.03 27.48 3.78
C GLU D 387 -8.69 26.01 3.47
N MET D 388 -9.70 25.15 3.44
CA MET D 388 -9.51 23.74 3.17
C MET D 388 -9.18 23.53 1.68
N GLU D 389 -9.75 24.35 0.81
CA GLU D 389 -9.58 24.25 -0.65
C GLU D 389 -8.14 24.55 -1.08
N LYS D 390 -7.42 25.30 -0.25
CA LYS D 390 -6.01 25.61 -0.49
C LYS D 390 -5.12 24.37 -0.27
N LEU D 391 -5.61 23.34 0.40
CA LEU D 391 -4.81 22.14 0.66
C LEU D 391 -5.44 20.88 0.03
N VAL D 392 -6.73 20.87 -0.22
CA VAL D 392 -7.41 19.67 -0.73
C VAL D 392 -8.62 20.10 -1.55
N GLN D 393 -8.86 19.45 -2.67
CA GLN D 393 -10.03 19.77 -3.48
C GLN D 393 -11.30 19.43 -2.69
N ILE D 394 -12.29 20.32 -2.70
CA ILE D 394 -13.52 20.12 -1.97
C ILE D 394 -14.52 19.52 -2.95
N LYS D 395 -15.05 18.36 -2.58
CA LYS D 395 -15.97 17.57 -3.42
C LYS D 395 -17.41 18.03 -3.17
N GLU D 396 -17.78 18.12 -1.91
CA GLU D 396 -19.17 18.39 -1.51
C GLU D 396 -19.26 18.52 0.00
N LEU D 397 -20.34 19.12 0.45
CA LEU D 397 -20.57 19.36 1.89
C LEU D 397 -21.70 18.43 2.36
N ARG D 398 -21.45 17.67 3.40
CA ARG D 398 -22.52 16.93 4.06
C ARG D 398 -22.77 17.60 5.41
N VAL D 399 -24.04 17.77 5.77
CA VAL D 399 -24.32 18.66 6.86
C VAL D 399 -25.12 17.95 7.93
N ASP D 400 -24.91 18.41 9.16
CA ASP D 400 -25.79 18.04 10.26
C ASP D 400 -25.92 19.21 11.27
N GLY D 401 -26.81 19.00 12.24
CA GLY D 401 -27.17 19.97 13.24
C GLY D 401 -28.53 20.59 12.92
N GLY D 402 -29.14 21.16 13.95
CA GLY D 402 -30.52 21.67 13.86
C GLY D 402 -30.76 22.66 12.71
N ALA D 403 -29.82 23.57 12.41
CA ALA D 403 -30.00 24.65 11.42
C ALA D 403 -30.09 24.09 9.99
N THR D 404 -29.68 22.84 9.79
CA THR D 404 -29.71 22.24 8.47
C THR D 404 -31.16 21.97 8.05
N ALA D 405 -32.09 22.08 8.99
CA ALA D 405 -33.53 22.07 8.64
C ALA D 405 -33.95 23.34 7.87
N ASN D 406 -33.15 24.40 7.90
CA ASN D 406 -33.47 25.69 7.22
C ASN D 406 -33.10 25.56 5.73
N ASP D 407 -34.11 25.39 4.86
CA ASP D 407 -33.92 25.26 3.41
C ASP D 407 -33.32 26.53 2.80
N PHE D 408 -33.63 27.72 3.31
CA PHE D 408 -32.98 28.92 2.74
C PHE D 408 -31.49 28.87 3.03
N LEU D 409 -31.12 28.54 4.27
CA LEU D 409 -29.70 28.51 4.64
C LEU D 409 -28.92 27.49 3.78
N MET D 410 -29.46 26.28 3.69
CA MET D 410 -28.80 25.18 2.95
C MET D 410 -28.69 25.50 1.45
N GLN D 411 -29.73 26.09 0.85
CA GLN D 411 -29.65 26.50 -0.59
C GLN D 411 -28.57 27.59 -0.72
N PHE D 412 -28.58 28.57 0.20
CA PHE D 412 -27.65 29.70 0.06
C PHE D 412 -26.25 29.17 0.29
N GLN D 413 -26.12 28.22 1.23
CA GLN D 413 -24.82 27.63 1.51
C GLN D 413 -24.26 26.98 0.24
N ALA D 414 -25.10 26.28 -0.51
CA ALA D 414 -24.68 25.62 -1.75
C ALA D 414 -24.24 26.68 -2.77
N ASP D 415 -25.08 27.68 -2.89
CA ASP D 415 -24.89 28.71 -3.89
C ASP D 415 -23.55 29.40 -3.68
N ILE D 416 -23.23 29.74 -2.43
CA ILE D 416 -22.09 30.62 -2.17
C ILE D 416 -20.81 29.80 -2.28
N LEU D 417 -20.90 28.49 -2.06
CA LEU D 417 -19.72 27.60 -2.16
C LEU D 417 -19.57 27.10 -3.59
N ASN D 418 -20.61 27.20 -4.40
CA ASN D 418 -20.69 26.48 -5.68
C ASN D 418 -20.37 24.99 -5.48
N ARG D 419 -21.03 24.39 -4.50
CA ARG D 419 -20.87 22.99 -4.23
C ARG D 419 -22.20 22.41 -3.73
N LYS D 420 -22.34 21.09 -3.92
CA LYS D 420 -23.56 20.41 -3.52
C LYS D 420 -23.59 20.36 -2.00
N VAL D 421 -24.74 20.63 -1.41
CA VAL D 421 -24.90 20.49 0.04
C VAL D 421 -25.90 19.36 0.31
N ILE D 422 -25.45 18.32 1.00
CA ILE D 422 -26.19 17.08 1.16
C ILE D 422 -26.67 16.95 2.61
N ARG D 423 -27.97 16.93 2.78
CA ARG D 423 -28.61 16.78 4.09
C ARG D 423 -29.05 15.33 4.25
N PRO D 424 -28.54 14.64 5.26
CA PRO D 424 -28.84 13.21 5.45
C PRO D 424 -30.24 12.94 5.99
N VAL D 425 -30.74 11.73 5.75
CA VAL D 425 -31.98 11.29 6.34
C VAL D 425 -31.76 11.21 7.86
N VAL D 426 -30.69 10.55 8.29
CA VAL D 426 -30.42 10.41 9.72
C VAL D 426 -29.78 11.69 10.26
N LYS D 427 -30.30 12.26 11.34
CA LYS D 427 -29.78 13.51 11.88
C LYS D 427 -28.74 13.23 12.96
N GLU D 428 -28.74 12.01 13.41
CA GLU D 428 -27.95 11.52 14.51
C GLU D 428 -26.61 10.99 13.99
N THR D 429 -25.87 11.80 13.24
CA THR D 429 -24.75 11.32 12.44
C THR D 429 -23.56 10.89 13.32
N THR D 430 -23.44 11.54 14.46
CA THR D 430 -22.40 11.21 15.37
C THR D 430 -22.56 9.77 15.86
N ALA D 431 -23.73 9.46 16.41
CA ALA D 431 -24.02 8.09 16.87
C ALA D 431 -23.96 7.10 15.71
N LEU D 432 -24.51 7.51 14.56
CA LEU D 432 -24.50 6.63 13.39
C LEU D 432 -23.07 6.25 13.04
N GLY D 433 -22.14 7.19 13.08
CA GLY D 433 -20.77 6.84 12.77
C GLY D 433 -20.16 5.83 13.74
N ALA D 434 -20.46 5.96 15.03
CA ALA D 434 -19.94 5.03 16.01
C ALA D 434 -20.54 3.63 15.77
N ALA D 435 -21.83 3.63 15.41
CA ALA D 435 -22.55 2.41 15.07
C ALA D 435 -21.91 1.75 13.86
N TYR D 436 -21.59 2.50 12.81
CA TYR D 436 -20.93 1.94 11.66
C TYR D 436 -19.58 1.30 12.04
N LEU D 437 -18.73 2.04 12.78
CA LEU D 437 -17.40 1.56 13.22
C LEU D 437 -17.55 0.24 13.98
N ALA D 438 -18.49 0.17 14.93
CA ALA D 438 -18.70 -1.06 15.72
C ALA D 438 -19.21 -2.23 14.85
N GLY D 439 -20.16 -1.94 13.96
CA GLY D 439 -20.78 -2.96 13.18
C GLY D 439 -19.82 -3.50 12.15
N LEU D 440 -18.95 -2.64 11.64
CA LEU D 440 -17.91 -3.12 10.74
C LEU D 440 -17.01 -4.16 11.43
N ALA D 441 -16.74 -4.03 12.71
CA ALA D 441 -15.81 -4.99 13.36
C ALA D 441 -16.45 -6.38 13.53
N VAL D 442 -17.77 -6.51 13.58
CA VAL D 442 -18.43 -7.83 13.72
C VAL D 442 -19.20 -8.18 12.43
N ASP D 443 -18.86 -7.57 11.29
CA ASP D 443 -19.45 -7.85 9.98
C ASP D 443 -20.95 -7.58 9.98
N TYR D 444 -21.43 -6.68 10.81
CA TYR D 444 -22.84 -6.31 10.69
C TYR D 444 -23.10 -5.69 9.31
N TRP D 445 -22.14 -4.88 8.83
CA TRP D 445 -22.03 -4.41 7.44
C TRP D 445 -20.75 -5.04 6.86
N ALA D 446 -20.73 -5.38 5.58
CA ALA D 446 -19.58 -6.08 5.03
C ALA D 446 -18.38 -5.13 4.88
N ASP D 447 -18.62 -3.86 4.60
CA ASP D 447 -17.47 -2.97 4.34
C ASP D 447 -18.01 -1.55 4.19
N THR D 448 -17.13 -0.56 4.03
CA THR D 448 -17.55 0.82 3.84
C THR D 448 -18.22 1.04 2.47
N ARG D 449 -17.96 0.19 1.48
CA ARG D 449 -18.65 0.30 0.19
C ARG D 449 -20.14 0.00 0.37
N GLU D 450 -20.44 -1.03 1.16
CA GLU D 450 -21.84 -1.34 1.43
C GLU D 450 -22.48 -0.17 2.21
N ILE D 451 -21.79 0.36 3.19
CA ILE D 451 -22.40 1.45 3.95
C ILE D 451 -22.67 2.62 2.98
N ALA D 452 -21.72 2.91 2.11
CA ALA D 452 -21.82 4.01 1.13
C ALA D 452 -23.02 3.79 0.20
N GLU D 453 -23.17 2.57 -0.30
CA GLU D 453 -24.27 2.24 -1.20
C GLU D 453 -25.61 2.30 -0.43
N LEU D 454 -25.66 2.05 0.88
CA LEU D 454 -26.95 2.07 1.60
C LEU D 454 -27.34 3.50 2.00
N TRP D 455 -26.39 4.42 2.01
CA TRP D 455 -26.53 5.72 2.66
C TRP D 455 -27.54 6.58 1.92
N LYS D 456 -28.41 7.27 2.65
CA LYS D 456 -29.49 8.03 2.02
C LYS D 456 -29.46 9.50 2.43
N ALA D 457 -29.49 10.35 1.41
CA ALA D 457 -29.69 11.80 1.54
C ALA D 457 -31.19 12.12 1.62
N GLU D 458 -31.62 13.04 2.48
CA GLU D 458 -33.02 13.52 2.45
C GLU D 458 -33.17 14.59 1.36
N ARG D 459 -32.15 15.40 1.19
CA ARG D 459 -32.20 16.41 0.16
C ARG D 459 -30.77 16.76 -0.25
N ILE D 460 -30.61 16.90 -1.55
CA ILE D 460 -29.38 17.36 -2.13
C ILE D 460 -29.66 18.81 -2.56
N PHE D 461 -28.96 19.79 -1.98
CA PHE D 461 -29.04 21.16 -2.44
C PHE D 461 -27.92 21.41 -3.45
N GLU D 462 -28.34 21.94 -4.57
CA GLU D 462 -27.62 22.04 -5.82
C GLU D 462 -27.33 23.53 -6.07
N PRO D 463 -26.09 23.90 -6.35
CA PRO D 463 -25.89 25.34 -6.56
C PRO D 463 -26.71 25.91 -7.74
N LYS D 464 -27.27 27.10 -7.60
CA LYS D 464 -28.01 27.76 -8.69
C LYS D 464 -27.58 29.24 -8.81
N MET D 465 -26.35 29.58 -8.49
CA MET D 465 -25.97 30.99 -8.50
C MET D 465 -24.80 31.16 -9.48
N ASP D 466 -24.86 32.10 -10.42
CA ASP D 466 -23.71 32.21 -11.35
C ASP D 466 -22.50 32.75 -10.57
N GLU D 467 -21.34 32.65 -11.20
CA GLU D 467 -20.08 33.06 -10.63
C GLU D 467 -20.12 34.57 -10.31
N LYS D 468 -20.69 35.40 -11.18
CA LYS D 468 -20.58 36.82 -10.97
C LYS D 468 -21.36 37.23 -9.71
N THR D 469 -22.56 36.68 -9.53
CA THR D 469 -23.38 36.94 -8.35
C THR D 469 -22.65 36.46 -7.10
N ARG D 470 -22.05 35.28 -7.20
CA ARG D 470 -21.42 34.64 -6.06
C ARG D 470 -20.27 35.51 -5.55
N GLU D 471 -19.47 36.05 -6.47
CA GLU D 471 -18.27 36.76 -6.05
C GLU D 471 -18.68 38.17 -5.61
N ARG D 472 -19.71 38.73 -6.18
CA ARG D 472 -20.21 40.01 -5.69
C ARG D 472 -20.69 39.83 -4.24
N LEU D 473 -21.50 38.81 -3.95
CA LEU D 473 -22.05 38.67 -2.59
C LEU D 473 -20.91 38.41 -1.62
N TYR D 474 -19.91 37.59 -1.97
CA TYR D 474 -18.85 37.25 -1.04
C TYR D 474 -17.87 38.41 -0.86
N LYS D 475 -17.74 39.27 -1.89
CA LYS D 475 -16.95 40.50 -1.78
C LYS D 475 -17.56 41.41 -0.71
N GLY D 476 -18.88 41.55 -0.78
CA GLY D 476 -19.63 42.26 0.25
C GLY D 476 -19.30 41.76 1.64
N TRP D 477 -19.33 40.44 1.81
CA TRP D 477 -19.05 39.85 3.11
C TRP D 477 -17.66 40.26 3.59
N LYS D 478 -16.65 40.11 2.73
CA LYS D 478 -15.25 40.46 3.09
C LYS D 478 -15.14 41.94 3.48
N GLU D 479 -15.85 42.81 2.77
CA GLU D 479 -15.82 44.24 3.10
C GLU D 479 -16.51 44.46 4.45
N ALA D 480 -17.63 43.76 4.72
CA ALA D 480 -18.23 43.94 6.03
C ALA D 480 -17.27 43.41 7.09
N VAL D 481 -16.59 42.27 6.84
CA VAL D 481 -15.65 41.74 7.84
C VAL D 481 -14.53 42.79 8.11
N LYS D 482 -13.91 43.36 7.08
CA LYS D 482 -12.90 44.44 7.30
C LYS D 482 -13.39 45.45 8.36
N ARG D 483 -14.62 45.89 8.19
CA ARG D 483 -15.18 46.98 9.05
C ARG D 483 -15.47 46.50 10.48
N ALA D 484 -15.58 45.19 10.72
CA ALA D 484 -15.79 44.63 12.07
C ALA D 484 -14.48 44.61 12.86
N MET D 485 -13.37 44.68 12.14
CA MET D 485 -12.04 44.36 12.72
C MET D 485 -11.54 45.48 13.65
N GLY D 486 -10.89 45.09 14.74
CA GLY D 486 -10.24 46.01 15.61
C GLY D 486 -11.18 46.83 16.48
N TRP D 487 -12.49 46.56 16.51
CA TRP D 487 -13.42 47.46 17.17
C TRP D 487 -13.14 47.51 18.68
N ALA D 488 -12.79 46.40 19.33
CA ALA D 488 -12.62 46.47 20.77
C ALA D 488 -11.29 47.15 21.13
N LYS D 489 -10.42 47.48 20.19
CA LYS D 489 -9.30 48.40 20.45
C LYS D 489 -9.76 49.87 20.43
N VAL D 490 -10.98 50.18 20.00
CA VAL D 490 -11.52 51.57 19.91
C VAL D 490 -12.35 51.91 21.16
N VAL D 491 -13.01 50.94 21.77
CA VAL D 491 -13.88 51.19 22.92
C VAL D 491 -13.45 50.31 24.10
C1 PGE E . 12.79 -23.57 -20.83
O1 PGE E . 13.14 -24.90 -21.23
C2 PGE E . 13.93 -22.79 -20.15
O2 PGE E . 14.99 -22.43 -21.04
C3 PGE E . 14.77 -21.25 -21.79
C4 PGE E . 15.93 -20.96 -22.69
O4 PGE E . 14.61 -21.16 -27.05
C6 PGE E . 15.35 -20.22 -26.27
C5 PGE E . 15.85 -20.92 -25.05
O3 PGE E . 15.48 -20.26 -23.85
C1 GOL F . 11.56 -15.90 -22.59
O1 GOL F . 12.78 -15.17 -22.61
C2 GOL F . 10.65 -15.45 -21.45
O2 GOL F . 10.63 -14.03 -21.19
C3 GOL F . 11.09 -16.12 -20.16
O3 GOL F . 10.09 -15.81 -19.16
C1 PGE G . 0.99 40.10 -34.50
O1 PGE G . 2.19 40.66 -35.05
C2 PGE G . 1.02 38.59 -34.72
O2 PGE G . 0.13 38.11 -35.73
C3 PGE G . 0.23 36.70 -35.87
C4 PGE G . -0.05 36.27 -37.29
O4 PGE G . 2.79 36.93 -39.97
C6 PGE G . 2.12 35.69 -40.22
C5 PGE G . 0.87 35.61 -39.35
O3 PGE G . 1.16 36.04 -38.03
C1 GOL H . 3.79 32.62 -33.63
O1 GOL H . 2.53 31.97 -33.48
C2 GOL H . 4.21 33.51 -32.48
O2 GOL H . 3.09 33.92 -31.71
C3 GOL H . 5.13 32.82 -31.51
O3 GOL H . 4.40 31.73 -30.96
C1 PGE I . 3.46 -43.19 37.19
O1 PGE I . 3.48 -44.05 38.34
C2 PGE I . 2.63 -43.87 36.13
O2 PGE I . 2.52 -43.17 34.90
C3 PGE I . 1.24 -43.37 34.23
C4 PGE I . 0.24 -42.39 34.82
O4 PGE I . -3.10 -41.59 36.80
C6 PGE I . -2.83 -41.38 35.40
C5 PGE I . -2.15 -42.58 34.72
O3 PGE I . -0.93 -42.26 34.02
C1 GOL J . -0.89 -37.10 32.86
O1 GOL J . 0.43 -37.48 33.21
C2 GOL J . -0.81 -35.63 32.96
O2 GOL J . -0.44 -35.32 34.31
C3 GOL J . 0.28 -35.14 32.05
O3 GOL J . 1.11 -34.34 32.82
C1 PGE K . -19.18 26.99 20.65
O1 PGE K . -19.04 28.21 21.41
C2 PGE K . -18.19 27.04 19.50
O2 PGE K . -17.54 25.79 19.28
C3 PGE K . -16.21 25.87 18.77
C4 PGE K . -15.30 25.10 19.69
O4 PGE K . -12.87 25.82 23.11
C6 PGE K . -13.10 26.20 21.73
C5 PGE K . -13.15 25.04 20.75
O3 PGE K . -13.91 25.43 19.57
C1 GOL L . -16.11 18.32 20.22
O1 GOL L . -15.76 17.02 20.71
C2 GOL L . -15.16 19.44 20.69
O2 GOL L . -13.75 19.32 20.44
C3 GOL L . -15.22 19.39 22.16
O3 GOL L . -14.74 18.13 22.62
#